data_4UZX
#
_entry.id   4UZX
#
_cell.length_a   1.000
_cell.length_b   1.000
_cell.length_c   1.000
_cell.angle_alpha   90.00
_cell.angle_beta   90.00
_cell.angle_gamma   90.00
#
_symmetry.space_group_name_H-M   'P 1'
#
_entity_poly.entity_id   1
_entity_poly.type   'polypeptide(L)'
_entity_poly.pdbx_seq_one_letter_code
;GSALSPEEIKAKALDLLNKKLHRANKFGQDQADIDSLQRQINRVEKFGVDLNSKLAEELGLVSRKNE
;
_entity_poly.pdbx_strand_id   A
#
# COMPACT_ATOMS: atom_id res chain seq x y z
N GLY A 1 -10.87 -11.80 -17.44
CA GLY A 1 -10.31 -10.52 -16.91
C GLY A 1 -11.14 -9.95 -15.78
N SER A 2 -11.52 -8.68 -15.90
CA SER A 2 -12.32 -8.02 -14.88
C SER A 2 -11.56 -7.93 -13.56
N ALA A 3 -11.40 -6.73 -13.05
CA ALA A 3 -10.69 -6.51 -11.79
C ALA A 3 -9.24 -6.98 -11.89
N LEU A 4 -8.51 -6.87 -10.79
CA LEU A 4 -7.12 -7.29 -10.74
C LEU A 4 -6.93 -8.47 -9.80
N SER A 5 -6.15 -9.46 -10.24
CA SER A 5 -5.89 -10.65 -9.43
C SER A 5 -5.19 -10.26 -8.13
N PRO A 6 -5.46 -10.98 -7.03
CA PRO A 6 -4.84 -10.70 -5.74
C PRO A 6 -3.33 -10.59 -5.84
N GLU A 7 -2.73 -11.48 -6.62
CA GLU A 7 -1.28 -11.48 -6.78
C GLU A 7 -0.81 -10.15 -7.35
N GLU A 8 -1.54 -9.63 -8.33
CA GLU A 8 -1.18 -8.36 -8.96
C GLU A 8 -1.44 -7.18 -8.04
N ILE A 9 -2.57 -7.19 -7.35
CA ILE A 9 -2.91 -6.10 -6.44
C ILE A 9 -1.95 -6.07 -5.27
N LYS A 10 -1.63 -7.26 -4.76
CA LYS A 10 -0.72 -7.39 -3.64
C LYS A 10 0.69 -6.93 -4.02
N ALA A 11 1.15 -7.36 -5.18
CA ALA A 11 2.47 -6.96 -5.66
C ALA A 11 2.46 -5.49 -6.00
N LYS A 12 1.39 -5.05 -6.66
CA LYS A 12 1.24 -3.67 -7.04
C LYS A 12 1.25 -2.77 -5.82
N ALA A 13 0.51 -3.18 -4.79
CA ALA A 13 0.45 -2.43 -3.56
C ALA A 13 1.82 -2.41 -2.89
N LEU A 14 2.40 -3.59 -2.76
CA LEU A 14 3.72 -3.74 -2.15
C LEU A 14 4.76 -2.93 -2.90
N ASP A 15 4.63 -2.87 -4.22
CA ASP A 15 5.57 -2.12 -5.03
C ASP A 15 5.41 -0.62 -4.77
N LEU A 16 4.16 -0.16 -4.76
CA LEU A 16 3.88 1.25 -4.52
C LEU A 16 4.29 1.64 -3.12
N LEU A 17 3.89 0.84 -2.14
CA LEU A 17 4.21 1.12 -0.76
C LEU A 17 5.71 0.99 -0.54
N ASN A 18 6.32 0.01 -1.21
CA ASN A 18 7.75 -0.19 -1.10
C ASN A 18 8.50 1.04 -1.60
N LYS A 19 8.07 1.55 -2.75
CA LYS A 19 8.71 2.71 -3.33
C LYS A 19 8.56 3.91 -2.41
N LYS A 20 7.37 4.08 -1.83
CA LYS A 20 7.13 5.17 -0.92
C LYS A 20 7.99 5.00 0.32
N LEU A 21 7.95 3.80 0.89
CA LEU A 21 8.73 3.49 2.08
C LEU A 21 10.21 3.71 1.83
N HIS A 22 10.68 3.26 0.68
CA HIS A 22 12.08 3.42 0.32
C HIS A 22 12.39 4.88 0.05
N ARG A 23 11.46 5.57 -0.62
CA ARG A 23 11.63 6.98 -0.93
C ARG A 23 11.52 7.82 0.34
N ALA A 24 10.58 7.46 1.20
CA ALA A 24 10.38 8.17 2.45
C ALA A 24 11.62 8.11 3.33
N ASN A 25 12.18 6.92 3.45
CA ASN A 25 13.38 6.71 4.26
C ASN A 25 14.61 7.35 3.63
N LYS A 26 14.65 7.33 2.31
CA LYS A 26 15.78 7.89 1.56
C LYS A 26 15.97 9.38 1.85
N PHE A 27 14.86 10.10 1.98
CA PHE A 27 14.91 11.53 2.23
C PHE A 27 14.69 11.86 3.70
N GLY A 28 14.38 10.85 4.52
CA GLY A 28 14.16 11.07 5.93
C GLY A 28 12.77 11.59 6.26
N GLN A 29 11.79 11.23 5.42
CA GLN A 29 10.42 11.66 5.64
C GLN A 29 9.98 11.39 7.07
N ASP A 30 8.77 11.82 7.43
CA ASP A 30 8.25 11.62 8.77
C ASP A 30 8.41 10.15 9.19
N GLN A 31 9.22 9.93 10.22
CA GLN A 31 9.48 8.57 10.72
C GLN A 31 8.19 7.82 11.02
N ALA A 32 7.21 8.53 11.57
CA ALA A 32 5.93 7.90 11.89
C ALA A 32 5.21 7.44 10.63
N ASP A 33 5.35 8.23 9.57
CA ASP A 33 4.72 7.91 8.30
C ASP A 33 5.40 6.71 7.66
N ILE A 34 6.72 6.62 7.85
CA ILE A 34 7.49 5.51 7.29
C ILE A 34 7.13 4.20 7.99
N ASP A 35 7.08 4.22 9.32
CA ASP A 35 6.73 3.04 10.09
C ASP A 35 5.30 2.60 9.76
N SER A 36 4.42 3.59 9.56
CA SER A 36 3.04 3.29 9.22
C SER A 36 3.00 2.55 7.88
N LEU A 37 3.84 3.00 6.96
CA LEU A 37 3.94 2.38 5.66
C LEU A 37 4.45 0.95 5.82
N GLN A 38 5.36 0.78 6.77
CA GLN A 38 5.94 -0.53 7.06
C GLN A 38 4.89 -1.50 7.58
N ARG A 39 4.07 -1.02 8.51
CA ARG A 39 3.02 -1.84 9.09
C ARG A 39 2.05 -2.30 8.01
N GLN A 40 1.72 -1.38 7.11
CA GLN A 40 0.80 -1.68 6.03
C GLN A 40 1.46 -2.64 5.04
N ILE A 41 2.72 -2.39 4.73
CA ILE A 41 3.47 -3.23 3.81
C ILE A 41 3.55 -4.66 4.34
N ASN A 42 3.97 -4.80 5.58
CA ASN A 42 4.07 -6.11 6.21
C ASN A 42 2.72 -6.81 6.22
N ARG A 43 1.65 -6.02 6.41
CA ARG A 43 0.30 -6.56 6.42
C ARG A 43 -0.05 -7.10 5.05
N VAL A 44 0.43 -6.43 4.01
CA VAL A 44 0.18 -6.86 2.64
C VAL A 44 0.88 -8.15 2.32
N GLU A 45 2.10 -8.28 2.82
CA GLU A 45 2.89 -9.48 2.58
C GLU A 45 2.23 -10.70 3.23
N LYS A 46 1.70 -10.52 4.44
CA LYS A 46 1.06 -11.63 5.15
C LYS A 46 -0.41 -11.83 4.76
N PHE A 47 -1.14 -10.74 4.60
CA PHE A 47 -2.57 -10.86 4.26
C PHE A 47 -2.96 -10.13 2.98
N GLY A 48 -2.12 -9.19 2.54
CA GLY A 48 -2.43 -8.47 1.32
C GLY A 48 -3.07 -7.12 1.57
N VAL A 49 -3.62 -6.53 0.52
CA VAL A 49 -4.26 -5.22 0.63
C VAL A 49 -5.73 -5.35 1.02
N ASP A 50 -6.14 -4.49 1.95
CA ASP A 50 -7.53 -4.49 2.42
C ASP A 50 -8.36 -3.50 1.62
N LEU A 51 -9.50 -3.96 1.12
CA LEU A 51 -10.39 -3.12 0.32
C LEU A 51 -10.80 -1.87 1.08
N ASN A 52 -10.70 -1.91 2.41
CA ASN A 52 -11.08 -0.78 3.24
C ASN A 52 -9.90 -0.31 4.09
N SER A 53 -8.77 -0.06 3.45
CA SER A 53 -7.57 0.40 4.15
C SER A 53 -7.02 1.65 3.48
N LYS A 54 -6.21 2.42 4.21
CA LYS A 54 -5.59 3.61 3.65
C LYS A 54 -4.79 3.25 2.41
N LEU A 55 -4.22 2.04 2.43
CA LEU A 55 -3.44 1.55 1.31
C LEU A 55 -4.32 1.45 0.08
N ALA A 56 -5.49 0.82 0.24
CA ALA A 56 -6.42 0.67 -0.87
C ALA A 56 -6.80 2.03 -1.44
N GLU A 57 -6.96 3.03 -0.56
CA GLU A 57 -7.30 4.37 -1.01
C GLU A 57 -6.15 4.96 -1.81
N GLU A 58 -4.94 4.82 -1.27
CA GLU A 58 -3.74 5.32 -1.94
C GLU A 58 -3.57 4.62 -3.28
N LEU A 59 -3.94 3.34 -3.32
CA LEU A 59 -3.85 2.55 -4.54
C LEU A 59 -4.97 2.92 -5.51
N GLY A 60 -6.00 3.60 -5.00
CA GLY A 60 -7.11 4.01 -5.83
C GLY A 60 -8.09 2.88 -6.08
N LEU A 61 -8.31 2.05 -5.07
CA LEU A 61 -9.24 0.94 -5.19
C LEU A 61 -10.62 1.31 -4.68
N VAL A 62 -10.67 2.17 -3.66
CA VAL A 62 -11.93 2.60 -3.08
C VAL A 62 -11.86 4.05 -2.63
N SER A 63 -13.00 4.60 -2.21
CA SER A 63 -13.07 5.98 -1.75
C SER A 63 -12.45 6.13 -0.37
N ARG A 64 -11.69 7.20 -0.18
CA ARG A 64 -11.03 7.45 1.10
C ARG A 64 -12.02 8.03 2.11
N LYS A 65 -12.46 9.26 1.86
CA LYS A 65 -13.42 9.93 2.73
C LYS A 65 -14.20 10.99 1.99
N ASN A 66 -15.52 10.98 2.14
CA ASN A 66 -16.39 11.94 1.47
C ASN A 66 -17.50 12.40 2.40
N GLU A 67 -18.05 13.57 2.12
CA GLU A 67 -19.14 14.13 2.93
C GLU A 67 -20.48 13.61 2.45
N GLY A 1 -6.04 0.47 -13.77
CA GLY A 1 -6.74 -0.07 -14.96
C GLY A 1 -8.10 -0.62 -14.63
N SER A 2 -8.25 -1.94 -14.73
CA SER A 2 -9.52 -2.59 -14.44
C SER A 2 -9.40 -4.11 -14.55
N ALA A 3 -10.09 -4.83 -13.67
CA ALA A 3 -10.05 -6.28 -13.68
C ALA A 3 -8.64 -6.81 -13.43
N LEU A 4 -8.17 -6.66 -12.19
CA LEU A 4 -6.85 -7.12 -11.82
C LEU A 4 -6.92 -8.30 -10.87
N SER A 5 -5.86 -9.09 -10.84
CA SER A 5 -5.79 -10.26 -9.96
C SER A 5 -5.26 -9.84 -8.59
N PRO A 6 -5.62 -10.57 -7.53
CA PRO A 6 -5.16 -10.25 -6.17
C PRO A 6 -3.65 -10.14 -6.10
N GLU A 7 -2.95 -11.06 -6.76
CA GLU A 7 -1.50 -11.07 -6.77
C GLU A 7 -0.94 -9.78 -7.35
N GLU A 8 -1.61 -9.24 -8.37
CA GLU A 8 -1.16 -8.00 -9.01
C GLU A 8 -1.43 -6.79 -8.12
N ILE A 9 -2.61 -6.74 -7.54
CA ILE A 9 -2.98 -5.63 -6.67
C ILE A 9 -2.12 -5.65 -5.40
N LYS A 10 -1.90 -6.84 -4.86
CA LYS A 10 -1.09 -6.98 -3.66
C LYS A 10 0.37 -6.64 -3.94
N ALA A 11 0.87 -7.14 -5.07
CA ALA A 11 2.25 -6.88 -5.45
C ALA A 11 2.44 -5.42 -5.83
N LYS A 12 1.45 -4.85 -6.51
CA LYS A 12 1.52 -3.46 -6.92
C LYS A 12 1.56 -2.56 -5.70
N ALA A 13 0.73 -2.86 -4.71
CA ALA A 13 0.71 -2.07 -3.49
C ALA A 13 2.04 -2.20 -2.77
N LEU A 14 2.46 -3.44 -2.58
CA LEU A 14 3.72 -3.73 -1.90
C LEU A 14 4.90 -3.10 -2.62
N ASP A 15 4.84 -3.11 -3.95
CA ASP A 15 5.91 -2.53 -4.76
C ASP A 15 5.94 -1.02 -4.62
N LEU A 16 4.77 -0.38 -4.75
CA LEU A 16 4.70 1.07 -4.65
C LEU A 16 4.91 1.53 -3.21
N LEU A 17 4.49 0.71 -2.26
CA LEU A 17 4.67 1.04 -0.86
C LEU A 17 6.12 0.82 -0.46
N ASN A 18 6.71 -0.25 -0.96
CA ASN A 18 8.10 -0.55 -0.66
C ASN A 18 9.00 0.54 -1.21
N LYS A 19 8.76 0.95 -2.44
CA LYS A 19 9.55 2.00 -3.07
C LYS A 19 9.36 3.33 -2.35
N LYS A 20 8.10 3.62 -1.99
CA LYS A 20 7.80 4.85 -1.27
C LYS A 20 8.40 4.81 0.12
N LEU A 21 8.41 3.64 0.73
CA LEU A 21 8.98 3.46 2.05
C LEU A 21 10.49 3.65 1.97
N HIS A 22 11.08 3.08 0.93
CA HIS A 22 12.51 3.19 0.71
C HIS A 22 12.89 4.62 0.33
N ARG A 23 12.04 5.25 -0.45
CA ARG A 23 12.28 6.63 -0.87
C ARG A 23 12.07 7.57 0.31
N ALA A 24 11.02 7.32 1.07
CA ALA A 24 10.71 8.14 2.24
C ALA A 24 11.79 8.04 3.30
N ASN A 25 12.22 6.81 3.60
CA ASN A 25 13.25 6.61 4.61
C ASN A 25 14.62 7.10 4.15
N LYS A 26 14.85 7.07 2.84
CA LYS A 26 16.13 7.51 2.30
C LYS A 26 16.20 9.03 2.21
N PHE A 27 15.05 9.67 1.99
CA PHE A 27 14.99 11.12 1.89
C PHE A 27 14.84 11.77 3.26
N GLY A 28 14.69 10.95 4.31
CA GLY A 28 14.56 11.48 5.65
C GLY A 28 13.12 11.83 6.02
N GLN A 29 12.16 11.38 5.22
CA GLN A 29 10.75 11.65 5.48
C GLN A 29 10.41 11.42 6.95
N ASP A 30 9.21 11.85 7.35
CA ASP A 30 8.78 11.69 8.75
C ASP A 30 8.81 10.22 9.16
N GLN A 31 9.53 9.93 10.24
CA GLN A 31 9.66 8.58 10.75
C GLN A 31 8.30 7.94 10.97
N ALA A 32 7.34 8.72 11.44
CA ALA A 32 6.00 8.22 11.68
C ALA A 32 5.37 7.74 10.38
N ASP A 33 5.66 8.45 9.29
CA ASP A 33 5.14 8.09 7.99
C ASP A 33 5.82 6.82 7.49
N ILE A 34 7.09 6.66 7.84
CA ILE A 34 7.84 5.48 7.42
C ILE A 34 7.29 4.23 8.10
N ASP A 35 7.07 4.31 9.41
CA ASP A 35 6.53 3.20 10.17
C ASP A 35 5.12 2.87 9.71
N SER A 36 4.34 3.90 9.39
CA SER A 36 2.98 3.70 8.91
C SER A 36 3.02 2.94 7.60
N LEU A 37 3.92 3.35 6.73
CA LEU A 37 4.10 2.69 5.45
C LEU A 37 4.59 1.28 5.69
N GLN A 38 5.42 1.12 6.72
CA GLN A 38 5.97 -0.17 7.08
C GLN A 38 4.89 -1.13 7.54
N ARG A 39 4.02 -0.65 8.42
CA ARG A 39 2.94 -1.48 8.93
C ARG A 39 2.01 -1.89 7.80
N GLN A 40 1.83 -0.97 6.85
CA GLN A 40 0.98 -1.24 5.70
C GLN A 40 1.61 -2.32 4.82
N ILE A 41 2.91 -2.19 4.59
CA ILE A 41 3.63 -3.16 3.78
C ILE A 41 3.56 -4.54 4.41
N ASN A 42 3.88 -4.62 5.69
CA ASN A 42 3.84 -5.88 6.41
C ASN A 42 2.46 -6.53 6.30
N ARG A 43 1.43 -5.71 6.41
CA ARG A 43 0.07 -6.21 6.32
C ARG A 43 -0.20 -6.79 4.94
N VAL A 44 0.30 -6.12 3.91
CA VAL A 44 0.10 -6.57 2.54
C VAL A 44 0.88 -7.84 2.23
N GLU A 45 2.09 -7.93 2.74
CA GLU A 45 2.92 -9.11 2.48
C GLU A 45 2.29 -10.35 3.12
N LYS A 46 1.75 -10.21 4.32
CA LYS A 46 1.15 -11.33 5.01
C LYS A 46 -0.31 -11.56 4.62
N PHE A 47 -1.08 -10.48 4.49
CA PHE A 47 -2.49 -10.61 4.16
C PHE A 47 -2.88 -9.90 2.86
N GLY A 48 -2.05 -8.96 2.43
CA GLY A 48 -2.35 -8.23 1.21
C GLY A 48 -3.07 -6.92 1.47
N VAL A 49 -3.56 -6.30 0.41
CA VAL A 49 -4.27 -5.04 0.54
C VAL A 49 -5.72 -5.27 0.96
N ASP A 50 -6.17 -4.50 1.95
CA ASP A 50 -7.53 -4.62 2.44
C ASP A 50 -8.48 -3.70 1.68
N LEU A 51 -9.52 -4.30 1.08
CA LEU A 51 -10.49 -3.53 0.31
C LEU A 51 -11.12 -2.43 1.16
N ASN A 52 -11.05 -2.58 2.48
CA ASN A 52 -11.63 -1.58 3.39
C ASN A 52 -10.54 -0.96 4.27
N SER A 53 -9.45 -0.53 3.64
CA SER A 53 -8.35 0.08 4.37
C SER A 53 -7.97 1.42 3.73
N LYS A 54 -7.29 2.27 4.48
CA LYS A 54 -6.87 3.57 3.98
C LYS A 54 -5.90 3.42 2.82
N LEU A 55 -5.03 2.41 2.91
CA LEU A 55 -4.05 2.15 1.88
C LEU A 55 -4.70 1.75 0.56
N ALA A 56 -5.63 0.79 0.62
CA ALA A 56 -6.32 0.33 -0.58
C ALA A 56 -7.15 1.45 -1.22
N GLU A 57 -7.80 2.26 -0.39
CA GLU A 57 -8.59 3.36 -0.91
C GLU A 57 -7.67 4.38 -1.56
N GLU A 58 -6.52 4.60 -0.94
CA GLU A 58 -5.53 5.52 -1.48
C GLU A 58 -5.06 5.01 -2.84
N LEU A 59 -5.01 3.69 -2.96
CA LEU A 59 -4.61 3.03 -4.19
C LEU A 59 -5.79 2.88 -5.15
N GLY A 60 -7.01 3.03 -4.63
CA GLY A 60 -8.18 2.91 -5.46
C GLY A 60 -8.45 1.48 -5.89
N LEU A 61 -8.19 0.53 -4.99
CA LEU A 61 -8.41 -0.88 -5.27
C LEU A 61 -9.77 -1.34 -4.76
N VAL A 62 -10.33 -0.59 -3.82
CA VAL A 62 -11.64 -0.93 -3.24
C VAL A 62 -12.62 -1.44 -4.30
N SER A 63 -13.26 -2.57 -4.00
CA SER A 63 -14.22 -3.16 -4.92
C SER A 63 -15.49 -2.32 -5.00
N ARG A 64 -15.96 -2.08 -6.22
CA ARG A 64 -17.17 -1.30 -6.43
C ARG A 64 -18.07 -1.96 -7.47
N LYS A 65 -19.34 -1.59 -7.46
CA LYS A 65 -20.31 -2.15 -8.41
C LYS A 65 -19.95 -1.73 -9.83
N ASN A 66 -19.48 -2.70 -10.61
CA ASN A 66 -19.09 -2.44 -12.00
C ASN A 66 -19.98 -3.23 -12.96
N GLU A 67 -20.04 -2.77 -14.21
CA GLU A 67 -20.87 -3.43 -15.22
C GLU A 67 -19.99 -4.22 -16.20
N GLY A 1 -11.70 -10.53 -14.69
CA GLY A 1 -12.53 -9.84 -15.72
C GLY A 1 -12.38 -8.33 -15.66
N SER A 2 -13.28 -7.67 -14.95
CA SER A 2 -13.24 -6.22 -14.81
C SER A 2 -12.56 -5.80 -13.51
N ALA A 3 -11.37 -6.33 -13.28
CA ALA A 3 -10.60 -6.02 -12.08
C ALA A 3 -9.20 -6.61 -12.13
N LEU A 4 -8.54 -6.67 -10.99
CA LEU A 4 -7.18 -7.21 -10.91
C LEU A 4 -7.12 -8.37 -9.92
N SER A 5 -6.31 -9.38 -10.26
CA SER A 5 -6.16 -10.54 -9.39
C SER A 5 -5.44 -10.15 -8.10
N PRO A 6 -5.76 -10.82 -6.99
CA PRO A 6 -5.15 -10.54 -5.70
C PRO A 6 -3.62 -10.51 -5.79
N GLU A 7 -3.07 -11.45 -6.54
CA GLU A 7 -1.63 -11.54 -6.70
C GLU A 7 -1.06 -10.26 -7.30
N GLU A 8 -1.72 -9.74 -8.33
CA GLU A 8 -1.27 -8.52 -8.99
C GLU A 8 -1.47 -7.30 -8.10
N ILE A 9 -2.56 -7.27 -7.35
CA ILE A 9 -2.85 -6.16 -6.46
C ILE A 9 -1.84 -6.11 -5.31
N LYS A 10 -1.56 -7.28 -4.73
CA LYS A 10 -0.62 -7.38 -3.63
C LYS A 10 0.78 -7.02 -4.10
N ALA A 11 1.15 -7.53 -5.28
CA ALA A 11 2.46 -7.24 -5.84
C ALA A 11 2.54 -5.77 -6.20
N LYS A 12 1.52 -5.28 -6.88
CA LYS A 12 1.48 -3.88 -7.29
C LYS A 12 1.60 -2.99 -6.06
N ALA A 13 0.84 -3.31 -5.02
CA ALA A 13 0.89 -2.56 -3.79
C ALA A 13 2.26 -2.68 -3.16
N LEU A 14 2.76 -3.90 -3.12
CA LEU A 14 4.07 -4.19 -2.54
C LEU A 14 5.17 -3.41 -3.26
N ASP A 15 5.04 -3.32 -4.58
CA ASP A 15 6.05 -2.61 -5.36
C ASP A 15 5.98 -1.10 -5.12
N LEU A 16 4.77 -0.55 -5.18
CA LEU A 16 4.61 0.88 -4.96
C LEU A 16 4.84 1.23 -3.51
N LEU A 17 4.52 0.31 -2.62
CA LEU A 17 4.69 0.52 -1.20
C LEU A 17 6.15 0.43 -0.84
N ASN A 18 6.84 -0.56 -1.40
CA ASN A 18 8.26 -0.74 -1.13
C ASN A 18 9.03 0.48 -1.60
N LYS A 19 8.71 0.96 -2.80
CA LYS A 19 9.38 2.12 -3.36
C LYS A 19 9.09 3.36 -2.52
N LYS A 20 7.84 3.51 -2.09
CA LYS A 20 7.44 4.65 -1.28
C LYS A 20 8.06 4.57 0.10
N LEU A 21 8.15 3.36 0.64
CA LEU A 21 8.75 3.14 1.94
C LEU A 21 10.24 3.41 1.88
N HIS A 22 10.86 2.90 0.83
CA HIS A 22 12.29 3.08 0.61
C HIS A 22 12.58 4.54 0.28
N ARG A 23 11.68 5.15 -0.50
CA ARG A 23 11.84 6.54 -0.88
C ARG A 23 11.66 7.45 0.34
N ALA A 24 10.63 7.17 1.13
CA ALA A 24 10.36 7.95 2.32
C ALA A 24 11.54 7.89 3.30
N ASN A 25 12.04 6.67 3.52
CA ASN A 25 13.16 6.46 4.43
C ASN A 25 14.46 7.03 3.85
N LYS A 26 14.57 7.00 2.53
CA LYS A 26 15.78 7.49 1.86
C LYS A 26 15.99 8.99 2.07
N PHE A 27 14.91 9.75 2.07
CA PHE A 27 15.00 11.20 2.24
C PHE A 27 14.72 11.63 3.68
N GLY A 28 14.40 10.67 4.55
CA GLY A 28 14.15 11.00 5.94
C GLY A 28 12.72 11.47 6.20
N GLN A 29 11.79 11.04 5.35
CA GLN A 29 10.38 11.44 5.49
C GLN A 29 9.94 11.32 6.95
N ASP A 30 8.78 11.89 7.27
CA ASP A 30 8.26 11.83 8.63
C ASP A 30 8.24 10.40 9.13
N GLN A 31 8.96 10.13 10.23
CA GLN A 31 9.04 8.80 10.80
C GLN A 31 7.66 8.21 11.05
N ALA A 32 6.73 9.03 11.53
CA ALA A 32 5.39 8.57 11.82
C ALA A 32 4.74 8.04 10.54
N ASP A 33 5.04 8.70 9.43
CA ASP A 33 4.48 8.29 8.14
C ASP A 33 5.14 7.01 7.68
N ILE A 34 6.43 6.84 8.02
CA ILE A 34 7.16 5.65 7.63
C ILE A 34 6.66 4.44 8.41
N ASP A 35 6.51 4.59 9.73
CA ASP A 35 6.04 3.49 10.56
C ASP A 35 4.66 3.03 10.10
N SER A 36 3.79 4.00 9.80
CA SER A 36 2.46 3.67 9.33
C SER A 36 2.59 2.90 8.03
N LEU A 37 3.52 3.36 7.19
CA LEU A 37 3.80 2.70 5.93
C LEU A 37 4.26 1.28 6.20
N GLN A 38 5.11 1.11 7.19
CA GLN A 38 5.61 -0.22 7.54
C GLN A 38 4.46 -1.14 7.88
N ARG A 39 3.49 -0.62 8.61
CA ARG A 39 2.32 -1.40 8.99
C ARG A 39 1.58 -1.87 7.75
N GLN A 40 1.41 -0.97 6.79
CA GLN A 40 0.71 -1.32 5.56
C GLN A 40 1.57 -2.24 4.68
N ILE A 41 2.87 -1.98 4.61
CA ILE A 41 3.76 -2.82 3.80
C ILE A 41 3.72 -4.26 4.30
N ASN A 42 3.91 -4.43 5.61
CA ASN A 42 3.90 -5.74 6.22
C ASN A 42 2.54 -6.41 6.06
N ARG A 43 1.49 -5.61 6.14
CA ARG A 43 0.13 -6.13 6.00
C ARG A 43 -0.11 -6.64 4.58
N VAL A 44 0.38 -5.90 3.60
CA VAL A 44 0.22 -6.27 2.20
C VAL A 44 1.04 -7.50 1.85
N GLU A 45 2.25 -7.56 2.34
CA GLU A 45 3.12 -8.69 2.05
C GLU A 45 2.53 -9.98 2.63
N LYS A 46 1.99 -9.90 3.84
CA LYS A 46 1.43 -11.07 4.50
C LYS A 46 -0.01 -11.37 4.07
N PHE A 47 -0.83 -10.33 3.93
CA PHE A 47 -2.23 -10.54 3.56
C PHE A 47 -2.63 -9.79 2.30
N GLY A 48 -1.86 -8.78 1.91
CA GLY A 48 -2.18 -8.03 0.71
C GLY A 48 -2.92 -6.74 0.99
N VAL A 49 -3.48 -6.14 -0.05
CA VAL A 49 -4.22 -4.89 0.09
C VAL A 49 -5.63 -5.13 0.60
N ASP A 50 -6.00 -4.43 1.66
CA ASP A 50 -7.33 -4.56 2.24
C ASP A 50 -8.30 -3.57 1.59
N LEU A 51 -9.45 -4.07 1.18
CA LEU A 51 -10.46 -3.24 0.52
C LEU A 51 -10.85 -2.05 1.39
N ASN A 52 -10.69 -2.19 2.70
CA ASN A 52 -11.03 -1.11 3.63
C ASN A 52 -9.83 -0.70 4.48
N SER A 53 -8.72 -0.38 3.83
CA SER A 53 -7.51 0.05 4.52
C SER A 53 -7.00 1.36 3.94
N LYS A 54 -6.18 2.09 4.70
CA LYS A 54 -5.62 3.34 4.23
C LYS A 54 -4.77 3.10 2.99
N LEU A 55 -4.12 1.94 2.95
CA LEU A 55 -3.29 1.57 1.82
C LEU A 55 -4.12 1.48 0.54
N ALA A 56 -5.22 0.74 0.61
CA ALA A 56 -6.10 0.59 -0.53
C ALA A 56 -6.63 1.93 -1.00
N GLU A 57 -6.94 2.82 -0.06
CA GLU A 57 -7.42 4.15 -0.42
C GLU A 57 -6.35 4.88 -1.21
N GLU A 58 -5.11 4.71 -0.78
CA GLU A 58 -3.98 5.33 -1.46
C GLU A 58 -3.83 4.74 -2.85
N LEU A 59 -4.21 3.47 -2.98
CA LEU A 59 -4.14 2.77 -4.26
C LEU A 59 -5.39 3.06 -5.11
N GLY A 60 -6.43 3.60 -4.46
CA GLY A 60 -7.65 3.93 -5.16
C GLY A 60 -8.68 2.81 -5.16
N LEU A 61 -8.49 1.84 -4.27
CA LEU A 61 -9.41 0.71 -4.17
C LEU A 61 -10.63 1.08 -3.33
N VAL A 62 -10.46 2.03 -2.43
CA VAL A 62 -11.55 2.47 -1.56
C VAL A 62 -12.09 3.83 -1.99
N SER A 63 -11.26 4.85 -1.81
CA SER A 63 -11.64 6.21 -2.17
C SER A 63 -11.21 6.55 -3.60
N ARG A 64 -11.97 7.43 -4.25
CA ARG A 64 -11.67 7.84 -5.61
C ARG A 64 -10.62 8.95 -5.64
N LYS A 65 -9.48 8.69 -5.01
CA LYS A 65 -8.39 9.67 -4.96
C LYS A 65 -8.79 10.90 -4.17
N ASN A 66 -9.66 11.72 -4.74
CA ASN A 66 -10.12 12.94 -4.08
C ASN A 66 -11.64 13.05 -4.14
N GLU A 67 -12.20 12.75 -5.30
CA GLU A 67 -13.65 12.81 -5.49
C GLU A 67 -14.11 11.75 -6.49
N GLY A 1 -15.23 -7.45 -14.07
CA GLY A 1 -14.84 -6.63 -15.25
C GLY A 1 -13.45 -6.04 -15.11
N SER A 2 -13.37 -4.72 -15.15
CA SER A 2 -12.09 -4.03 -15.02
C SER A 2 -11.60 -4.04 -13.56
N ALA A 3 -10.56 -4.82 -13.30
CA ALA A 3 -10.01 -4.92 -11.96
C ALA A 3 -8.66 -5.64 -11.97
N LEU A 4 -8.08 -5.83 -10.79
CA LEU A 4 -6.80 -6.51 -10.68
C LEU A 4 -6.88 -7.70 -9.73
N SER A 5 -6.13 -8.76 -10.04
CA SER A 5 -6.13 -9.95 -9.21
C SER A 5 -5.38 -9.69 -7.91
N PRO A 6 -5.64 -10.51 -6.87
CA PRO A 6 -4.98 -10.34 -5.57
C PRO A 6 -3.46 -10.38 -5.70
N GLU A 7 -2.95 -11.30 -6.51
CA GLU A 7 -1.52 -11.43 -6.71
C GLU A 7 -0.93 -10.13 -7.24
N GLU A 8 -1.58 -9.54 -8.23
CA GLU A 8 -1.12 -8.30 -8.81
C GLU A 8 -1.38 -7.11 -7.89
N ILE A 9 -2.49 -7.16 -7.16
CA ILE A 9 -2.84 -6.08 -6.24
C ILE A 9 -1.86 -6.04 -5.06
N LYS A 10 -1.57 -7.20 -4.50
CA LYS A 10 -0.65 -7.28 -3.38
C LYS A 10 0.76 -6.90 -3.82
N ALA A 11 1.15 -7.37 -5.00
CA ALA A 11 2.48 -7.05 -5.53
C ALA A 11 2.56 -5.58 -5.90
N LYS A 12 1.54 -5.09 -6.60
CA LYS A 12 1.51 -3.69 -7.00
C LYS A 12 1.49 -2.81 -5.77
N ALA A 13 0.73 -3.24 -4.76
CA ALA A 13 0.67 -2.50 -3.51
C ALA A 13 2.04 -2.53 -2.86
N LEU A 14 2.61 -3.72 -2.81
CA LEU A 14 3.93 -3.94 -2.23
C LEU A 14 4.99 -3.08 -2.93
N ASP A 15 4.89 -2.99 -4.24
CA ASP A 15 5.84 -2.20 -5.00
C ASP A 15 5.65 -0.71 -4.72
N LEU A 16 4.40 -0.27 -4.75
CA LEU A 16 4.07 1.13 -4.50
C LEU A 16 4.36 1.51 -3.05
N LEU A 17 4.11 0.61 -2.12
CA LEU A 17 4.38 0.86 -0.72
C LEU A 17 5.87 0.78 -0.46
N ASN A 18 6.52 -0.20 -1.09
CA ASN A 18 7.95 -0.37 -0.92
C ASN A 18 8.69 0.82 -1.49
N LYS A 19 8.29 1.27 -2.68
CA LYS A 19 8.95 2.41 -3.30
C LYS A 19 8.74 3.66 -2.46
N LYS A 20 7.52 3.85 -1.99
CA LYS A 20 7.22 5.01 -1.15
C LYS A 20 8.01 4.91 0.13
N LEU A 21 7.98 3.73 0.75
CA LEU A 21 8.69 3.49 2.00
C LEU A 21 10.19 3.67 1.79
N HIS A 22 10.68 3.14 0.68
CA HIS A 22 12.10 3.24 0.36
C HIS A 22 12.47 4.69 0.05
N ARG A 23 11.63 5.37 -0.71
CA ARG A 23 11.87 6.76 -1.05
C ARG A 23 11.66 7.66 0.16
N ALA A 24 10.66 7.36 0.95
CA ALA A 24 10.34 8.14 2.14
C ALA A 24 11.48 8.10 3.16
N ASN A 25 11.99 6.92 3.44
CA ASN A 25 13.08 6.76 4.39
C ASN A 25 14.39 7.33 3.86
N LYS A 26 14.54 7.31 2.55
CA LYS A 26 15.75 7.80 1.91
C LYS A 26 15.86 9.32 1.94
N PHE A 27 14.72 10.00 1.82
CA PHE A 27 14.70 11.46 1.81
C PHE A 27 14.41 12.05 3.19
N GLY A 28 14.23 11.19 4.19
CA GLY A 28 13.98 11.67 5.54
C GLY A 28 12.52 11.94 5.81
N GLN A 29 11.64 11.18 5.17
CA GLN A 29 10.20 11.33 5.36
C GLN A 29 9.85 11.16 6.84
N ASP A 30 8.67 11.66 7.23
CA ASP A 30 8.23 11.55 8.62
C ASP A 30 8.35 10.11 9.12
N GLN A 31 9.05 9.91 10.22
CA GLN A 31 9.24 8.58 10.78
C GLN A 31 7.90 7.87 10.99
N ALA A 32 6.90 8.62 11.44
CA ALA A 32 5.58 8.05 11.67
C ALA A 32 5.00 7.56 10.36
N ASP A 33 5.27 8.30 9.29
CA ASP A 33 4.78 7.93 7.97
C ASP A 33 5.47 6.66 7.48
N ILE A 34 6.73 6.48 7.86
CA ILE A 34 7.49 5.31 7.46
C ILE A 34 6.94 4.06 8.14
N ASP A 35 6.72 4.14 9.44
CA ASP A 35 6.19 3.01 10.20
C ASP A 35 4.79 2.64 9.73
N SER A 36 3.98 3.64 9.40
CA SER A 36 2.64 3.40 8.92
C SER A 36 2.70 2.66 7.59
N LEU A 37 3.59 3.12 6.73
CA LEU A 37 3.79 2.50 5.43
C LEU A 37 4.35 1.10 5.65
N GLN A 38 5.19 0.97 6.66
CA GLN A 38 5.81 -0.30 7.01
C GLN A 38 4.77 -1.31 7.45
N ARG A 39 3.88 -0.88 8.34
CA ARG A 39 2.84 -1.76 8.85
C ARG A 39 1.93 -2.22 7.71
N GLN A 40 1.68 -1.32 6.77
CA GLN A 40 0.84 -1.64 5.62
C GLN A 40 1.53 -2.65 4.72
N ILE A 41 2.83 -2.45 4.51
CA ILE A 41 3.60 -3.36 3.66
C ILE A 41 3.61 -4.77 4.23
N ASN A 42 3.91 -4.89 5.51
CA ASN A 42 3.95 -6.19 6.17
C ASN A 42 2.57 -6.85 6.13
N ARG A 43 1.53 -6.04 6.30
CA ARG A 43 0.16 -6.54 6.28
C ARG A 43 -0.16 -7.14 4.91
N VAL A 44 0.29 -6.49 3.86
CA VAL A 44 0.05 -6.97 2.51
C VAL A 44 0.82 -8.24 2.23
N GLU A 45 2.02 -8.31 2.78
CA GLU A 45 2.86 -9.49 2.58
C GLU A 45 2.22 -10.73 3.17
N LYS A 46 1.68 -10.60 4.37
CA LYS A 46 1.05 -11.74 5.04
C LYS A 46 -0.42 -11.93 4.66
N PHE A 47 -1.18 -10.84 4.54
CA PHE A 47 -2.61 -10.95 4.21
C PHE A 47 -2.99 -10.25 2.92
N GLY A 48 -2.16 -9.33 2.46
CA GLY A 48 -2.47 -8.62 1.22
C GLY A 48 -3.09 -7.26 1.47
N VAL A 49 -3.54 -6.61 0.41
CA VAL A 49 -4.15 -5.28 0.53
C VAL A 49 -5.61 -5.39 0.97
N ASP A 50 -5.98 -4.57 1.95
CA ASP A 50 -7.35 -4.57 2.46
C ASP A 50 -8.21 -3.60 1.66
N LEU A 51 -9.31 -4.11 1.12
CA LEU A 51 -10.22 -3.29 0.32
C LEU A 51 -10.72 -2.09 1.11
N ASN A 52 -10.60 -2.13 2.42
CA ASN A 52 -11.05 -1.03 3.28
C ASN A 52 -9.90 -0.53 4.16
N SER A 53 -8.78 -0.20 3.54
CA SER A 53 -7.61 0.31 4.26
C SER A 53 -7.12 1.61 3.63
N LYS A 54 -6.37 2.40 4.39
CA LYS A 54 -5.82 3.64 3.88
C LYS A 54 -4.89 3.37 2.70
N LEU A 55 -4.23 2.22 2.73
CA LEU A 55 -3.32 1.82 1.68
C LEU A 55 -4.08 1.64 0.37
N ALA A 56 -5.15 0.86 0.41
CA ALA A 56 -5.95 0.62 -0.78
C ALA A 56 -6.54 1.92 -1.31
N GLU A 57 -6.91 2.82 -0.41
CA GLU A 57 -7.46 4.11 -0.81
C GLU A 57 -6.39 4.91 -1.52
N GLU A 58 -5.21 4.95 -0.92
CA GLU A 58 -4.08 5.67 -1.48
C GLU A 58 -3.72 5.08 -2.84
N LEU A 59 -3.85 3.75 -2.94
CA LEU A 59 -3.55 3.05 -4.19
C LEU A 59 -4.67 3.26 -5.21
N GLY A 60 -5.83 3.71 -4.73
CA GLY A 60 -6.96 3.96 -5.61
C GLY A 60 -7.79 2.73 -5.90
N LEU A 61 -7.95 1.86 -4.91
CA LEU A 61 -8.73 0.64 -5.07
C LEU A 61 -10.16 0.84 -4.58
N VAL A 62 -10.30 1.59 -3.49
CA VAL A 62 -11.61 1.85 -2.90
C VAL A 62 -12.14 3.21 -3.30
N SER A 63 -13.41 3.46 -2.95
CA SER A 63 -14.05 4.73 -3.26
C SER A 63 -14.58 5.39 -1.98
N ARG A 64 -14.63 6.72 -1.98
CA ARG A 64 -15.10 7.48 -0.83
C ARG A 64 -14.45 6.99 0.46
N LYS A 65 -14.94 7.50 1.59
CA LYS A 65 -14.39 7.12 2.88
C LYS A 65 -15.03 5.84 3.39
N ASN A 66 -14.30 5.12 4.24
CA ASN A 66 -14.79 3.86 4.80
C ASN A 66 -15.79 4.12 5.92
N GLU A 67 -15.34 4.84 6.95
CA GLU A 67 -16.19 5.16 8.08
C GLU A 67 -17.22 6.23 7.71
N GLY A 1 -6.90 -5.84 -18.11
CA GLY A 1 -8.06 -6.57 -18.69
C GLY A 1 -9.22 -6.68 -17.72
N SER A 2 -9.66 -5.54 -17.20
CA SER A 2 -10.77 -5.52 -16.26
C SER A 2 -10.43 -6.29 -14.99
N ALA A 3 -10.40 -5.59 -13.86
CA ALA A 3 -10.09 -6.21 -12.58
C ALA A 3 -8.68 -6.78 -12.58
N LEU A 4 -8.06 -6.84 -11.39
CA LEU A 4 -6.70 -7.36 -11.25
C LEU A 4 -6.68 -8.49 -10.24
N SER A 5 -5.82 -9.48 -10.48
CA SER A 5 -5.69 -10.62 -9.57
C SER A 5 -5.05 -10.18 -8.26
N PRO A 6 -5.43 -10.83 -7.14
CA PRO A 6 -4.89 -10.50 -5.82
C PRO A 6 -3.37 -10.42 -5.83
N GLU A 7 -2.74 -11.35 -6.52
CA GLU A 7 -1.28 -11.38 -6.59
C GLU A 7 -0.73 -10.09 -7.20
N GLU A 8 -1.40 -9.59 -8.22
CA GLU A 8 -0.98 -8.37 -8.88
C GLU A 8 -1.26 -7.12 -8.05
N ILE A 9 -2.43 -7.09 -7.42
CA ILE A 9 -2.80 -5.94 -6.59
C ILE A 9 -1.93 -5.88 -5.35
N LYS A 10 -1.74 -7.03 -4.72
CA LYS A 10 -0.92 -7.12 -3.53
C LYS A 10 0.53 -6.83 -3.84
N ALA A 11 1.02 -7.36 -4.96
CA ALA A 11 2.39 -7.11 -5.38
C ALA A 11 2.55 -5.67 -5.80
N LYS A 12 1.58 -5.16 -6.54
CA LYS A 12 1.59 -3.78 -7.01
C LYS A 12 1.63 -2.84 -5.81
N ALA A 13 0.80 -3.13 -4.81
CA ALA A 13 0.75 -2.32 -3.62
C ALA A 13 2.08 -2.40 -2.88
N LEU A 14 2.55 -3.62 -2.67
CA LEU A 14 3.81 -3.86 -1.99
C LEU A 14 4.97 -3.18 -2.71
N ASP A 15 4.90 -3.16 -4.03
CA ASP A 15 5.95 -2.54 -4.83
C ASP A 15 5.92 -1.02 -4.67
N LEU A 16 4.73 -0.44 -4.79
CA LEU A 16 4.59 1.00 -4.66
C LEU A 16 4.79 1.44 -3.22
N LEU A 17 4.42 0.57 -2.28
CA LEU A 17 4.58 0.87 -0.87
C LEU A 17 6.04 0.72 -0.47
N ASN A 18 6.69 -0.31 -1.01
CA ASN A 18 8.09 -0.54 -0.70
C ASN A 18 8.95 0.59 -1.25
N LYS A 19 8.67 0.98 -2.49
CA LYS A 19 9.43 2.06 -3.11
C LYS A 19 9.17 3.38 -2.38
N LYS A 20 7.91 3.62 -2.03
CA LYS A 20 7.54 4.83 -1.31
C LYS A 20 8.14 4.81 0.09
N LEU A 21 8.16 3.63 0.70
CA LEU A 21 8.71 3.46 2.03
C LEU A 21 10.21 3.65 2.00
N HIS A 22 10.85 3.06 0.99
CA HIS A 22 12.28 3.16 0.81
C HIS A 22 12.66 4.58 0.43
N ARG A 23 11.82 5.19 -0.41
CA ARG A 23 12.05 6.57 -0.85
C ARG A 23 11.80 7.53 0.30
N ALA A 24 10.72 7.29 1.04
CA ALA A 24 10.37 8.13 2.17
C ALA A 24 11.46 8.07 3.25
N ASN A 25 12.09 6.91 3.37
CA ASN A 25 13.14 6.71 4.37
C ASN A 25 14.41 7.48 4.02
N LYS A 26 14.81 7.41 2.76
CA LYS A 26 16.02 8.09 2.30
C LYS A 26 15.79 9.59 2.12
N PHE A 27 14.56 9.98 1.82
CA PHE A 27 14.24 11.38 1.62
C PHE A 27 13.97 12.10 2.95
N GLY A 28 14.01 11.35 4.05
CA GLY A 28 13.78 11.93 5.35
C GLY A 28 12.33 12.25 5.62
N GLN A 29 11.44 11.37 5.16
CA GLN A 29 10.00 11.58 5.37
C GLN A 29 9.64 11.37 6.83
N ASP A 30 8.44 11.80 7.21
CA ASP A 30 7.97 11.66 8.59
C ASP A 30 8.11 10.21 9.06
N GLN A 31 8.81 10.02 10.17
CA GLN A 31 9.02 8.69 10.73
C GLN A 31 7.71 7.93 10.90
N ALA A 32 6.68 8.64 11.36
CA ALA A 32 5.37 8.03 11.57
C ALA A 32 4.80 7.53 10.25
N ASP A 33 5.05 8.28 9.19
CA ASP A 33 4.59 7.91 7.86
C ASP A 33 5.33 6.69 7.35
N ILE A 34 6.61 6.57 7.73
CA ILE A 34 7.42 5.43 7.31
C ILE A 34 6.92 4.16 7.98
N ASP A 35 6.71 4.22 9.29
CA ASP A 35 6.23 3.05 10.02
C ASP A 35 4.84 2.64 9.53
N SER A 36 4.03 3.63 9.18
CA SER A 36 2.70 3.36 8.67
C SER A 36 2.80 2.56 7.38
N LEU A 37 3.73 2.99 6.53
CA LEU A 37 3.98 2.31 5.27
C LEU A 37 4.41 0.88 5.55
N GLN A 38 5.18 0.71 6.62
CA GLN A 38 5.68 -0.60 7.01
C GLN A 38 4.55 -1.53 7.41
N ARG A 39 3.63 -1.02 8.22
CA ARG A 39 2.50 -1.83 8.67
C ARG A 39 1.64 -2.24 7.49
N GLN A 40 1.53 -1.36 6.50
CA GLN A 40 0.74 -1.65 5.32
C GLN A 40 1.44 -2.69 4.45
N ILE A 41 2.75 -2.52 4.26
CA ILE A 41 3.53 -3.45 3.45
C ILE A 41 3.47 -4.85 4.05
N ASN A 42 3.75 -4.94 5.34
CA ASN A 42 3.74 -6.23 6.03
C ASN A 42 2.36 -6.87 5.95
N ARG A 43 1.32 -6.04 6.07
CA ARG A 43 -0.05 -6.54 6.00
C ARG A 43 -0.32 -7.16 4.63
N VAL A 44 0.23 -6.54 3.59
CA VAL A 44 0.03 -7.02 2.24
C VAL A 44 0.78 -8.33 2.02
N GLU A 45 1.94 -8.45 2.64
CA GLU A 45 2.74 -9.65 2.51
C GLU A 45 2.02 -10.85 3.10
N LYS A 46 1.38 -10.67 4.25
CA LYS A 46 0.67 -11.77 4.91
C LYS A 46 -0.76 -11.94 4.41
N PHE A 47 -1.48 -10.85 4.19
CA PHE A 47 -2.88 -10.96 3.77
C PHE A 47 -3.18 -10.18 2.48
N GLY A 48 -2.34 -9.22 2.13
CA GLY A 48 -2.59 -8.44 0.93
C GLY A 48 -3.12 -7.06 1.24
N VAL A 49 -3.63 -6.36 0.22
CA VAL A 49 -4.16 -5.02 0.41
C VAL A 49 -5.57 -5.05 0.98
N ASP A 50 -5.78 -4.34 2.08
CA ASP A 50 -7.09 -4.28 2.72
C ASP A 50 -8.00 -3.31 1.98
N LEU A 51 -9.13 -3.80 1.50
CA LEU A 51 -10.08 -2.98 0.76
C LEU A 51 -10.54 -1.76 1.57
N ASN A 52 -10.32 -1.79 2.88
CA ASN A 52 -10.71 -0.68 3.74
C ASN A 52 -9.54 -0.22 4.59
N SER A 53 -8.43 0.12 3.93
CA SER A 53 -7.24 0.60 4.61
C SER A 53 -6.76 1.90 4.00
N LYS A 54 -5.89 2.62 4.70
CA LYS A 54 -5.37 3.87 4.17
C LYS A 54 -4.56 3.61 2.90
N LEU A 55 -3.95 2.43 2.84
CA LEU A 55 -3.17 2.03 1.68
C LEU A 55 -4.06 1.92 0.45
N ALA A 56 -5.15 1.17 0.59
CA ALA A 56 -6.11 0.98 -0.49
C ALA A 56 -6.67 2.33 -0.96
N GLU A 57 -6.93 3.22 -0.02
CA GLU A 57 -7.47 4.53 -0.36
C GLU A 57 -6.45 5.31 -1.19
N GLU A 58 -5.17 5.20 -0.81
CA GLU A 58 -4.10 5.87 -1.53
C GLU A 58 -3.96 5.27 -2.93
N LEU A 59 -4.27 3.98 -3.03
CA LEU A 59 -4.19 3.26 -4.30
C LEU A 59 -5.52 3.35 -5.06
N GLY A 60 -6.56 3.79 -4.36
CA GLY A 60 -7.87 3.90 -4.98
C GLY A 60 -8.58 2.56 -5.04
N LEU A 61 -8.00 1.56 -4.38
CA LEU A 61 -8.55 0.22 -4.35
C LEU A 61 -9.43 0.00 -3.11
N VAL A 62 -9.57 1.04 -2.29
CA VAL A 62 -10.36 0.97 -1.06
C VAL A 62 -11.86 0.75 -1.30
N SER A 63 -12.21 -0.06 -2.30
CA SER A 63 -13.61 -0.34 -2.58
C SER A 63 -13.90 -1.83 -2.53
N ARG A 64 -14.98 -2.20 -1.82
CA ARG A 64 -15.40 -3.59 -1.68
C ARG A 64 -16.23 -3.78 -0.41
N LYS A 65 -15.54 -3.96 0.71
CA LYS A 65 -16.19 -4.16 2.00
C LYS A 65 -15.27 -3.78 3.14
N ASN A 66 -15.87 -3.47 4.30
CA ASN A 66 -15.09 -3.08 5.48
C ASN A 66 -14.74 -4.30 6.33
N GLU A 67 -13.69 -4.18 7.12
CA GLU A 67 -13.24 -5.26 7.99
C GLU A 67 -12.66 -4.71 9.29
N GLY A 1 -5.95 -0.40 -14.94
CA GLY A 1 -7.22 0.07 -15.55
C GLY A 1 -8.43 -0.65 -15.00
N SER A 2 -8.58 -0.65 -13.68
CA SER A 2 -9.70 -1.30 -13.03
C SER A 2 -9.69 -2.80 -13.32
N ALA A 3 -10.44 -3.56 -12.51
CA ALA A 3 -10.53 -5.00 -12.68
C ALA A 3 -9.16 -5.66 -12.49
N LEU A 4 -8.67 -5.66 -11.25
CA LEU A 4 -7.38 -6.25 -10.94
C LEU A 4 -7.54 -7.45 -10.02
N SER A 5 -6.52 -8.29 -9.98
CA SER A 5 -6.53 -9.48 -9.14
C SER A 5 -5.74 -9.21 -7.86
N PRO A 6 -6.12 -9.85 -6.74
CA PRO A 6 -5.45 -9.67 -5.45
C PRO A 6 -3.94 -9.76 -5.58
N GLU A 7 -3.47 -10.72 -6.36
CA GLU A 7 -2.04 -10.92 -6.54
C GLU A 7 -1.37 -9.67 -7.10
N GLU A 8 -1.99 -9.06 -8.12
CA GLU A 8 -1.42 -7.86 -8.72
C GLU A 8 -1.55 -6.65 -7.80
N ILE A 9 -2.67 -6.57 -7.08
CA ILE A 9 -2.88 -5.47 -6.16
C ILE A 9 -1.91 -5.55 -4.98
N LYS A 10 -1.70 -6.77 -4.48
CA LYS A 10 -0.80 -6.98 -3.36
C LYS A 10 0.63 -6.65 -3.76
N ALA A 11 1.04 -7.14 -4.92
CA ALA A 11 2.39 -6.87 -5.40
C ALA A 11 2.51 -5.39 -5.75
N LYS A 12 1.48 -4.86 -6.39
CA LYS A 12 1.48 -3.46 -6.78
C LYS A 12 1.60 -2.57 -5.55
N ALA A 13 0.82 -2.88 -4.52
CA ALA A 13 0.86 -2.11 -3.29
C ALA A 13 2.21 -2.26 -2.63
N LEU A 14 2.66 -3.50 -2.50
CA LEU A 14 3.95 -3.79 -1.90
C LEU A 14 5.07 -3.10 -2.65
N ASP A 15 4.96 -3.06 -3.97
CA ASP A 15 5.98 -2.43 -4.79
C ASP A 15 5.98 -0.92 -4.62
N LEU A 16 4.81 -0.30 -4.72
CA LEU A 16 4.73 1.15 -4.58
C LEU A 16 4.97 1.57 -3.15
N LEU A 17 4.55 0.74 -2.21
CA LEU A 17 4.73 1.04 -0.79
C LEU A 17 6.18 0.82 -0.39
N ASN A 18 6.79 -0.23 -0.94
CA ASN A 18 8.19 -0.51 -0.64
C ASN A 18 9.07 0.59 -1.21
N LYS A 19 8.80 0.96 -2.45
CA LYS A 19 9.59 2.00 -3.12
C LYS A 19 9.39 3.36 -2.45
N LYS A 20 8.15 3.68 -2.13
CA LYS A 20 7.84 4.95 -1.49
C LYS A 20 8.30 4.94 -0.05
N LEU A 21 8.27 3.75 0.57
CA LEU A 21 8.74 3.59 1.94
C LEU A 21 10.24 3.79 1.97
N HIS A 22 10.91 3.17 0.99
CA HIS A 22 12.36 3.24 0.87
C HIS A 22 12.78 4.65 0.46
N ARG A 23 11.98 5.28 -0.38
CA ARG A 23 12.25 6.64 -0.82
C ARG A 23 12.02 7.62 0.31
N ALA A 24 10.94 7.39 1.06
CA ALA A 24 10.61 8.25 2.19
C ALA A 24 11.67 8.15 3.28
N ASN A 25 12.06 6.94 3.62
CA ASN A 25 13.07 6.75 4.66
C ASN A 25 14.44 7.22 4.19
N LYS A 26 14.70 7.09 2.89
CA LYS A 26 15.98 7.51 2.34
C LYS A 26 15.99 9.03 2.11
N PHE A 27 14.83 9.59 1.79
CA PHE A 27 14.70 11.04 1.56
C PHE A 27 14.58 11.81 2.87
N GLY A 28 14.43 11.09 3.98
CA GLY A 28 14.30 11.75 5.28
C GLY A 28 12.86 12.13 5.59
N GLN A 29 11.91 11.27 5.23
CA GLN A 29 10.51 11.53 5.50
C GLN A 29 10.19 11.32 6.98
N ASP A 30 9.01 11.75 7.40
CA ASP A 30 8.60 11.61 8.79
C ASP A 30 8.73 10.15 9.25
N GLN A 31 9.45 9.94 10.34
CA GLN A 31 9.67 8.60 10.88
C GLN A 31 8.34 7.87 11.09
N ALA A 32 7.33 8.58 11.56
CA ALA A 32 6.03 8.00 11.79
C ALA A 32 5.42 7.54 10.48
N ASP A 33 5.66 8.30 9.42
CA ASP A 33 5.15 7.98 8.10
C ASP A 33 5.83 6.72 7.57
N ILE A 34 7.11 6.56 7.91
CA ILE A 34 7.86 5.39 7.45
C ILE A 34 7.37 4.12 8.14
N ASP A 35 7.22 4.19 9.46
CA ASP A 35 6.74 3.06 10.22
C ASP A 35 5.32 2.70 9.80
N SER A 36 4.52 3.73 9.52
CA SER A 36 3.15 3.52 9.08
C SER A 36 3.15 2.75 7.78
N LEU A 37 4.05 3.15 6.88
CA LEU A 37 4.19 2.49 5.60
C LEU A 37 4.69 1.08 5.82
N GLN A 38 5.56 0.93 6.82
CA GLN A 38 6.13 -0.36 7.18
C GLN A 38 5.06 -1.32 7.67
N ARG A 39 4.22 -0.83 8.56
CA ARG A 39 3.15 -1.64 9.13
C ARG A 39 2.20 -2.10 8.03
N GLN A 40 1.87 -1.18 7.13
CA GLN A 40 0.99 -1.51 6.02
C GLN A 40 1.66 -2.51 5.09
N ILE A 41 2.95 -2.32 4.84
CA ILE A 41 3.70 -3.21 3.97
C ILE A 41 3.72 -4.62 4.54
N ASN A 42 4.07 -4.74 5.82
CA ASN A 42 4.11 -6.03 6.48
C ASN A 42 2.76 -6.73 6.40
N ARG A 43 1.70 -5.94 6.53
CA ARG A 43 0.35 -6.47 6.46
C ARG A 43 0.04 -6.96 5.05
N VAL A 44 0.49 -6.24 4.06
CA VAL A 44 0.25 -6.62 2.67
C VAL A 44 1.04 -7.87 2.29
N GLU A 45 2.27 -7.95 2.77
CA GLU A 45 3.12 -9.09 2.48
C GLU A 45 2.54 -10.37 3.07
N LYS A 46 2.05 -10.29 4.30
CA LYS A 46 1.48 -11.45 4.97
C LYS A 46 0.00 -11.67 4.66
N PHE A 47 -0.78 -10.59 4.59
CA PHE A 47 -2.22 -10.71 4.34
C PHE A 47 -2.65 -10.04 3.04
N GLY A 48 -1.83 -9.13 2.53
CA GLY A 48 -2.17 -8.45 1.29
C GLY A 48 -2.95 -7.17 1.52
N VAL A 49 -3.41 -6.57 0.44
CA VAL A 49 -4.16 -5.31 0.52
C VAL A 49 -5.62 -5.57 0.88
N ASP A 50 -6.14 -4.76 1.81
CA ASP A 50 -7.52 -4.89 2.24
C ASP A 50 -8.44 -4.00 1.41
N LEU A 51 -9.45 -4.61 0.79
CA LEU A 51 -10.39 -3.88 -0.05
C LEU A 51 -11.06 -2.75 0.72
N ASN A 52 -11.06 -2.84 2.04
CA ASN A 52 -11.68 -1.82 2.88
C ASN A 52 -10.63 -1.14 3.76
N SER A 53 -9.52 -0.73 3.16
CA SER A 53 -8.44 -0.07 3.89
C SER A 53 -8.07 1.25 3.23
N LYS A 54 -7.39 2.11 3.97
CA LYS A 54 -6.96 3.40 3.44
C LYS A 54 -5.99 3.18 2.28
N LEU A 55 -5.22 2.10 2.35
CA LEU A 55 -4.26 1.76 1.30
C LEU A 55 -4.99 1.46 0.01
N ALA A 56 -5.99 0.58 0.09
CA ALA A 56 -6.78 0.21 -1.07
C ALA A 56 -7.43 1.43 -1.70
N GLU A 57 -7.93 2.33 -0.87
CA GLU A 57 -8.54 3.55 -1.36
C GLU A 57 -7.50 4.45 -2.04
N GLU A 58 -6.37 4.63 -1.37
CA GLU A 58 -5.29 5.45 -1.90
C GLU A 58 -4.77 4.85 -3.20
N LEU A 59 -4.77 3.52 -3.25
CA LEU A 59 -4.33 2.79 -4.42
C LEU A 59 -5.38 2.86 -5.52
N GLY A 60 -6.59 3.30 -5.16
CA GLY A 60 -7.66 3.40 -6.11
C GLY A 60 -8.20 2.04 -6.52
N LEU A 61 -8.08 1.08 -5.61
CA LEU A 61 -8.55 -0.27 -5.88
C LEU A 61 -9.96 -0.47 -5.33
N VAL A 62 -10.36 0.36 -4.37
CA VAL A 62 -11.68 0.25 -3.78
C VAL A 62 -12.76 0.64 -4.77
N SER A 63 -13.49 -0.35 -5.27
CA SER A 63 -14.56 -0.10 -6.24
C SER A 63 -15.91 -0.47 -5.64
N ARG A 64 -16.88 0.41 -5.81
CA ARG A 64 -18.23 0.18 -5.29
C ARG A 64 -18.19 -0.03 -3.77
N LYS A 65 -19.36 -0.01 -3.15
CA LYS A 65 -19.45 -0.20 -1.70
C LYS A 65 -19.66 -1.67 -1.37
N ASN A 66 -20.33 -2.40 -2.25
CA ASN A 66 -20.60 -3.82 -2.05
C ASN A 66 -19.68 -4.68 -2.91
N GLU A 67 -19.40 -5.89 -2.45
CA GLU A 67 -18.54 -6.80 -3.17
C GLU A 67 -19.10 -8.22 -3.13
N GLY A 1 -4.21 0.17 -13.61
CA GLY A 1 -4.69 0.04 -15.01
C GLY A 1 -6.17 -0.26 -15.09
N SER A 2 -6.50 -1.52 -15.31
CA SER A 2 -7.91 -1.94 -15.41
C SER A 2 -8.03 -3.46 -15.39
N ALA A 3 -8.83 -3.97 -14.48
CA ALA A 3 -9.04 -5.41 -14.37
C ALA A 3 -7.74 -6.12 -14.03
N LEU A 4 -7.33 -6.06 -12.77
CA LEU A 4 -6.10 -6.70 -12.33
C LEU A 4 -6.40 -7.90 -11.43
N SER A 5 -5.47 -8.85 -11.39
CA SER A 5 -5.63 -10.05 -10.58
C SER A 5 -5.28 -9.77 -9.13
N PRO A 6 -5.84 -10.54 -8.19
CA PRO A 6 -5.59 -10.38 -6.75
C PRO A 6 -4.10 -10.50 -6.42
N GLU A 7 -3.38 -11.30 -7.21
CA GLU A 7 -1.95 -11.45 -7.02
C GLU A 7 -1.23 -10.19 -7.50
N GLU A 8 -1.80 -9.57 -8.53
CA GLU A 8 -1.24 -8.36 -9.10
C GLU A 8 -1.50 -7.17 -8.19
N ILE A 9 -2.65 -7.15 -7.55
CA ILE A 9 -2.99 -6.08 -6.63
C ILE A 9 -2.11 -6.12 -5.41
N LYS A 10 -1.94 -7.30 -4.83
CA LYS A 10 -1.10 -7.45 -3.66
C LYS A 10 0.34 -7.11 -3.98
N ALA A 11 0.82 -7.59 -5.13
CA ALA A 11 2.18 -7.29 -5.55
C ALA A 11 2.33 -5.83 -5.91
N LYS A 12 1.31 -5.30 -6.59
CA LYS A 12 1.31 -3.91 -7.00
C LYS A 12 1.33 -3.00 -5.78
N ALA A 13 0.53 -3.34 -4.78
CA ALA A 13 0.51 -2.56 -3.55
C ALA A 13 1.85 -2.65 -2.86
N LEU A 14 2.35 -3.86 -2.70
CA LEU A 14 3.63 -4.09 -2.06
C LEU A 14 4.75 -3.37 -2.79
N ASP A 15 4.69 -3.36 -4.11
CA ASP A 15 5.71 -2.70 -4.91
C ASP A 15 5.62 -1.18 -4.76
N LEU A 16 4.41 -0.66 -4.86
CA LEU A 16 4.19 0.78 -4.75
C LEU A 16 4.43 1.25 -3.32
N LEU A 17 4.06 0.44 -2.35
CA LEU A 17 4.26 0.77 -0.95
C LEU A 17 5.73 0.61 -0.58
N ASN A 18 6.36 -0.44 -1.11
CA ASN A 18 7.76 -0.69 -0.85
C ASN A 18 8.61 0.45 -1.40
N LYS A 19 8.30 0.85 -2.63
CA LYS A 19 9.04 1.93 -3.27
C LYS A 19 8.82 3.24 -2.52
N LYS A 20 7.58 3.47 -2.11
CA LYS A 20 7.23 4.68 -1.38
C LYS A 20 7.85 4.66 0.02
N LEU A 21 7.94 3.46 0.60
CA LEU A 21 8.53 3.30 1.93
C LEU A 21 10.02 3.58 1.87
N HIS A 22 10.66 3.05 0.84
CA HIS A 22 12.09 3.24 0.64
C HIS A 22 12.37 4.70 0.26
N ARG A 23 11.48 5.26 -0.53
CA ARG A 23 11.61 6.65 -0.96
C ARG A 23 11.33 7.59 0.21
N ALA A 24 10.30 7.27 0.97
CA ALA A 24 9.93 8.07 2.13
C ALA A 24 11.04 8.02 3.18
N ASN A 25 11.70 6.86 3.27
CA ASN A 25 12.78 6.66 4.23
C ASN A 25 14.01 7.46 3.83
N LYS A 26 14.41 7.34 2.56
CA LYS A 26 15.57 8.04 2.05
C LYS A 26 15.38 9.55 2.06
N PHE A 27 14.12 9.98 1.96
CA PHE A 27 13.81 11.41 1.97
C PHE A 27 13.40 11.88 3.36
N GLY A 28 13.26 10.95 4.30
CA GLY A 28 12.88 11.31 5.65
C GLY A 28 11.47 11.85 5.73
N GLN A 29 10.58 11.28 4.92
CA GLN A 29 9.18 11.71 4.89
C GLN A 29 8.46 11.34 6.20
N ASP A 30 8.82 12.03 7.28
CA ASP A 30 8.22 11.77 8.58
C ASP A 30 8.41 10.31 9.01
N GLN A 31 9.26 10.11 10.02
CA GLN A 31 9.53 8.76 10.51
C GLN A 31 8.25 8.03 10.87
N ALA A 32 7.30 8.75 11.45
CA ALA A 32 6.03 8.16 11.83
C ALA A 32 5.27 7.63 10.61
N ASP A 33 5.35 8.38 9.52
CA ASP A 33 4.69 8.00 8.29
C ASP A 33 5.37 6.78 7.69
N ILE A 34 6.68 6.69 7.87
CA ILE A 34 7.44 5.56 7.34
C ILE A 34 7.05 4.28 8.06
N ASP A 35 6.97 4.33 9.39
CA ASP A 35 6.60 3.16 10.17
C ASP A 35 5.18 2.72 9.81
N SER A 36 4.31 3.69 9.55
CA SER A 36 2.94 3.38 9.17
C SER A 36 2.95 2.61 7.87
N LEU A 37 3.81 3.03 6.96
CA LEU A 37 3.96 2.36 5.68
C LEU A 37 4.46 0.94 5.91
N GLN A 38 5.31 0.78 6.91
CA GLN A 38 5.88 -0.52 7.25
C GLN A 38 4.80 -1.48 7.76
N ARG A 39 3.96 -0.99 8.65
CA ARG A 39 2.90 -1.82 9.21
C ARG A 39 1.92 -2.22 8.11
N GLN A 40 1.69 -1.31 7.17
CA GLN A 40 0.81 -1.59 6.05
C GLN A 40 1.46 -2.59 5.10
N ILE A 41 2.73 -2.37 4.82
CA ILE A 41 3.48 -3.27 3.94
C ILE A 41 3.52 -4.67 4.52
N ASN A 42 3.90 -4.76 5.79
CA ASN A 42 3.96 -6.05 6.46
C ASN A 42 2.60 -6.73 6.42
N ARG A 43 1.54 -5.93 6.56
CA ARG A 43 0.19 -6.47 6.52
C ARG A 43 -0.11 -7.03 5.12
N VAL A 44 0.43 -6.36 4.11
CA VAL A 44 0.22 -6.80 2.73
C VAL A 44 0.94 -8.11 2.46
N GLU A 45 2.14 -8.23 2.99
CA GLU A 45 2.92 -9.43 2.80
C GLU A 45 2.24 -10.64 3.44
N LYS A 46 1.65 -10.44 4.61
CA LYS A 46 0.99 -11.52 5.33
C LYS A 46 -0.46 -11.73 4.88
N PHE A 47 -1.19 -10.65 4.64
CA PHE A 47 -2.60 -10.77 4.25
C PHE A 47 -2.92 -10.05 2.94
N GLY A 48 -2.07 -9.10 2.55
CA GLY A 48 -2.32 -8.39 1.31
C GLY A 48 -2.93 -7.02 1.52
N VAL A 49 -3.48 -6.44 0.46
CA VAL A 49 -4.09 -5.12 0.53
C VAL A 49 -5.51 -5.19 1.08
N ASP A 50 -5.76 -4.42 2.14
CA ASP A 50 -7.07 -4.40 2.76
C ASP A 50 -7.97 -3.40 2.04
N LEU A 51 -9.16 -3.85 1.66
CA LEU A 51 -10.10 -3.01 0.93
C LEU A 51 -10.42 -1.72 1.68
N ASN A 52 -10.16 -1.71 2.98
CA ASN A 52 -10.42 -0.53 3.79
C ASN A 52 -9.17 -0.13 4.58
N SER A 53 -8.09 0.16 3.85
CA SER A 53 -6.83 0.57 4.48
C SER A 53 -6.32 1.86 3.86
N LYS A 54 -5.38 2.53 4.54
CA LYS A 54 -4.80 3.76 4.01
C LYS A 54 -4.08 3.47 2.71
N LEU A 55 -3.53 2.26 2.60
CA LEU A 55 -2.81 1.85 1.41
C LEU A 55 -3.76 1.76 0.22
N ALA A 56 -4.87 1.05 0.38
CA ALA A 56 -5.85 0.89 -0.68
C ALA A 56 -6.38 2.26 -1.15
N GLU A 57 -6.63 3.16 -0.20
CA GLU A 57 -7.12 4.48 -0.58
C GLU A 57 -6.06 5.24 -1.37
N GLU A 58 -4.82 5.11 -0.94
CA GLU A 58 -3.70 5.77 -1.62
C GLU A 58 -3.53 5.18 -3.02
N LEU A 59 -3.81 3.88 -3.13
CA LEU A 59 -3.71 3.17 -4.39
C LEU A 59 -5.00 3.29 -5.20
N GLY A 60 -6.06 3.77 -4.55
CA GLY A 60 -7.35 3.90 -5.21
C GLY A 60 -8.10 2.59 -5.30
N LEU A 61 -7.57 1.58 -4.62
CA LEU A 61 -8.15 0.25 -4.61
C LEU A 61 -9.07 0.05 -3.39
N VAL A 62 -9.20 1.10 -2.57
CA VAL A 62 -10.02 1.08 -1.36
C VAL A 62 -11.50 0.78 -1.61
N SER A 63 -11.81 -0.06 -2.58
CA SER A 63 -13.21 -0.42 -2.85
C SER A 63 -13.66 -1.47 -1.84
N ARG A 64 -14.83 -1.27 -1.25
CA ARG A 64 -15.36 -2.20 -0.27
C ARG A 64 -16.33 -3.19 -0.89
N LYS A 65 -17.06 -3.91 -0.04
CA LYS A 65 -18.01 -4.90 -0.50
C LYS A 65 -17.31 -6.07 -1.18
N ASN A 66 -17.32 -7.22 -0.53
CA ASN A 66 -16.69 -8.42 -1.07
C ASN A 66 -17.69 -9.56 -1.19
N GLU A 67 -18.95 -9.22 -1.39
CA GLU A 67 -20.01 -10.21 -1.52
C GLU A 67 -21.21 -9.63 -2.26
N GLY A 1 -5.56 -1.58 -20.38
CA GLY A 1 -5.91 -1.35 -18.96
C GLY A 1 -7.40 -1.40 -18.70
N SER A 2 -7.81 -2.29 -17.81
CA SER A 2 -9.22 -2.45 -17.48
C SER A 2 -9.39 -3.04 -16.09
N ALA A 3 -8.63 -4.08 -15.80
CA ALA A 3 -8.70 -4.75 -14.50
C ALA A 3 -7.39 -5.50 -14.20
N LEU A 4 -7.00 -5.50 -12.93
CA LEU A 4 -5.79 -6.18 -12.52
C LEU A 4 -6.11 -7.40 -11.67
N SER A 5 -5.19 -8.36 -11.64
CA SER A 5 -5.38 -9.57 -10.86
C SER A 5 -5.08 -9.32 -9.38
N PRO A 6 -5.70 -10.11 -8.49
CA PRO A 6 -5.51 -9.98 -7.04
C PRO A 6 -4.04 -10.14 -6.65
N GLU A 7 -3.31 -10.93 -7.42
CA GLU A 7 -1.89 -11.13 -7.18
C GLU A 7 -1.11 -9.90 -7.60
N GLU A 8 -1.62 -9.22 -8.63
CA GLU A 8 -0.99 -8.02 -9.14
C GLU A 8 -1.25 -6.85 -8.20
N ILE A 9 -2.44 -6.84 -7.59
CA ILE A 9 -2.80 -5.79 -6.66
C ILE A 9 -1.93 -5.89 -5.42
N LYS A 10 -1.76 -7.11 -4.92
CA LYS A 10 -0.95 -7.35 -3.74
C LYS A 10 0.50 -6.94 -3.99
N ALA A 11 1.07 -7.43 -5.08
CA ALA A 11 2.44 -7.10 -5.42
C ALA A 11 2.55 -5.62 -5.77
N LYS A 12 1.52 -5.10 -6.43
CA LYS A 12 1.50 -3.70 -6.82
C LYS A 12 1.51 -2.81 -5.59
N ALA A 13 0.69 -3.15 -4.60
CA ALA A 13 0.66 -2.39 -3.38
C ALA A 13 1.99 -2.46 -2.66
N LEU A 14 2.47 -3.69 -2.49
CA LEU A 14 3.74 -3.93 -1.82
C LEU A 14 4.89 -3.23 -2.52
N ASP A 15 4.86 -3.25 -3.84
CA ASP A 15 5.91 -2.61 -4.62
C ASP A 15 5.84 -1.10 -4.49
N LEU A 16 4.64 -0.54 -4.61
CA LEU A 16 4.47 0.91 -4.50
C LEU A 16 4.69 1.38 -3.08
N LEU A 17 4.26 0.58 -2.11
CA LEU A 17 4.42 0.94 -0.71
C LEU A 17 5.88 0.78 -0.34
N ASN A 18 6.51 -0.26 -0.85
CA ASN A 18 7.91 -0.51 -0.59
C ASN A 18 8.75 0.64 -1.15
N LYS A 19 8.41 1.06 -2.37
CA LYS A 19 9.17 2.15 -3.00
C LYS A 19 9.01 3.43 -2.18
N LYS A 20 7.79 3.70 -1.74
CA LYS A 20 7.53 4.88 -0.93
C LYS A 20 8.28 4.78 0.37
N LEU A 21 8.16 3.63 1.04
CA LEU A 21 8.85 3.39 2.29
C LEU A 21 10.35 3.54 2.12
N HIS A 22 10.86 2.96 1.04
CA HIS A 22 12.28 3.02 0.75
C HIS A 22 12.70 4.44 0.42
N ARG A 23 11.87 5.13 -0.35
CA ARG A 23 12.16 6.50 -0.72
C ARG A 23 11.99 7.44 0.47
N ALA A 24 10.95 7.20 1.25
CA ALA A 24 10.69 8.03 2.42
C ALA A 24 11.81 7.94 3.45
N ASN A 25 12.25 6.72 3.75
CA ASN A 25 13.31 6.52 4.72
C ASN A 25 14.67 6.99 4.18
N LYS A 26 14.86 6.88 2.88
CA LYS A 26 16.13 7.30 2.27
C LYS A 26 16.19 8.82 2.09
N PHE A 27 15.06 9.43 1.76
CA PHE A 27 15.01 10.88 1.57
C PHE A 27 14.93 11.63 2.90
N GLY A 28 14.88 10.89 4.00
CA GLY A 28 14.80 11.50 5.32
C GLY A 28 13.39 11.83 5.74
N GLN A 29 12.41 11.35 4.95
CA GLN A 29 11.01 11.60 5.26
C GLN A 29 10.70 11.41 6.74
N ASP A 30 9.54 11.90 7.17
CA ASP A 30 9.13 11.79 8.57
C ASP A 30 9.12 10.34 9.03
N GLN A 31 9.85 10.06 10.12
CA GLN A 31 9.92 8.72 10.67
C GLN A 31 8.53 8.14 10.90
N ALA A 32 7.60 9.00 11.29
CA ALA A 32 6.23 8.58 11.55
C ALA A 32 5.59 8.06 10.27
N ASP A 33 5.83 8.74 9.16
CA ASP A 33 5.27 8.33 7.88
C ASP A 33 5.91 7.02 7.43
N ILE A 34 7.18 6.83 7.77
CA ILE A 34 7.88 5.61 7.41
C ILE A 34 7.27 4.41 8.10
N ASP A 35 7.02 4.56 9.40
CA ASP A 35 6.43 3.48 10.19
C ASP A 35 5.03 3.16 9.68
N SER A 36 4.29 4.19 9.27
CA SER A 36 2.95 4.00 8.76
C SER A 36 3.00 3.19 7.48
N LEU A 37 3.93 3.54 6.62
CA LEU A 37 4.12 2.85 5.36
C LEU A 37 4.66 1.45 5.63
N GLN A 38 5.50 1.37 6.65
CA GLN A 38 6.12 0.12 7.05
C GLN A 38 5.05 -0.85 7.56
N ARG A 39 4.17 -0.35 8.41
CA ARG A 39 3.11 -1.17 8.97
C ARG A 39 2.17 -1.67 7.89
N GLN A 40 1.81 -0.77 6.98
CA GLN A 40 0.93 -1.15 5.88
C GLN A 40 1.62 -2.18 5.01
N ILE A 41 2.92 -2.00 4.83
CA ILE A 41 3.73 -2.91 4.01
C ILE A 41 3.69 -4.32 4.59
N ASN A 42 3.96 -4.43 5.89
CA ASN A 42 3.98 -5.72 6.55
C ASN A 42 2.60 -6.37 6.49
N ARG A 43 1.56 -5.56 6.56
CA ARG A 43 0.20 -6.05 6.49
C ARG A 43 -0.09 -6.65 5.12
N VAL A 44 0.44 -6.01 4.08
CA VAL A 44 0.24 -6.48 2.72
C VAL A 44 0.97 -7.78 2.45
N GLU A 45 2.18 -7.90 2.96
CA GLU A 45 2.97 -9.10 2.77
C GLU A 45 2.31 -10.29 3.45
N LYS A 46 1.74 -10.08 4.64
CA LYS A 46 1.10 -11.17 5.38
C LYS A 46 -0.35 -11.39 4.94
N PHE A 47 -1.08 -10.33 4.71
CA PHE A 47 -2.50 -10.46 4.34
C PHE A 47 -2.82 -9.76 3.01
N GLY A 48 -1.97 -8.84 2.59
CA GLY A 48 -2.21 -8.14 1.35
C GLY A 48 -3.04 -6.89 1.53
N VAL A 49 -3.60 -6.39 0.43
CA VAL A 49 -4.42 -5.19 0.46
C VAL A 49 -5.84 -5.50 0.92
N ASP A 50 -6.30 -4.77 1.93
CA ASP A 50 -7.65 -4.96 2.47
C ASP A 50 -8.64 -4.08 1.73
N LEU A 51 -9.73 -4.67 1.27
CA LEU A 51 -10.75 -3.93 0.52
C LEU A 51 -11.29 -2.74 1.32
N ASN A 52 -11.26 -2.85 2.65
CA ASN A 52 -11.74 -1.77 3.50
C ASN A 52 -10.62 -1.20 4.37
N SER A 53 -9.52 -0.82 3.73
CA SER A 53 -8.38 -0.26 4.45
C SER A 53 -7.94 1.07 3.84
N LYS A 54 -7.15 1.83 4.58
CA LYS A 54 -6.64 3.11 4.09
C LYS A 54 -5.76 2.88 2.88
N LEU A 55 -5.10 1.73 2.84
CA LEU A 55 -4.23 1.39 1.73
C LEU A 55 -5.03 1.15 0.46
N ALA A 56 -6.10 0.36 0.56
CA ALA A 56 -6.94 0.05 -0.59
C ALA A 56 -7.59 1.30 -1.16
N GLU A 57 -8.07 2.18 -0.29
CA GLU A 57 -8.69 3.42 -0.76
C GLU A 57 -7.63 4.29 -1.43
N GLU A 58 -6.44 4.32 -0.83
CA GLU A 58 -5.33 5.09 -1.39
C GLU A 58 -4.90 4.49 -2.72
N LEU A 59 -4.99 3.17 -2.81
CA LEU A 59 -4.62 2.45 -4.04
C LEU A 59 -5.71 2.62 -5.09
N GLY A 60 -6.90 3.05 -4.66
CA GLY A 60 -8.00 3.25 -5.58
C GLY A 60 -8.85 2.01 -5.77
N LEU A 61 -8.63 0.99 -4.94
CA LEU A 61 -9.41 -0.24 -5.04
C LEU A 61 -10.83 -0.04 -4.53
N VAL A 62 -10.95 0.75 -3.46
CA VAL A 62 -12.25 1.04 -2.87
C VAL A 62 -12.97 2.12 -3.67
N SER A 63 -12.34 3.28 -3.77
CA SER A 63 -12.90 4.40 -4.51
C SER A 63 -11.94 4.86 -5.59
N ARG A 64 -12.46 5.06 -6.79
CA ARG A 64 -11.63 5.49 -7.92
C ARG A 64 -10.92 6.81 -7.59
N LYS A 65 -11.61 7.92 -7.80
CA LYS A 65 -11.04 9.24 -7.53
C LYS A 65 -11.97 10.35 -8.02
N ASN A 66 -11.69 11.57 -7.60
CA ASN A 66 -12.50 12.72 -7.99
C ASN A 66 -11.86 13.47 -9.14
N GLU A 67 -10.52 13.56 -9.10
CA GLU A 67 -9.76 14.26 -10.14
C GLU A 67 -10.42 15.59 -10.51
N GLY A 1 -14.02 0.41 -12.93
CA GLY A 1 -13.20 0.99 -14.03
C GLY A 1 -12.31 -0.04 -14.70
N SER A 2 -11.38 -0.61 -13.94
CA SER A 2 -10.45 -1.62 -14.47
C SER A 2 -10.60 -2.93 -13.73
N ALA A 3 -9.78 -3.91 -14.09
CA ALA A 3 -9.83 -5.22 -13.45
C ALA A 3 -8.42 -5.81 -13.30
N LEU A 4 -7.86 -5.68 -12.10
CA LEU A 4 -6.53 -6.21 -11.83
C LEU A 4 -6.61 -7.58 -11.18
N SER A 5 -5.53 -8.35 -11.31
CA SER A 5 -5.48 -9.68 -10.73
C SER A 5 -5.14 -9.59 -9.24
N PRO A 6 -5.61 -10.56 -8.44
CA PRO A 6 -5.35 -10.57 -6.99
C PRO A 6 -3.86 -10.47 -6.68
N GLU A 7 -3.04 -11.16 -7.47
CA GLU A 7 -1.59 -11.12 -7.28
C GLU A 7 -1.05 -9.78 -7.75
N GLU A 8 -1.73 -9.17 -8.72
CA GLU A 8 -1.30 -7.89 -9.25
C GLU A 8 -1.63 -6.78 -8.28
N ILE A 9 -2.78 -6.88 -7.65
CA ILE A 9 -3.20 -5.88 -6.66
C ILE A 9 -2.30 -5.96 -5.43
N LYS A 10 -1.96 -7.20 -5.05
CA LYS A 10 -1.10 -7.43 -3.90
C LYS A 10 0.30 -6.90 -4.16
N ALA A 11 0.87 -7.31 -5.29
CA ALA A 11 2.20 -6.86 -5.67
C ALA A 11 2.20 -5.37 -5.93
N LYS A 12 1.10 -4.89 -6.51
CA LYS A 12 0.96 -3.48 -6.81
C LYS A 12 1.05 -2.66 -5.54
N ALA A 13 0.37 -3.11 -4.50
CA ALA A 13 0.40 -2.41 -3.22
C ALA A 13 1.80 -2.45 -2.64
N LEU A 14 2.37 -3.64 -2.60
CA LEU A 14 3.72 -3.83 -2.08
C LEU A 14 4.72 -3.00 -2.85
N ASP A 15 4.52 -2.87 -4.16
CA ASP A 15 5.42 -2.09 -4.99
C ASP A 15 5.28 -0.61 -4.68
N LEU A 16 4.06 -0.11 -4.65
CA LEU A 16 3.82 1.30 -4.39
C LEU A 16 4.21 1.66 -2.96
N LEU A 17 3.90 0.78 -2.01
CA LEU A 17 4.23 1.04 -0.63
C LEU A 17 5.72 0.87 -0.42
N ASN A 18 6.32 -0.10 -1.11
CA ASN A 18 7.75 -0.32 -0.98
C ASN A 18 8.51 0.88 -1.53
N LYS A 19 8.08 1.36 -2.68
CA LYS A 19 8.74 2.51 -3.30
C LYS A 19 8.61 3.73 -2.41
N LYS A 20 7.42 3.93 -1.86
CA LYS A 20 7.18 5.05 -0.96
C LYS A 20 8.02 4.90 0.28
N LEU A 21 7.98 3.71 0.88
CA LEU A 21 8.75 3.43 2.07
C LEU A 21 10.25 3.64 1.83
N HIS A 22 10.72 3.14 0.69
CA HIS A 22 12.12 3.28 0.33
C HIS A 22 12.44 4.73 0.04
N ARG A 23 11.54 5.41 -0.67
CA ARG A 23 11.72 6.80 -1.01
C ARG A 23 11.63 7.67 0.25
N ALA A 24 10.66 7.35 1.10
CA ALA A 24 10.48 8.10 2.34
C ALA A 24 11.71 7.99 3.23
N ASN A 25 12.23 6.78 3.36
CA ASN A 25 13.40 6.53 4.19
C ASN A 25 14.65 7.21 3.62
N LYS A 26 14.76 7.26 2.30
CA LYS A 26 15.91 7.87 1.65
C LYS A 26 15.82 9.40 1.62
N PHE A 27 14.60 9.92 1.48
CA PHE A 27 14.40 11.36 1.45
C PHE A 27 14.39 11.95 2.86
N GLY A 28 14.41 11.09 3.86
CA GLY A 28 14.42 11.55 5.25
C GLY A 28 13.02 11.80 5.79
N GLN A 29 12.00 11.30 5.08
CA GLN A 29 10.61 11.48 5.51
C GLN A 29 10.48 11.25 7.02
N ASP A 30 9.41 11.77 7.61
CA ASP A 30 9.19 11.64 9.04
C ASP A 30 9.11 10.16 9.45
N GLN A 31 9.83 9.82 10.51
CA GLN A 31 9.88 8.45 11.01
C GLN A 31 8.48 7.89 11.23
N ALA A 32 7.54 8.74 11.64
CA ALA A 32 6.18 8.31 11.88
C ALA A 32 5.53 7.81 10.59
N ASP A 33 5.83 8.49 9.49
CA ASP A 33 5.27 8.10 8.21
C ASP A 33 5.95 6.82 7.72
N ILE A 34 7.21 6.65 8.07
CA ILE A 34 7.96 5.45 7.67
C ILE A 34 7.42 4.23 8.40
N ASP A 35 7.23 4.35 9.72
CA ASP A 35 6.72 3.23 10.50
C ASP A 35 5.32 2.86 10.04
N SER A 36 4.51 3.86 9.71
CA SER A 36 3.16 3.61 9.24
C SER A 36 3.22 2.82 7.95
N LEU A 37 4.12 3.23 7.07
CA LEU A 37 4.33 2.55 5.82
C LEU A 37 4.79 1.12 6.09
N GLN A 38 5.63 0.98 7.10
CA GLN A 38 6.15 -0.33 7.50
C GLN A 38 5.03 -1.25 7.95
N ARG A 39 4.14 -0.72 8.78
CA ARG A 39 3.02 -1.50 9.27
C ARG A 39 2.17 -1.97 8.09
N GLN A 40 2.08 -1.11 7.08
CA GLN A 40 1.33 -1.45 5.88
C GLN A 40 2.04 -2.55 5.10
N ILE A 41 3.36 -2.45 5.01
CA ILE A 41 4.15 -3.44 4.28
C ILE A 41 3.98 -4.82 4.89
N ASN A 42 4.16 -4.91 6.21
CA ASN A 42 4.02 -6.18 6.91
C ASN A 42 2.59 -6.70 6.79
N ARG A 43 1.63 -5.80 6.83
CA ARG A 43 0.22 -6.17 6.72
C ARG A 43 -0.09 -6.77 5.36
N VAL A 44 0.41 -6.14 4.31
CA VAL A 44 0.17 -6.62 2.96
C VAL A 44 0.90 -7.93 2.70
N GLU A 45 2.08 -8.05 3.26
CA GLU A 45 2.88 -9.25 3.09
C GLU A 45 2.19 -10.46 3.71
N LYS A 46 1.62 -10.28 4.90
CA LYS A 46 0.96 -11.36 5.59
C LYS A 46 -0.51 -11.54 5.19
N PHE A 47 -1.23 -10.43 5.00
CA PHE A 47 -2.64 -10.50 4.65
C PHE A 47 -2.97 -9.82 3.33
N GLY A 48 -2.10 -8.93 2.88
CA GLY A 48 -2.33 -8.24 1.63
C GLY A 48 -3.07 -6.94 1.81
N VAL A 49 -3.72 -6.47 0.75
CA VAL A 49 -4.46 -5.23 0.78
C VAL A 49 -5.92 -5.44 1.15
N ASP A 50 -6.41 -4.62 2.08
CA ASP A 50 -7.80 -4.71 2.52
C ASP A 50 -8.67 -3.77 1.68
N LEU A 51 -9.75 -4.31 1.12
CA LEU A 51 -10.65 -3.53 0.29
C LEU A 51 -11.21 -2.32 1.04
N ASN A 52 -11.17 -2.37 2.36
CA ASN A 52 -11.68 -1.27 3.17
C ASN A 52 -10.58 -0.67 4.05
N SER A 53 -9.44 -0.35 3.44
CA SER A 53 -8.33 0.24 4.17
C SER A 53 -7.84 1.52 3.49
N LYS A 54 -7.14 2.36 4.25
CA LYS A 54 -6.61 3.61 3.70
C LYS A 54 -5.59 3.32 2.60
N LEU A 55 -4.90 2.19 2.74
CA LEU A 55 -3.88 1.78 1.79
C LEU A 55 -4.50 1.42 0.44
N ALA A 56 -5.53 0.57 0.47
CA ALA A 56 -6.20 0.15 -0.74
C ALA A 56 -6.85 1.32 -1.46
N GLU A 57 -7.43 2.25 -0.70
CA GLU A 57 -8.05 3.43 -1.29
C GLU A 57 -6.99 4.30 -1.94
N GLU A 58 -5.85 4.44 -1.27
CA GLU A 58 -4.75 5.24 -1.78
C GLU A 58 -4.18 4.61 -3.04
N LEU A 59 -4.13 3.29 -3.04
CA LEU A 59 -3.62 2.53 -4.17
C LEU A 59 -4.63 2.49 -5.31
N GLY A 60 -5.88 2.83 -5.02
CA GLY A 60 -6.91 2.84 -6.04
C GLY A 60 -7.39 1.44 -6.39
N LEU A 61 -7.39 0.55 -5.40
CA LEU A 61 -7.82 -0.83 -5.61
C LEU A 61 -9.29 -0.99 -5.25
N VAL A 62 -9.72 -0.25 -4.23
CA VAL A 62 -11.11 -0.31 -3.79
C VAL A 62 -12.05 0.12 -4.91
N SER A 63 -11.99 1.41 -5.26
CA SER A 63 -12.83 1.96 -6.31
C SER A 63 -11.97 2.60 -7.41
N ARG A 64 -12.28 2.29 -8.66
CA ARG A 64 -11.54 2.83 -9.78
C ARG A 64 -12.17 4.14 -10.28
N LYS A 65 -11.63 5.26 -9.83
CA LYS A 65 -12.13 6.57 -10.21
C LYS A 65 -11.17 7.27 -11.17
N ASN A 66 -11.56 8.44 -11.64
CA ASN A 66 -10.73 9.20 -12.57
C ASN A 66 -9.44 9.68 -11.88
N GLU A 67 -9.56 10.02 -10.60
CA GLU A 67 -8.41 10.49 -9.83
C GLU A 67 -8.80 10.77 -8.38
N GLY A 1 -15.44 -2.32 -5.49
CA GLY A 1 -15.46 -3.10 -6.76
C GLY A 1 -14.18 -3.88 -6.98
N SER A 2 -13.14 -3.17 -7.43
CA SER A 2 -11.85 -3.80 -7.69
C SER A 2 -11.97 -4.85 -8.80
N ALA A 3 -11.26 -4.63 -9.90
CA ALA A 3 -11.27 -5.56 -11.02
C ALA A 3 -9.88 -6.09 -11.33
N LEU A 4 -9.09 -6.28 -10.29
CA LEU A 4 -7.72 -6.78 -10.43
C LEU A 4 -7.49 -8.00 -9.56
N SER A 5 -6.67 -8.91 -10.03
CA SER A 5 -6.36 -10.12 -9.28
C SER A 5 -5.59 -9.76 -8.02
N PRO A 6 -5.88 -10.45 -6.89
CA PRO A 6 -5.21 -10.19 -5.62
C PRO A 6 -3.70 -10.08 -5.80
N GLU A 7 -3.15 -10.94 -6.64
CA GLU A 7 -1.71 -10.96 -6.90
C GLU A 7 -1.24 -9.61 -7.43
N GLU A 8 -1.96 -9.04 -8.38
CA GLU A 8 -1.59 -7.76 -8.96
C GLU A 8 -1.77 -6.62 -7.97
N ILE A 9 -2.83 -6.71 -7.17
CA ILE A 9 -3.11 -5.67 -6.18
C ILE A 9 -2.05 -5.68 -5.09
N LYS A 10 -1.77 -6.87 -4.56
CA LYS A 10 -0.78 -7.02 -3.52
C LYS A 10 0.59 -6.64 -4.03
N ALA A 11 0.89 -7.05 -5.26
CA ALA A 11 2.19 -6.73 -5.85
C ALA A 11 2.30 -5.24 -6.12
N LYS A 12 1.25 -4.66 -6.72
CA LYS A 12 1.27 -3.24 -7.02
C LYS A 12 1.43 -2.44 -5.73
N ALA A 13 0.71 -2.83 -4.69
CA ALA A 13 0.81 -2.14 -3.42
C ALA A 13 2.20 -2.30 -2.84
N LEU A 14 2.68 -3.53 -2.80
CA LEU A 14 4.00 -3.84 -2.28
C LEU A 14 5.08 -3.10 -3.04
N ASP A 15 4.91 -2.99 -4.35
CA ASP A 15 5.91 -2.31 -5.17
C ASP A 15 5.89 -0.80 -4.92
N LEU A 16 4.71 -0.20 -4.95
CA LEU A 16 4.62 1.24 -4.73
C LEU A 16 4.90 1.59 -3.29
N LEU A 17 4.55 0.70 -2.37
CA LEU A 17 4.79 0.93 -0.97
C LEU A 17 6.25 0.76 -0.64
N ASN A 18 6.89 -0.25 -1.23
CA ASN A 18 8.30 -0.46 -0.99
C ASN A 18 9.10 0.73 -1.47
N LYS A 19 8.76 1.20 -2.68
CA LYS A 19 9.45 2.35 -3.26
C LYS A 19 9.22 3.60 -2.41
N LYS A 20 7.98 3.79 -1.96
CA LYS A 20 7.64 4.94 -1.13
C LYS A 20 8.32 4.83 0.22
N LEU A 21 8.37 3.62 0.77
CA LEU A 21 9.01 3.38 2.05
C LEU A 21 10.51 3.57 1.92
N HIS A 22 11.06 3.02 0.84
CA HIS A 22 12.48 3.14 0.57
C HIS A 22 12.85 4.57 0.27
N ARG A 23 11.99 5.24 -0.51
CA ARG A 23 12.20 6.64 -0.86
C ARG A 23 12.06 7.51 0.37
N ALA A 24 11.03 7.23 1.16
CA ALA A 24 10.78 7.99 2.38
C ALA A 24 11.93 7.85 3.36
N ASN A 25 12.37 6.62 3.56
CA ASN A 25 13.47 6.33 4.49
C ASN A 25 14.79 6.93 4.01
N LYS A 26 14.98 6.98 2.70
CA LYS A 26 16.22 7.51 2.14
C LYS A 26 16.21 9.04 2.10
N PHE A 27 15.03 9.62 1.89
CA PHE A 27 14.92 11.07 1.82
C PHE A 27 14.73 11.71 3.20
N GLY A 28 14.76 10.89 4.24
CA GLY A 28 14.61 11.41 5.59
C GLY A 28 13.16 11.67 5.96
N GLN A 29 12.28 10.83 5.46
CA GLN A 29 10.84 10.97 5.74
C GLN A 29 10.59 10.89 7.25
N ASP A 30 9.48 11.48 7.69
CA ASP A 30 9.12 11.47 9.10
C ASP A 30 9.03 10.05 9.63
N GLN A 31 9.61 9.81 10.80
CA GLN A 31 9.60 8.48 11.41
C GLN A 31 8.19 7.94 11.50
N ALA A 32 7.24 8.80 11.85
CA ALA A 32 5.84 8.39 11.96
C ALA A 32 5.32 7.93 10.61
N ASP A 33 5.76 8.59 9.56
CA ASP A 33 5.34 8.24 8.20
C ASP A 33 5.92 6.89 7.80
N ILE A 34 7.16 6.63 8.24
CA ILE A 34 7.82 5.37 7.93
C ILE A 34 7.13 4.23 8.63
N ASP A 35 6.85 4.41 9.91
CA ASP A 35 6.23 3.35 10.69
C ASP A 35 4.92 2.88 10.07
N SER A 36 4.05 3.83 9.69
CA SER A 36 2.78 3.47 9.09
C SER A 36 2.99 2.80 7.74
N LEU A 37 3.87 3.37 6.94
CA LEU A 37 4.15 2.82 5.62
C LEU A 37 4.79 1.44 5.74
N GLN A 38 5.73 1.34 6.65
CA GLN A 38 6.44 0.10 6.89
C GLN A 38 5.50 -0.96 7.44
N ARG A 39 4.69 -0.57 8.42
CA ARG A 39 3.75 -1.49 9.03
C ARG A 39 2.68 -1.91 8.02
N GLN A 40 2.21 -0.97 7.21
CA GLN A 40 1.21 -1.29 6.22
C GLN A 40 1.81 -2.25 5.19
N ILE A 41 3.09 -2.05 4.90
CA ILE A 41 3.81 -2.90 3.96
C ILE A 41 3.86 -4.34 4.46
N ASN A 42 4.27 -4.52 5.71
CA ASN A 42 4.38 -5.85 6.30
C ASN A 42 3.02 -6.52 6.32
N ARG A 43 1.97 -5.74 6.56
CA ARG A 43 0.61 -6.26 6.58
C ARG A 43 0.23 -6.78 5.19
N VAL A 44 0.67 -6.07 4.17
CA VAL A 44 0.40 -6.47 2.80
C VAL A 44 1.16 -7.72 2.44
N GLU A 45 2.37 -7.84 2.96
CA GLU A 45 3.20 -9.00 2.69
C GLU A 45 2.57 -10.26 3.27
N LYS A 46 2.02 -10.16 4.48
CA LYS A 46 1.41 -11.31 5.14
C LYS A 46 -0.04 -11.52 4.74
N PHE A 47 -0.81 -10.44 4.63
CA PHE A 47 -2.22 -10.56 4.29
C PHE A 47 -2.60 -9.80 3.02
N GLY A 48 -1.77 -8.85 2.62
CA GLY A 48 -2.06 -8.10 1.40
C GLY A 48 -2.88 -6.86 1.66
N VAL A 49 -3.35 -6.24 0.58
CA VAL A 49 -4.16 -5.04 0.67
C VAL A 49 -5.63 -5.36 0.93
N ASP A 50 -6.26 -4.59 1.82
CA ASP A 50 -7.65 -4.80 2.15
C ASP A 50 -8.55 -3.93 1.28
N LEU A 51 -9.51 -4.55 0.61
CA LEU A 51 -10.43 -3.84 -0.27
C LEU A 51 -11.19 -2.73 0.47
N ASN A 52 -11.29 -2.87 1.79
CA ASN A 52 -11.99 -1.87 2.60
C ASN A 52 -11.03 -1.17 3.56
N SER A 53 -9.87 -0.78 3.03
CA SER A 53 -8.85 -0.10 3.83
C SER A 53 -8.46 1.24 3.21
N LYS A 54 -7.80 2.08 3.99
CA LYS A 54 -7.33 3.37 3.52
C LYS A 54 -6.33 3.19 2.39
N LEU A 55 -5.60 2.08 2.46
CA LEU A 55 -4.59 1.76 1.45
C LEU A 55 -5.27 1.42 0.11
N ALA A 56 -6.30 0.60 0.17
CA ALA A 56 -7.02 0.20 -1.03
C ALA A 56 -7.67 1.38 -1.72
N GLU A 57 -8.28 2.26 -0.93
CA GLU A 57 -8.92 3.45 -1.49
C GLU A 57 -7.87 4.37 -2.10
N GLU A 58 -6.77 4.57 -1.37
CA GLU A 58 -5.68 5.40 -1.84
C GLU A 58 -5.03 4.77 -3.06
N LEU A 59 -5.04 3.44 -3.08
CA LEU A 59 -4.48 2.66 -4.18
C LEU A 59 -5.39 2.69 -5.39
N GLY A 60 -6.65 3.09 -5.19
CA GLY A 60 -7.60 3.14 -6.27
C GLY A 60 -8.08 1.76 -6.66
N LEU A 61 -8.11 0.86 -5.70
CA LEU A 61 -8.55 -0.51 -5.94
C LEU A 61 -10.07 -0.64 -5.81
N VAL A 62 -10.68 0.28 -5.07
CA VAL A 62 -12.12 0.26 -4.88
C VAL A 62 -12.85 0.33 -6.23
N SER A 63 -13.46 1.48 -6.55
CA SER A 63 -14.15 1.63 -7.82
C SER A 63 -13.59 2.82 -8.60
N ARG A 64 -13.33 2.59 -9.89
CA ARG A 64 -12.78 3.64 -10.77
C ARG A 64 -12.17 3.03 -12.02
N LYS A 65 -11.22 2.11 -11.82
CA LYS A 65 -10.54 1.44 -12.92
C LYS A 65 -9.54 2.36 -13.62
N ASN A 66 -9.34 3.55 -13.08
CA ASN A 66 -8.41 4.52 -13.65
C ASN A 66 -6.98 4.20 -13.25
N GLU A 67 -6.80 3.70 -12.04
CA GLU A 67 -5.48 3.35 -11.53
C GLU A 67 -5.52 2.03 -10.78
N GLY A 1 -10.80 -7.72 -18.32
CA GLY A 1 -10.56 -6.28 -18.60
C GLY A 1 -11.49 -5.37 -17.81
N SER A 2 -11.22 -5.22 -16.52
CA SER A 2 -12.05 -4.38 -15.66
C SER A 2 -11.49 -4.34 -14.24
N ALA A 3 -11.01 -5.48 -13.77
CA ALA A 3 -10.45 -5.58 -12.43
C ALA A 3 -9.07 -6.22 -12.44
N LEU A 4 -8.45 -6.31 -11.27
CA LEU A 4 -7.12 -6.90 -11.15
C LEU A 4 -7.12 -8.05 -10.14
N SER A 5 -6.28 -9.05 -10.39
CA SER A 5 -6.18 -10.19 -9.50
C SER A 5 -5.48 -9.81 -8.20
N PRO A 6 -5.78 -10.52 -7.10
CA PRO A 6 -5.17 -10.24 -5.80
C PRO A 6 -3.65 -10.18 -5.88
N GLU A 7 -3.07 -11.10 -6.64
CA GLU A 7 -1.62 -11.16 -6.79
C GLU A 7 -1.07 -9.85 -7.36
N GLU A 8 -1.75 -9.33 -8.39
CA GLU A 8 -1.32 -8.09 -9.01
C GLU A 8 -1.45 -6.93 -8.03
N ILE A 9 -2.52 -6.94 -7.25
CA ILE A 9 -2.74 -5.88 -6.26
C ILE A 9 -1.71 -5.98 -5.15
N LYS A 10 -1.35 -7.20 -4.81
CA LYS A 10 -0.36 -7.43 -3.76
C LYS A 10 1.00 -6.93 -4.20
N ALA A 11 1.39 -7.28 -5.41
CA ALA A 11 2.67 -6.85 -5.96
C ALA A 11 2.66 -5.35 -6.21
N LYS A 12 1.58 -4.87 -6.82
CA LYS A 12 1.47 -3.45 -7.11
C LYS A 12 1.44 -2.65 -5.81
N ALA A 13 0.74 -3.17 -4.81
CA ALA A 13 0.69 -2.50 -3.52
C ALA A 13 2.09 -2.50 -2.93
N LEU A 14 2.71 -3.67 -2.96
CA LEU A 14 4.05 -3.86 -2.45
C LEU A 14 5.04 -2.94 -3.13
N ASP A 15 4.88 -2.75 -4.44
CA ASP A 15 5.76 -1.88 -5.19
C ASP A 15 5.56 -0.42 -4.78
N LEU A 16 4.30 -0.01 -4.69
CA LEU A 16 3.99 1.37 -4.32
C LEU A 16 4.36 1.65 -2.88
N LEU A 17 4.14 0.68 -2.00
CA LEU A 17 4.48 0.87 -0.59
C LEU A 17 5.98 0.76 -0.42
N ASN A 18 6.59 -0.17 -1.15
CA ASN A 18 8.03 -0.34 -1.07
C ASN A 18 8.74 0.89 -1.60
N LYS A 19 8.29 1.39 -2.74
CA LYS A 19 8.92 2.56 -3.34
C LYS A 19 8.76 3.77 -2.41
N LYS A 20 7.56 3.95 -1.88
CA LYS A 20 7.31 5.05 -0.96
C LYS A 20 8.15 4.88 0.29
N LEU A 21 8.13 3.68 0.85
CA LEU A 21 8.89 3.38 2.05
C LEU A 21 10.38 3.55 1.80
N HIS A 22 10.85 3.06 0.67
CA HIS A 22 12.26 3.18 0.32
C HIS A 22 12.64 4.63 0.09
N ARG A 23 11.78 5.36 -0.63
CA ARG A 23 12.02 6.77 -0.91
C ARG A 23 11.85 7.60 0.36
N ALA A 24 10.83 7.30 1.14
CA ALA A 24 10.57 8.04 2.36
C ALA A 24 11.71 7.93 3.37
N ASN A 25 12.18 6.71 3.59
CA ASN A 25 13.26 6.48 4.55
C ASN A 25 14.59 7.01 4.04
N LYS A 26 14.80 7.02 2.73
CA LYS A 26 16.04 7.50 2.17
C LYS A 26 16.06 9.03 2.08
N PHE A 27 14.90 9.62 1.84
CA PHE A 27 14.79 11.08 1.72
C PHE A 27 14.63 11.76 3.08
N GLY A 28 14.47 10.98 4.14
CA GLY A 28 14.32 11.55 5.47
C GLY A 28 12.88 11.92 5.80
N GLN A 29 11.94 11.09 5.36
CA GLN A 29 10.53 11.34 5.62
C GLN A 29 10.22 11.17 7.11
N ASP A 30 9.07 11.70 7.53
CA ASP A 30 8.68 11.60 8.94
C ASP A 30 8.72 10.16 9.41
N GLN A 31 9.36 9.93 10.56
CA GLN A 31 9.48 8.58 11.12
C GLN A 31 8.12 7.90 11.24
N ALA A 32 7.12 8.67 11.65
CA ALA A 32 5.77 8.12 11.80
C ALA A 32 5.24 7.68 10.45
N ASP A 33 5.58 8.44 9.41
CA ASP A 33 5.14 8.12 8.06
C ASP A 33 5.79 6.84 7.57
N ILE A 34 7.04 6.62 7.95
CA ILE A 34 7.76 5.43 7.55
C ILE A 34 7.21 4.19 8.25
N ASP A 35 7.03 4.30 9.57
CA ASP A 35 6.50 3.17 10.34
C ASP A 35 5.09 2.82 9.89
N SER A 36 4.29 3.85 9.60
CA SER A 36 2.92 3.63 9.14
C SER A 36 2.95 2.90 7.81
N LEU A 37 3.84 3.34 6.94
CA LEU A 37 4.00 2.74 5.64
C LEU A 37 4.51 1.31 5.81
N GLN A 38 5.43 1.15 6.75
CA GLN A 38 6.03 -0.14 7.06
C GLN A 38 4.99 -1.12 7.57
N ARG A 39 4.16 -0.68 8.51
CA ARG A 39 3.12 -1.53 9.06
C ARG A 39 2.18 -1.96 7.95
N GLN A 40 1.93 -1.04 7.03
CA GLN A 40 1.07 -1.32 5.90
C GLN A 40 1.72 -2.37 5.01
N ILE A 41 3.03 -2.25 4.82
CA ILE A 41 3.78 -3.20 4.01
C ILE A 41 3.69 -4.61 4.58
N ASN A 42 3.97 -4.73 5.87
CA ASN A 42 3.91 -6.01 6.56
C ASN A 42 2.53 -6.63 6.44
N ARG A 43 1.51 -5.78 6.54
CA ARG A 43 0.13 -6.25 6.44
C ARG A 43 -0.13 -6.85 5.06
N VAL A 44 0.41 -6.19 4.04
CA VAL A 44 0.23 -6.66 2.66
C VAL A 44 0.99 -7.94 2.41
N GLU A 45 2.16 -8.07 3.02
CA GLU A 45 2.96 -9.27 2.84
C GLU A 45 2.25 -10.50 3.42
N LYS A 46 1.65 -10.33 4.60
CA LYS A 46 0.96 -11.44 5.26
C LYS A 46 -0.48 -11.61 4.79
N PHE A 47 -1.19 -10.50 4.59
CA PHE A 47 -2.60 -10.59 4.20
C PHE A 47 -2.89 -9.88 2.87
N GLY A 48 -2.00 -8.97 2.47
CA GLY A 48 -2.21 -8.26 1.23
C GLY A 48 -2.94 -6.95 1.42
N VAL A 49 -3.49 -6.41 0.33
CA VAL A 49 -4.21 -5.15 0.38
C VAL A 49 -5.68 -5.37 0.73
N ASP A 50 -6.18 -4.58 1.66
CA ASP A 50 -7.58 -4.67 2.08
C ASP A 50 -8.44 -3.74 1.25
N LEU A 51 -9.48 -4.30 0.62
CA LEU A 51 -10.38 -3.51 -0.21
C LEU A 51 -10.98 -2.34 0.56
N ASN A 52 -10.96 -2.43 1.89
CA ASN A 52 -11.50 -1.38 2.74
C ASN A 52 -10.43 -0.81 3.66
N SER A 53 -9.30 -0.43 3.09
CA SER A 53 -8.20 0.14 3.88
C SER A 53 -7.71 1.45 3.28
N LYS A 54 -6.99 2.25 4.09
CA LYS A 54 -6.46 3.52 3.62
C LYS A 54 -5.45 3.27 2.50
N LEU A 55 -4.64 2.22 2.67
CA LEU A 55 -3.65 1.86 1.67
C LEU A 55 -4.35 1.59 0.36
N ALA A 56 -5.41 0.79 0.43
CA ALA A 56 -6.21 0.48 -0.74
C ALA A 56 -6.72 1.77 -1.38
N GLU A 57 -7.13 2.72 -0.54
CA GLU A 57 -7.61 4.00 -1.04
C GLU A 57 -6.52 4.64 -1.89
N GLU A 58 -5.29 4.48 -1.42
CA GLU A 58 -4.12 4.99 -2.14
C GLU A 58 -3.97 4.21 -3.44
N LEU A 59 -4.43 2.95 -3.42
CA LEU A 59 -4.36 2.08 -4.58
C LEU A 59 -5.64 2.16 -5.44
N GLY A 60 -6.63 2.91 -4.96
CA GLY A 60 -7.88 3.07 -5.69
C GLY A 60 -8.94 2.04 -5.32
N LEU A 61 -8.69 1.27 -4.27
CA LEU A 61 -9.63 0.26 -3.79
C LEU A 61 -10.60 0.85 -2.79
N VAL A 62 -10.18 1.94 -2.12
CA VAL A 62 -11.02 2.64 -1.14
C VAL A 62 -10.97 2.01 0.25
N SER A 63 -11.42 2.78 1.24
CA SER A 63 -11.45 2.33 2.63
C SER A 63 -12.89 2.07 3.09
N ARG A 64 -13.05 1.16 4.04
CA ARG A 64 -14.36 0.79 4.57
C ARG A 64 -15.34 1.98 4.57
N LYS A 65 -16.50 1.75 3.98
CA LYS A 65 -17.53 2.78 3.90
C LYS A 65 -18.77 2.25 3.21
N ASN A 66 -18.57 1.61 2.07
CA ASN A 66 -19.67 1.03 1.30
C ASN A 66 -20.82 2.02 1.13
N GLU A 67 -21.92 1.55 0.53
CA GLU A 67 -23.08 2.39 0.31
C GLU A 67 -24.03 2.33 1.50
N GLY A 1 -5.11 0.18 -10.14
CA GLY A 1 -5.82 -0.12 -11.42
C GLY A 1 -7.28 -0.44 -11.22
N SER A 2 -7.99 -0.68 -12.32
CA SER A 2 -9.40 -1.01 -12.26
C SER A 2 -9.63 -2.47 -12.66
N ALA A 3 -8.80 -2.98 -13.55
CA ALA A 3 -8.91 -4.35 -14.01
C ALA A 3 -7.68 -5.17 -13.62
N LEU A 4 -7.40 -5.21 -12.32
CA LEU A 4 -6.25 -5.96 -11.82
C LEU A 4 -6.69 -7.08 -10.90
N SER A 5 -5.91 -8.15 -10.85
CA SER A 5 -6.22 -9.31 -10.02
C SER A 5 -5.60 -9.17 -8.63
N PRO A 6 -6.19 -9.85 -7.63
CA PRO A 6 -5.71 -9.83 -6.25
C PRO A 6 -4.21 -10.10 -6.14
N GLU A 7 -3.69 -10.86 -7.10
CA GLU A 7 -2.27 -11.17 -7.14
C GLU A 7 -1.47 -9.95 -7.56
N GLU A 8 -1.96 -9.28 -8.60
CA GLU A 8 -1.31 -8.09 -9.11
C GLU A 8 -1.51 -6.91 -8.17
N ILE A 9 -2.67 -6.86 -7.53
CA ILE A 9 -2.97 -5.77 -6.59
C ILE A 9 -2.07 -5.86 -5.36
N LYS A 10 -1.93 -7.05 -4.83
CA LYS A 10 -1.10 -7.26 -3.65
C LYS A 10 0.37 -7.00 -3.97
N ALA A 11 0.82 -7.50 -5.11
CA ALA A 11 2.19 -7.29 -5.53
C ALA A 11 2.41 -5.83 -5.89
N LYS A 12 1.43 -5.24 -6.57
CA LYS A 12 1.52 -3.84 -6.96
C LYS A 12 1.65 -2.95 -5.74
N ALA A 13 0.85 -3.22 -4.72
CA ALA A 13 0.92 -2.44 -3.49
C ALA A 13 2.26 -2.64 -2.83
N LEU A 14 2.66 -3.89 -2.66
CA LEU A 14 3.93 -4.21 -2.05
C LEU A 14 5.09 -3.59 -2.80
N ASP A 15 5.02 -3.60 -4.12
CA ASP A 15 6.07 -3.02 -4.93
C ASP A 15 6.08 -1.51 -4.82
N LEU A 16 4.92 -0.89 -4.99
CA LEU A 16 4.81 0.56 -4.91
C LEU A 16 5.05 1.05 -3.50
N LEU A 17 4.65 0.26 -2.52
CA LEU A 17 4.84 0.62 -1.13
C LEU A 17 6.28 0.45 -0.73
N ASN A 18 6.90 -0.63 -1.21
CA ASN A 18 8.30 -0.88 -0.90
C ASN A 18 9.16 0.25 -1.43
N LYS A 19 8.90 0.65 -2.67
CA LYS A 19 9.67 1.73 -3.29
C LYS A 19 9.42 3.06 -2.60
N LYS A 20 8.16 3.34 -2.27
CA LYS A 20 7.79 4.59 -1.62
C LYS A 20 8.24 4.59 -0.17
N LEU A 21 8.31 3.41 0.42
CA LEU A 21 8.77 3.29 1.80
C LEU A 21 10.26 3.61 1.84
N HIS A 22 10.98 3.05 0.87
CA HIS A 22 12.41 3.28 0.75
C HIS A 22 12.68 4.72 0.34
N ARG A 23 11.81 5.25 -0.52
CA ARG A 23 11.94 6.63 -0.98
C ARG A 23 11.70 7.58 0.19
N ALA A 24 10.68 7.30 0.97
CA ALA A 24 10.35 8.13 2.13
C ALA A 24 11.51 8.16 3.12
N ASN A 25 12.10 6.99 3.36
CA ASN A 25 13.21 6.88 4.29
C ASN A 25 14.48 7.53 3.74
N LYS A 26 14.67 7.41 2.43
CA LYS A 26 15.83 7.97 1.75
C LYS A 26 15.92 9.49 1.93
N PHE A 27 14.76 10.15 1.92
CA PHE A 27 14.72 11.60 2.07
C PHE A 27 14.41 12.02 3.51
N GLY A 28 14.18 11.04 4.38
CA GLY A 28 13.90 11.35 5.77
C GLY A 28 12.46 11.78 6.00
N GLN A 29 11.56 11.30 5.14
CA GLN A 29 10.14 11.63 5.25
C GLN A 29 9.66 11.48 6.70
N ASP A 30 8.44 11.93 6.96
CA ASP A 30 7.87 11.83 8.30
C ASP A 30 7.99 10.41 8.84
N GLN A 31 8.69 10.26 9.95
CA GLN A 31 8.90 8.94 10.57
C GLN A 31 7.57 8.23 10.79
N ALA A 32 6.56 8.98 11.20
CA ALA A 32 5.24 8.40 11.44
C ALA A 32 4.67 7.83 10.15
N ASP A 33 4.94 8.52 9.05
CA ASP A 33 4.45 8.08 7.74
C ASP A 33 5.19 6.82 7.31
N ILE A 34 6.47 6.72 7.68
CA ILE A 34 7.26 5.56 7.33
C ILE A 34 6.77 4.33 8.08
N ASP A 35 6.55 4.48 9.38
CA ASP A 35 6.07 3.38 10.19
C ASP A 35 4.69 2.92 9.71
N SER A 36 3.88 3.89 9.30
CA SER A 36 2.55 3.58 8.78
C SER A 36 2.70 2.73 7.52
N LEU A 37 3.67 3.09 6.69
CA LEU A 37 3.94 2.33 5.48
C LEU A 37 4.42 0.93 5.83
N GLN A 38 5.19 0.84 6.92
CA GLN A 38 5.71 -0.44 7.38
C GLN A 38 4.61 -1.38 7.84
N ARG A 39 3.68 -0.85 8.63
CA ARG A 39 2.58 -1.64 9.13
C ARG A 39 1.68 -2.09 7.98
N GLN A 40 1.52 -1.21 7.00
CA GLN A 40 0.69 -1.53 5.84
C GLN A 40 1.39 -2.56 4.97
N ILE A 41 2.69 -2.34 4.73
CA ILE A 41 3.47 -3.26 3.91
C ILE A 41 3.51 -4.63 4.56
N ASN A 42 3.84 -4.66 5.84
CA ASN A 42 3.90 -5.92 6.59
C ASN A 42 2.55 -6.64 6.52
N ARG A 43 1.48 -5.87 6.58
CA ARG A 43 0.13 -6.44 6.51
C ARG A 43 -0.11 -7.03 5.13
N VAL A 44 0.40 -6.36 4.10
CA VAL A 44 0.23 -6.83 2.73
C VAL A 44 1.04 -8.09 2.48
N GLU A 45 2.24 -8.12 3.00
CA GLU A 45 3.12 -9.27 2.82
C GLU A 45 2.52 -10.51 3.45
N LYS A 46 1.92 -10.36 4.63
CA LYS A 46 1.33 -11.48 5.34
C LYS A 46 -0.12 -11.77 4.92
N PHE A 47 -0.92 -10.73 4.72
CA PHE A 47 -2.33 -10.93 4.34
C PHE A 47 -2.70 -10.25 3.02
N GLY A 48 -1.89 -9.29 2.59
CA GLY A 48 -2.19 -8.59 1.35
C GLY A 48 -2.88 -7.25 1.58
N VAL A 49 -3.36 -6.64 0.51
CA VAL A 49 -4.02 -5.34 0.60
C VAL A 49 -5.47 -5.51 1.04
N ASP A 50 -5.88 -4.70 2.02
CA ASP A 50 -7.24 -4.74 2.53
C ASP A 50 -8.13 -3.75 1.81
N LEU A 51 -9.31 -4.22 1.38
CA LEU A 51 -10.25 -3.37 0.67
C LEU A 51 -10.64 -2.15 1.50
N ASN A 52 -10.53 -2.27 2.82
CA ASN A 52 -10.87 -1.17 3.71
C ASN A 52 -9.67 -0.75 4.55
N SER A 53 -8.57 -0.40 3.87
CA SER A 53 -7.35 0.03 4.55
C SER A 53 -6.88 1.37 3.97
N LYS A 54 -5.98 2.04 4.68
CA LYS A 54 -5.46 3.31 4.21
C LYS A 54 -4.69 3.11 2.91
N LEU A 55 -4.08 1.94 2.77
CA LEU A 55 -3.33 1.61 1.57
C LEU A 55 -4.25 1.50 0.36
N ALA A 56 -5.31 0.70 0.49
CA ALA A 56 -6.27 0.52 -0.60
C ALA A 56 -6.88 1.86 -1.03
N GLU A 57 -7.21 2.71 -0.07
CA GLU A 57 -7.78 4.01 -0.40
C GLU A 57 -6.76 4.88 -1.11
N GLU A 58 -5.52 4.86 -0.62
CA GLU A 58 -4.45 5.63 -1.21
C GLU A 58 -4.13 5.11 -2.60
N LEU A 59 -4.28 3.79 -2.76
CA LEU A 59 -4.04 3.14 -4.04
C LEU A 59 -5.25 3.31 -4.96
N GLY A 60 -6.34 3.84 -4.41
CA GLY A 60 -7.53 4.05 -5.19
C GLY A 60 -8.20 2.74 -5.58
N LEU A 61 -7.92 1.69 -4.81
CA LEU A 61 -8.48 0.38 -5.09
C LEU A 61 -9.76 0.12 -4.28
N VAL A 62 -10.15 1.11 -3.46
CA VAL A 62 -11.35 0.96 -2.63
C VAL A 62 -12.61 1.35 -3.41
N SER A 63 -12.85 2.65 -3.53
CA SER A 63 -14.01 3.16 -4.24
C SER A 63 -13.61 4.11 -5.36
N ARG A 64 -14.43 4.15 -6.41
CA ARG A 64 -14.16 5.02 -7.56
C ARG A 64 -12.76 4.77 -8.11
N LYS A 65 -11.78 5.53 -7.63
CA LYS A 65 -10.40 5.38 -8.08
C LYS A 65 -9.48 6.39 -7.38
N ASN A 66 -9.35 7.58 -7.94
CA ASN A 66 -8.52 8.62 -7.35
C ASN A 66 -9.02 10.02 -7.72
N GLU A 67 -8.35 11.03 -7.20
CA GLU A 67 -8.74 12.41 -7.48
C GLU A 67 -7.82 13.04 -8.53
N GLY A 1 -5.81 -2.26 -15.30
CA GLY A 1 -6.98 -1.42 -15.68
C GLY A 1 -8.26 -1.89 -15.03
N SER A 2 -8.40 -1.57 -13.74
CA SER A 2 -9.59 -1.95 -12.98
C SER A 2 -9.64 -3.45 -12.74
N ALA A 3 -9.80 -4.20 -13.83
CA ALA A 3 -9.86 -5.66 -13.75
C ALA A 3 -8.47 -6.27 -13.58
N LEU A 4 -7.93 -6.15 -12.38
CA LEU A 4 -6.60 -6.68 -12.08
C LEU A 4 -6.70 -7.97 -11.26
N SER A 5 -5.64 -8.77 -11.31
CA SER A 5 -5.61 -10.03 -10.57
C SER A 5 -5.23 -9.78 -9.11
N PRO A 6 -5.65 -10.68 -8.21
CA PRO A 6 -5.36 -10.55 -6.78
C PRO A 6 -3.87 -10.45 -6.50
N GLU A 7 -3.07 -11.17 -7.30
CA GLU A 7 -1.63 -11.15 -7.15
C GLU A 7 -1.06 -9.82 -7.64
N GLU A 8 -1.76 -9.19 -8.57
CA GLU A 8 -1.31 -7.90 -9.10
C GLU A 8 -1.56 -6.82 -8.06
N ILE A 9 -2.68 -6.90 -7.36
CA ILE A 9 -3.01 -5.93 -6.34
C ILE A 9 -2.03 -6.05 -5.18
N LYS A 10 -1.69 -7.28 -4.83
CA LYS A 10 -0.75 -7.53 -3.74
C LYS A 10 0.64 -7.02 -4.11
N ALA A 11 1.12 -7.41 -5.27
CA ALA A 11 2.43 -6.97 -5.72
C ALA A 11 2.46 -5.48 -5.98
N LYS A 12 1.37 -4.95 -6.53
CA LYS A 12 1.31 -3.53 -6.81
C LYS A 12 1.35 -2.73 -5.52
N ALA A 13 0.66 -3.21 -4.49
CA ALA A 13 0.67 -2.53 -3.21
C ALA A 13 2.08 -2.57 -2.63
N LEU A 14 2.65 -3.76 -2.60
CA LEU A 14 3.99 -3.97 -2.08
C LEU A 14 5.02 -3.13 -2.84
N ASP A 15 4.82 -2.99 -4.14
CA ASP A 15 5.73 -2.20 -4.94
C ASP A 15 5.60 -0.71 -4.63
N LEU A 16 4.36 -0.24 -4.55
CA LEU A 16 4.11 1.16 -4.25
C LEU A 16 4.47 1.49 -2.81
N LEU A 17 4.27 0.54 -1.92
CA LEU A 17 4.59 0.74 -0.52
C LEU A 17 6.09 0.66 -0.31
N ASN A 18 6.72 -0.30 -1.00
CA ASN A 18 8.16 -0.46 -0.89
C ASN A 18 8.86 0.76 -1.46
N LYS A 19 8.40 1.22 -2.62
CA LYS A 19 9.01 2.38 -3.25
C LYS A 19 8.82 3.62 -2.39
N LYS A 20 7.61 3.80 -1.87
CA LYS A 20 7.32 4.95 -1.02
C LYS A 20 8.06 4.85 0.29
N LEU A 21 8.18 3.63 0.81
CA LEU A 21 8.89 3.40 2.06
C LEU A 21 10.38 3.65 1.87
N HIS A 22 10.92 3.17 0.76
CA HIS A 22 12.34 3.35 0.46
C HIS A 22 12.63 4.82 0.15
N ARG A 23 11.71 5.46 -0.58
CA ARG A 23 11.85 6.87 -0.93
C ARG A 23 11.65 7.73 0.30
N ALA A 24 10.67 7.35 1.12
CA ALA A 24 10.40 8.09 2.35
C ALA A 24 11.56 7.97 3.33
N ASN A 25 12.10 6.76 3.45
CA ASN A 25 13.21 6.51 4.37
C ASN A 25 14.50 7.17 3.88
N LYS A 26 14.72 7.14 2.58
CA LYS A 26 15.92 7.72 1.99
C LYS A 26 15.81 9.23 1.86
N PHE A 27 14.59 9.71 1.66
CA PHE A 27 14.35 11.14 1.50
C PHE A 27 14.07 11.83 2.84
N GLY A 28 14.25 11.10 3.94
CA GLY A 28 14.05 11.68 5.25
C GLY A 28 12.62 12.11 5.52
N GLN A 29 11.66 11.33 5.02
CA GLN A 29 10.25 11.65 5.23
C GLN A 29 9.87 11.47 6.70
N ASP A 30 8.69 11.96 7.08
CA ASP A 30 8.23 11.83 8.46
C ASP A 30 8.35 10.38 8.94
N GLN A 31 9.17 10.17 9.98
CA GLN A 31 9.38 8.83 10.51
C GLN A 31 8.07 8.13 10.84
N ALA A 32 7.14 8.87 11.43
CA ALA A 32 5.84 8.30 11.79
C ALA A 32 5.12 7.80 10.56
N ASP A 33 5.27 8.53 9.46
CA ASP A 33 4.63 8.15 8.20
C ASP A 33 5.31 6.91 7.63
N ILE A 34 6.61 6.79 7.86
CA ILE A 34 7.35 5.63 7.36
C ILE A 34 6.93 4.37 8.08
N ASP A 35 6.84 4.42 9.41
CA ASP A 35 6.44 3.24 10.19
C ASP A 35 5.05 2.81 9.78
N SER A 36 4.17 3.78 9.52
CA SER A 36 2.81 3.48 9.09
C SER A 36 2.88 2.70 7.79
N LEU A 37 3.74 3.16 6.90
CA LEU A 37 3.94 2.51 5.62
C LEU A 37 4.42 1.08 5.86
N GLN A 38 5.26 0.91 6.88
CA GLN A 38 5.80 -0.40 7.23
C GLN A 38 4.70 -1.35 7.67
N ARG A 39 3.84 -0.86 8.56
CA ARG A 39 2.75 -1.68 9.06
C ARG A 39 1.86 -2.12 7.90
N GLN A 40 1.72 -1.24 6.92
CA GLN A 40 0.92 -1.52 5.75
C GLN A 40 1.59 -2.61 4.91
N ILE A 41 2.89 -2.49 4.73
CA ILE A 41 3.64 -3.47 3.94
C ILE A 41 3.53 -4.85 4.57
N ASN A 42 3.81 -4.93 5.87
CA ASN A 42 3.75 -6.20 6.58
C ASN A 42 2.35 -6.80 6.46
N ARG A 43 1.34 -5.95 6.53
CA ARG A 43 -0.04 -6.40 6.42
C ARG A 43 -0.31 -6.97 5.04
N VAL A 44 0.25 -6.33 4.01
CA VAL A 44 0.06 -6.80 2.64
C VAL A 44 0.77 -8.11 2.39
N GLU A 45 1.95 -8.26 2.96
CA GLU A 45 2.73 -9.48 2.78
C GLU A 45 2.00 -10.67 3.39
N LYS A 46 1.42 -10.48 4.58
CA LYS A 46 0.72 -11.55 5.27
C LYS A 46 -0.73 -11.72 4.80
N PHE A 47 -1.43 -10.62 4.58
CA PHE A 47 -2.84 -10.69 4.16
C PHE A 47 -3.12 -9.97 2.85
N GLY A 48 -2.23 -9.06 2.45
CA GLY A 48 -2.44 -8.33 1.21
C GLY A 48 -3.11 -6.99 1.43
N VAL A 49 -3.65 -6.43 0.35
CA VAL A 49 -4.31 -5.13 0.43
C VAL A 49 -5.74 -5.27 0.95
N ASP A 50 -6.07 -4.48 1.96
CA ASP A 50 -7.41 -4.50 2.55
C ASP A 50 -8.31 -3.48 1.85
N LEU A 51 -9.48 -3.94 1.42
CA LEU A 51 -10.43 -3.08 0.73
C LEU A 51 -10.80 -1.86 1.56
N ASN A 52 -10.58 -1.93 2.88
CA ASN A 52 -10.91 -0.81 3.76
C ASN A 52 -9.68 -0.37 4.57
N SER A 53 -8.58 -0.10 3.87
CA SER A 53 -7.35 0.34 4.53
C SER A 53 -6.82 1.61 3.86
N LYS A 54 -5.93 2.31 4.55
CA LYS A 54 -5.34 3.53 4.00
C LYS A 54 -4.55 3.20 2.75
N LEU A 55 -3.99 1.99 2.72
CA LEU A 55 -3.20 1.52 1.59
C LEU A 55 -4.08 1.39 0.36
N ALA A 56 -5.20 0.68 0.51
CA ALA A 56 -6.13 0.47 -0.59
C ALA A 56 -6.64 1.79 -1.14
N GLU A 57 -6.93 2.75 -0.26
CA GLU A 57 -7.41 4.05 -0.71
C GLU A 57 -6.33 4.76 -1.52
N GLU A 58 -5.08 4.64 -1.06
CA GLU A 58 -3.95 5.24 -1.76
C GLU A 58 -3.76 4.59 -3.11
N LEU A 59 -4.01 3.28 -3.16
CA LEU A 59 -3.89 2.50 -4.39
C LEU A 59 -5.16 2.64 -5.24
N GLY A 60 -6.23 3.13 -4.62
CA GLY A 60 -7.48 3.31 -5.32
C GLY A 60 -8.37 2.07 -5.34
N LEU A 61 -8.01 1.06 -4.56
CA LEU A 61 -8.78 -0.17 -4.50
C LEU A 61 -9.76 -0.15 -3.32
N VAL A 62 -9.62 0.84 -2.44
CA VAL A 62 -10.49 0.97 -1.27
C VAL A 62 -11.97 0.82 -1.65
N SER A 63 -12.79 0.46 -0.66
CA SER A 63 -14.22 0.29 -0.87
C SER A 63 -15.00 1.47 -0.29
N ARG A 64 -16.15 1.76 -0.88
CA ARG A 64 -16.99 2.86 -0.41
C ARG A 64 -17.33 2.69 1.07
N LYS A 65 -16.87 3.63 1.89
CA LYS A 65 -17.12 3.58 3.32
C LYS A 65 -18.61 3.71 3.62
N ASN A 66 -18.95 3.67 4.90
CA ASN A 66 -20.34 3.77 5.32
C ASN A 66 -20.51 4.84 6.40
N GLU A 67 -19.60 4.82 7.37
CA GLU A 67 -19.64 5.78 8.47
C GLU A 67 -20.95 5.67 9.25
N GLY A 1 -14.01 -1.03 -15.22
CA GLY A 1 -13.33 -1.63 -14.04
C GLY A 1 -12.31 -2.69 -14.42
N SER A 2 -12.78 -3.90 -14.71
CA SER A 2 -11.90 -5.00 -15.11
C SER A 2 -11.37 -5.76 -13.88
N ALA A 3 -11.24 -5.05 -12.76
CA ALA A 3 -10.75 -5.66 -11.53
C ALA A 3 -9.32 -6.17 -11.70
N LEU A 4 -8.59 -6.26 -10.60
CA LEU A 4 -7.21 -6.73 -10.61
C LEU A 4 -7.06 -7.97 -9.75
N SER A 5 -6.28 -8.93 -10.22
CA SER A 5 -6.05 -10.16 -9.49
C SER A 5 -5.32 -9.86 -8.18
N PRO A 6 -5.70 -10.52 -7.07
CA PRO A 6 -5.06 -10.30 -5.77
C PRO A 6 -3.55 -10.28 -5.88
N GLU A 7 -3.00 -11.20 -6.67
CA GLU A 7 -1.56 -11.29 -6.85
C GLU A 7 -1.00 -9.96 -7.39
N GLU A 8 -1.68 -9.40 -8.38
CA GLU A 8 -1.22 -8.15 -8.98
C GLU A 8 -1.40 -6.96 -8.02
N ILE A 9 -2.53 -6.92 -7.32
CA ILE A 9 -2.78 -5.83 -6.39
C ILE A 9 -1.82 -5.91 -5.21
N LYS A 10 -1.56 -7.13 -4.76
CA LYS A 10 -0.66 -7.35 -3.64
C LYS A 10 0.77 -6.95 -4.00
N ALA A 11 1.22 -7.40 -5.16
CA ALA A 11 2.56 -7.06 -5.62
C ALA A 11 2.63 -5.58 -5.93
N LYS A 12 1.58 -5.08 -6.59
CA LYS A 12 1.51 -3.67 -6.95
C LYS A 12 1.62 -2.81 -5.70
N ALA A 13 0.90 -3.18 -4.65
CA ALA A 13 0.94 -2.44 -3.40
C ALA A 13 2.33 -2.55 -2.81
N LEU A 14 2.85 -3.77 -2.78
CA LEU A 14 4.17 -4.04 -2.23
C LEU A 14 5.24 -3.25 -2.96
N ASP A 15 5.10 -3.14 -4.27
CA ASP A 15 6.06 -2.40 -5.07
C ASP A 15 5.98 -0.91 -4.80
N LEU A 16 4.76 -0.37 -4.83
CA LEU A 16 4.57 1.05 -4.60
C LEU A 16 4.85 1.42 -3.16
N LEU A 17 4.56 0.51 -2.24
CA LEU A 17 4.80 0.74 -0.83
C LEU A 17 6.28 0.62 -0.54
N ASN A 18 6.92 -0.37 -1.15
CA ASN A 18 8.35 -0.56 -0.94
C ASN A 18 9.13 0.62 -1.48
N LYS A 19 8.77 1.07 -2.69
CA LYS A 19 9.46 2.21 -3.29
C LYS A 19 9.22 3.47 -2.46
N LYS A 20 7.99 3.65 -2.00
CA LYS A 20 7.64 4.80 -1.17
C LYS A 20 8.41 4.73 0.13
N LEU A 21 8.40 3.56 0.76
CA LEU A 21 9.09 3.35 2.01
C LEU A 21 10.58 3.61 1.85
N HIS A 22 11.15 3.09 0.78
CA HIS A 22 12.56 3.26 0.50
C HIS A 22 12.86 4.71 0.16
N ARG A 23 11.97 5.32 -0.61
CA ARG A 23 12.14 6.71 -0.99
C ARG A 23 11.93 7.62 0.22
N ALA A 24 10.92 7.29 1.02
CA ALA A 24 10.62 8.06 2.21
C ALA A 24 11.80 8.02 3.20
N ASN A 25 12.33 6.83 3.41
CA ASN A 25 13.46 6.64 4.32
C ASN A 25 14.73 7.28 3.76
N LYS A 26 14.84 7.29 2.44
CA LYS A 26 16.01 7.86 1.77
C LYS A 26 16.13 9.36 2.03
N PHE A 27 15.00 10.05 2.09
CA PHE A 27 15.00 11.49 2.32
C PHE A 27 14.67 11.84 3.77
N GLY A 28 14.45 10.83 4.60
CA GLY A 28 14.15 11.08 6.00
C GLY A 28 12.72 11.50 6.24
N GLN A 29 11.81 11.03 5.38
CA GLN A 29 10.39 11.37 5.51
C GLN A 29 9.91 11.23 6.96
N ASP A 30 8.71 11.73 7.23
CA ASP A 30 8.15 11.66 8.57
C ASP A 30 8.20 10.24 9.12
N GLN A 31 8.80 10.07 10.28
CA GLN A 31 8.92 8.75 10.91
C GLN A 31 7.57 8.06 11.00
N ALA A 32 6.54 8.82 11.36
CA ALA A 32 5.20 8.27 11.48
C ALA A 32 4.72 7.75 10.12
N ASP A 33 5.09 8.46 9.07
CA ASP A 33 4.71 8.08 7.71
C ASP A 33 5.42 6.80 7.31
N ILE A 34 6.65 6.63 7.78
CA ILE A 34 7.42 5.43 7.46
C ILE A 34 6.84 4.21 8.15
N ASP A 35 6.56 4.34 9.44
CA ASP A 35 5.99 3.23 10.20
C ASP A 35 4.62 2.85 9.65
N SER A 36 3.84 3.84 9.24
CA SER A 36 2.52 3.58 8.69
C SER A 36 2.66 2.81 7.39
N LEU A 37 3.60 3.26 6.57
CA LEU A 37 3.88 2.60 5.30
C LEU A 37 4.42 1.21 5.57
N GLN A 38 5.24 1.10 6.61
CA GLN A 38 5.84 -0.15 7.00
C GLN A 38 4.77 -1.15 7.45
N ARG A 39 3.87 -0.69 8.30
CA ARG A 39 2.79 -1.54 8.80
C ARG A 39 1.93 -2.03 7.64
N GLN A 40 1.74 -1.16 6.66
CA GLN A 40 0.96 -1.50 5.49
C GLN A 40 1.67 -2.58 4.67
N ILE A 41 2.98 -2.43 4.54
CA ILE A 41 3.77 -3.38 3.79
C ILE A 41 3.68 -4.78 4.40
N ASN A 42 3.91 -4.85 5.71
CA ASN A 42 3.85 -6.13 6.42
C ASN A 42 2.46 -6.76 6.30
N ARG A 43 1.44 -5.92 6.37
CA ARG A 43 0.06 -6.40 6.25
C ARG A 43 -0.20 -6.97 4.87
N VAL A 44 0.30 -6.29 3.85
CA VAL A 44 0.10 -6.74 2.48
C VAL A 44 0.87 -8.01 2.18
N GLU A 45 2.08 -8.10 2.69
CA GLU A 45 2.91 -9.28 2.45
C GLU A 45 2.27 -10.52 3.07
N LYS A 46 1.72 -10.38 4.28
CA LYS A 46 1.11 -11.53 4.95
C LYS A 46 -0.35 -11.73 4.57
N PHE A 47 -1.12 -10.65 4.44
CA PHE A 47 -2.55 -10.78 4.11
C PHE A 47 -2.92 -10.08 2.80
N GLY A 48 -2.09 -9.16 2.35
CA GLY A 48 -2.39 -8.45 1.12
C GLY A 48 -3.06 -7.11 1.37
N VAL A 49 -3.55 -6.48 0.31
CA VAL A 49 -4.22 -5.19 0.44
C VAL A 49 -5.67 -5.36 0.89
N ASP A 50 -6.05 -4.58 1.89
CA ASP A 50 -7.42 -4.64 2.42
C ASP A 50 -8.32 -3.67 1.67
N LEU A 51 -9.45 -4.17 1.17
CA LEU A 51 -10.39 -3.34 0.43
C LEU A 51 -10.85 -2.14 1.25
N ASN A 52 -10.72 -2.23 2.57
CA ASN A 52 -11.13 -1.14 3.45
C ASN A 52 -9.96 -0.66 4.31
N SER A 53 -8.86 -0.29 3.66
CA SER A 53 -7.67 0.20 4.37
C SER A 53 -7.22 1.54 3.79
N LYS A 54 -6.38 2.26 4.53
CA LYS A 54 -5.88 3.54 4.06
C LYS A 54 -5.05 3.36 2.79
N LEU A 55 -4.40 2.20 2.69
CA LEU A 55 -3.56 1.89 1.55
C LEU A 55 -4.41 1.73 0.29
N ALA A 56 -5.46 0.90 0.39
CA ALA A 56 -6.33 0.66 -0.75
C ALA A 56 -7.00 1.95 -1.22
N GLU A 57 -7.42 2.79 -0.28
CA GLU A 57 -8.05 4.06 -0.65
C GLU A 57 -7.03 4.93 -1.38
N GLU A 58 -5.79 4.89 -0.89
CA GLU A 58 -4.71 5.65 -1.50
C GLU A 58 -4.42 5.09 -2.89
N LEU A 59 -4.55 3.78 -3.02
CA LEU A 59 -4.32 3.11 -4.29
C LEU A 59 -5.55 3.20 -5.20
N GLY A 60 -6.69 3.55 -4.62
CA GLY A 60 -7.91 3.68 -5.38
C GLY A 60 -8.73 2.39 -5.44
N LEU A 61 -8.37 1.40 -4.63
CA LEU A 61 -9.10 0.13 -4.62
C LEU A 61 -10.48 0.30 -3.99
N VAL A 62 -10.66 1.37 -3.24
CA VAL A 62 -11.94 1.66 -2.60
C VAL A 62 -13.10 1.51 -3.58
N SER A 63 -14.33 1.60 -3.08
CA SER A 63 -15.50 1.47 -3.93
C SER A 63 -15.64 2.68 -4.84
N ARG A 64 -15.89 2.43 -6.13
CA ARG A 64 -16.03 3.51 -7.09
C ARG A 64 -16.40 2.97 -8.47
N LYS A 65 -15.60 2.03 -8.97
CA LYS A 65 -15.83 1.44 -10.28
C LYS A 65 -15.87 2.50 -11.37
N ASN A 66 -14.88 2.47 -12.24
CA ASN A 66 -14.79 3.43 -13.34
C ASN A 66 -13.71 3.03 -14.33
N GLU A 67 -12.55 2.64 -13.80
CA GLU A 67 -11.42 2.23 -14.63
C GLU A 67 -11.31 0.71 -14.70
N GLY A 1 -5.84 -2.79 -14.02
CA GLY A 1 -7.13 -2.10 -13.77
C GLY A 1 -8.33 -3.00 -14.02
N SER A 2 -9.52 -2.45 -13.82
CA SER A 2 -10.76 -3.21 -14.02
C SER A 2 -10.84 -4.38 -13.04
N ALA A 3 -10.16 -5.48 -13.37
CA ALA A 3 -10.17 -6.66 -12.52
C ALA A 3 -8.76 -7.21 -12.33
N LEU A 4 -8.20 -6.99 -11.14
CA LEU A 4 -6.85 -7.46 -10.83
C LEU A 4 -6.91 -8.69 -9.92
N SER A 5 -5.81 -9.43 -9.88
CA SER A 5 -5.72 -10.62 -9.04
C SER A 5 -5.01 -10.28 -7.73
N PRO A 6 -5.21 -11.09 -6.68
CA PRO A 6 -4.59 -10.84 -5.38
C PRO A 6 -3.07 -10.73 -5.49
N GLU A 7 -2.48 -11.61 -6.28
CA GLU A 7 -1.04 -11.61 -6.47
C GLU A 7 -0.58 -10.27 -7.04
N GLU A 8 -1.33 -9.76 -8.01
CA GLU A 8 -1.00 -8.49 -8.64
C GLU A 8 -1.31 -7.32 -7.73
N ILE A 9 -2.41 -7.42 -6.97
CA ILE A 9 -2.80 -6.36 -6.07
C ILE A 9 -1.81 -6.24 -4.91
N LYS A 10 -1.42 -7.38 -4.35
CA LYS A 10 -0.48 -7.40 -3.26
C LYS A 10 0.89 -6.93 -3.73
N ALA A 11 1.28 -7.39 -4.91
CA ALA A 11 2.56 -7.02 -5.48
C ALA A 11 2.57 -5.54 -5.86
N LYS A 12 1.51 -5.09 -6.50
CA LYS A 12 1.41 -3.70 -6.90
C LYS A 12 1.37 -2.81 -5.66
N ALA A 13 0.63 -3.26 -4.65
CA ALA A 13 0.54 -2.51 -3.40
C ALA A 13 1.91 -2.47 -2.74
N LEU A 14 2.52 -3.64 -2.63
CA LEU A 14 3.83 -3.78 -2.04
C LEU A 14 4.86 -2.95 -2.79
N ASP A 15 4.69 -2.87 -4.10
CA ASP A 15 5.61 -2.09 -4.93
C ASP A 15 5.45 -0.60 -4.70
N LEU A 16 4.20 -0.14 -4.70
CA LEU A 16 3.93 1.28 -4.48
C LEU A 16 4.21 1.67 -3.04
N LEU A 17 3.96 0.76 -2.11
CA LEU A 17 4.21 1.03 -0.71
C LEU A 17 5.70 0.94 -0.43
N ASN A 18 6.36 -0.03 -1.09
CA ASN A 18 7.78 -0.20 -0.91
C ASN A 18 8.53 1.00 -1.48
N LYS A 19 8.13 1.42 -2.67
CA LYS A 19 8.79 2.56 -3.31
C LYS A 19 8.56 3.82 -2.50
N LYS A 20 7.33 4.02 -2.03
CA LYS A 20 7.00 5.19 -1.24
C LYS A 20 7.66 5.10 0.13
N LEU A 21 7.77 3.89 0.66
CA LEU A 21 8.41 3.67 1.94
C LEU A 21 9.90 3.94 1.84
N HIS A 22 10.50 3.40 0.78
CA HIS A 22 11.92 3.59 0.54
C HIS A 22 12.20 5.03 0.15
N ARG A 23 11.27 5.62 -0.62
CA ARG A 23 11.41 7.00 -1.03
C ARG A 23 11.26 7.91 0.19
N ALA A 24 10.29 7.60 1.03
CA ALA A 24 10.06 8.38 2.24
C ALA A 24 11.29 8.33 3.14
N ASN A 25 11.93 7.18 3.19
CA ASN A 25 13.14 6.99 3.99
C ASN A 25 14.31 7.76 3.39
N LYS A 26 14.39 7.73 2.06
CA LYS A 26 15.47 8.40 1.35
C LYS A 26 15.47 9.91 1.61
N PHE A 27 14.27 10.48 1.75
CA PHE A 27 14.14 11.91 2.00
C PHE A 27 13.98 12.22 3.49
N GLY A 28 13.99 11.18 4.32
CA GLY A 28 13.86 11.38 5.75
C GLY A 28 12.46 11.79 6.18
N GLN A 29 11.46 11.38 5.40
CA GLN A 29 10.07 11.71 5.73
C GLN A 29 9.75 11.33 7.17
N ASP A 30 8.57 11.70 7.64
CA ASP A 30 8.15 11.39 9.01
C ASP A 30 8.41 9.92 9.32
N GLN A 31 9.31 9.67 10.28
CA GLN A 31 9.66 8.30 10.67
C GLN A 31 8.42 7.49 11.01
N ALA A 32 7.46 8.11 11.65
CA ALA A 32 6.22 7.42 12.02
C ALA A 32 5.46 7.00 10.77
N ASP A 33 5.51 7.85 9.76
CA ASP A 33 4.83 7.56 8.50
C ASP A 33 5.51 6.40 7.77
N ILE A 34 6.84 6.33 7.89
CA ILE A 34 7.60 5.26 7.24
C ILE A 34 7.34 3.93 7.94
N ASP A 35 7.41 3.92 9.27
CA ASP A 35 7.17 2.69 10.02
C ASP A 35 5.74 2.22 9.78
N SER A 36 4.81 3.18 9.68
CA SER A 36 3.42 2.86 9.42
C SER A 36 3.32 2.18 8.06
N LEU A 37 4.11 2.68 7.12
CA LEU A 37 4.17 2.11 5.78
C LEU A 37 4.68 0.68 5.85
N GLN A 38 5.61 0.45 6.77
CA GLN A 38 6.19 -0.87 6.96
C GLN A 38 5.13 -1.84 7.44
N ARG A 39 4.29 -1.37 8.35
CA ARG A 39 3.23 -2.19 8.91
C ARG A 39 2.19 -2.53 7.86
N GLN A 40 1.90 -1.58 6.97
CA GLN A 40 0.93 -1.81 5.91
C GLN A 40 1.50 -2.75 4.86
N ILE A 41 2.76 -2.54 4.50
CA ILE A 41 3.42 -3.39 3.52
C ILE A 41 3.47 -4.84 4.01
N ASN A 42 3.93 -5.01 5.24
CA ASN A 42 4.01 -6.33 5.85
C ASN A 42 2.62 -6.94 5.92
N ARG A 43 1.61 -6.10 6.17
CA ARG A 43 0.24 -6.57 6.25
C ARG A 43 -0.22 -7.10 4.90
N VAL A 44 0.23 -6.46 3.83
CA VAL A 44 -0.13 -6.88 2.49
C VAL A 44 0.53 -8.19 2.15
N GLU A 45 1.76 -8.38 2.63
CA GLU A 45 2.50 -9.60 2.35
C GLU A 45 1.81 -10.79 3.01
N LYS A 46 1.32 -10.61 4.24
CA LYS A 46 0.67 -11.69 4.97
C LYS A 46 -0.82 -11.81 4.64
N PHE A 47 -1.53 -10.68 4.51
CA PHE A 47 -2.96 -10.72 4.24
C PHE A 47 -3.34 -9.99 2.96
N GLY A 48 -2.48 -9.10 2.48
CA GLY A 48 -2.78 -8.38 1.25
C GLY A 48 -3.36 -6.99 1.50
N VAL A 49 -3.83 -6.37 0.43
CA VAL A 49 -4.41 -5.03 0.51
C VAL A 49 -5.87 -5.07 0.96
N ASP A 50 -6.22 -4.20 1.90
CA ASP A 50 -7.59 -4.14 2.40
C ASP A 50 -8.41 -3.12 1.61
N LEU A 51 -9.54 -3.57 1.09
CA LEU A 51 -10.41 -2.71 0.30
C LEU A 51 -10.84 -1.46 1.08
N ASN A 52 -10.72 -1.52 2.41
CA ASN A 52 -11.09 -0.40 3.26
C ASN A 52 -9.92 0.08 4.11
N SER A 53 -8.77 0.29 3.47
CA SER A 53 -7.57 0.75 4.16
C SER A 53 -7.00 1.98 3.47
N LYS A 54 -6.18 2.75 4.18
CA LYS A 54 -5.56 3.92 3.60
C LYS A 54 -4.72 3.54 2.40
N LEU A 55 -4.17 2.32 2.46
CA LEU A 55 -3.36 1.79 1.37
C LEU A 55 -4.19 1.65 0.11
N ALA A 56 -5.34 0.99 0.24
CA ALA A 56 -6.24 0.79 -0.88
C ALA A 56 -6.65 2.12 -1.49
N GLU A 57 -6.86 3.12 -0.63
CA GLU A 57 -7.23 4.46 -1.09
C GLU A 57 -6.08 5.07 -1.88
N GLU A 58 -4.89 4.98 -1.32
CA GLU A 58 -3.69 5.51 -1.97
C GLU A 58 -3.45 4.80 -3.30
N LEU A 59 -3.77 3.51 -3.33
CA LEU A 59 -3.61 2.70 -4.53
C LEU A 59 -4.71 3.01 -5.55
N GLY A 60 -5.77 3.67 -5.08
CA GLY A 60 -6.86 4.03 -5.96
C GLY A 60 -7.82 2.87 -6.20
N LEU A 61 -8.08 2.08 -5.16
CA LEU A 61 -8.99 0.94 -5.28
C LEU A 61 -10.39 1.33 -4.85
N VAL A 62 -10.48 2.25 -3.88
CA VAL A 62 -11.76 2.71 -3.38
C VAL A 62 -11.84 4.25 -3.39
N SER A 63 -11.46 4.87 -2.28
CA SER A 63 -11.48 6.32 -2.16
C SER A 63 -10.15 6.92 -2.58
N ARG A 64 -10.20 8.14 -3.10
CA ARG A 64 -8.99 8.83 -3.54
C ARG A 64 -8.51 9.80 -2.48
N LYS A 65 -9.28 10.86 -2.25
CA LYS A 65 -8.93 11.86 -1.26
C LYS A 65 -7.59 12.51 -1.58
N ASN A 66 -7.29 13.62 -0.92
CA ASN A 66 -6.04 14.34 -1.13
C ASN A 66 -4.84 13.46 -0.78
N GLU A 67 -5.04 12.53 0.15
CA GLU A 67 -3.98 11.62 0.57
C GLU A 67 -2.81 12.41 1.17
N GLY A 1 -11.35 -5.00 -5.67
CA GLY A 1 -11.13 -3.61 -6.19
C GLY A 1 -10.50 -3.60 -7.57
N SER A 2 -11.02 -2.75 -8.45
CA SER A 2 -10.50 -2.63 -9.81
C SER A 2 -10.59 -3.96 -10.55
N ALA A 3 -9.91 -4.05 -11.68
CA ALA A 3 -9.92 -5.27 -12.48
C ALA A 3 -8.55 -5.94 -12.47
N LEU A 4 -7.89 -5.93 -11.32
CA LEU A 4 -6.58 -6.54 -11.18
C LEU A 4 -6.66 -7.89 -10.47
N SER A 5 -5.63 -8.69 -10.62
CA SER A 5 -5.58 -10.00 -9.97
C SER A 5 -5.13 -9.86 -8.53
N PRO A 6 -5.54 -10.79 -7.65
CA PRO A 6 -5.16 -10.74 -6.24
C PRO A 6 -3.67 -10.59 -6.04
N GLU A 7 -2.87 -11.33 -6.82
CA GLU A 7 -1.43 -11.24 -6.72
C GLU A 7 -0.95 -9.92 -7.29
N GLU A 8 -1.70 -9.38 -8.24
CA GLU A 8 -1.35 -8.11 -8.86
C GLU A 8 -1.61 -6.95 -7.92
N ILE A 9 -2.74 -6.99 -7.22
CA ILE A 9 -3.08 -5.94 -6.28
C ILE A 9 -2.13 -5.97 -5.09
N LYS A 10 -1.79 -7.19 -4.66
CA LYS A 10 -0.87 -7.36 -3.55
C LYS A 10 0.52 -6.86 -3.90
N ALA A 11 1.01 -7.26 -5.07
CA ALA A 11 2.32 -6.83 -5.53
C ALA A 11 2.31 -5.33 -5.79
N LYS A 12 1.20 -4.85 -6.34
CA LYS A 12 1.04 -3.43 -6.64
C LYS A 12 1.20 -2.61 -5.37
N ALA A 13 0.56 -3.07 -4.30
CA ALA A 13 0.65 -2.38 -3.03
C ALA A 13 2.08 -2.41 -2.51
N LEU A 14 2.66 -3.60 -2.50
CA LEU A 14 4.02 -3.79 -2.05
C LEU A 14 4.99 -2.95 -2.87
N ASP A 15 4.72 -2.81 -4.15
CA ASP A 15 5.57 -2.03 -5.04
C ASP A 15 5.47 -0.55 -4.72
N LEU A 16 4.24 -0.04 -4.61
CA LEU A 16 4.03 1.36 -4.32
C LEU A 16 4.45 1.69 -2.89
N LEU A 17 4.24 0.74 -1.99
CA LEU A 17 4.62 0.94 -0.60
C LEU A 17 6.13 0.82 -0.45
N ASN A 18 6.72 -0.11 -1.20
CA ASN A 18 8.16 -0.32 -1.15
C ASN A 18 8.88 0.93 -1.68
N LYS A 19 8.40 1.44 -2.80
CA LYS A 19 9.00 2.62 -3.41
C LYS A 19 8.81 3.84 -2.51
N LYS A 20 7.62 3.97 -1.94
CA LYS A 20 7.30 5.08 -1.06
C LYS A 20 8.07 4.95 0.25
N LEU A 21 8.24 3.71 0.71
CA LEU A 21 8.97 3.45 1.93
C LEU A 21 10.44 3.76 1.73
N HIS A 22 10.97 3.32 0.60
CA HIS A 22 12.37 3.55 0.26
C HIS A 22 12.60 5.02 -0.03
N ARG A 23 11.64 5.65 -0.69
CA ARG A 23 11.73 7.08 -1.01
C ARG A 23 11.54 7.88 0.26
N ALA A 24 10.63 7.43 1.12
CA ALA A 24 10.36 8.11 2.37
C ALA A 24 11.54 7.97 3.32
N ASN A 25 12.15 6.79 3.30
CA ASN A 25 13.32 6.51 4.15
C ASN A 25 14.53 7.30 3.66
N LYS A 26 14.67 7.38 2.33
CA LYS A 26 15.78 8.10 1.74
C LYS A 26 15.55 9.61 1.80
N PHE A 27 14.28 10.02 1.76
CA PHE A 27 13.92 11.44 1.83
C PHE A 27 13.92 11.93 3.28
N GLY A 28 14.10 11.02 4.23
CA GLY A 28 14.12 11.40 5.63
C GLY A 28 12.78 11.93 6.12
N GLN A 29 11.72 11.70 5.35
CA GLN A 29 10.38 12.17 5.72
C GLN A 29 10.03 11.73 7.13
N ASP A 30 8.81 12.07 7.57
CA ASP A 30 8.35 11.71 8.91
C ASP A 30 8.59 10.23 9.22
N GLN A 31 9.50 9.98 10.16
CA GLN A 31 9.83 8.62 10.55
C GLN A 31 8.58 7.83 10.92
N ALA A 32 7.64 8.49 11.59
CA ALA A 32 6.40 7.85 11.99
C ALA A 32 5.62 7.39 10.77
N ASP A 33 5.67 8.20 9.71
CA ASP A 33 4.99 7.88 8.47
C ASP A 33 5.67 6.70 7.79
N ILE A 34 6.97 6.60 7.95
CA ILE A 34 7.73 5.51 7.35
C ILE A 34 7.36 4.19 7.99
N ASP A 35 7.32 4.16 9.33
CA ASP A 35 6.96 2.96 10.05
C ASP A 35 5.53 2.56 9.73
N SER A 36 4.66 3.54 9.53
CA SER A 36 3.27 3.28 9.19
C SER A 36 3.24 2.54 7.86
N LEU A 37 4.08 3.01 6.94
CA LEU A 37 4.19 2.39 5.63
C LEU A 37 4.64 0.93 5.79
N GLN A 38 5.53 0.73 6.75
CA GLN A 38 6.06 -0.61 7.03
C GLN A 38 4.96 -1.53 7.53
N ARG A 39 4.15 -1.02 8.45
CA ARG A 39 3.05 -1.81 9.00
C ARG A 39 2.11 -2.24 7.89
N GLN A 40 1.89 -1.33 6.94
CA GLN A 40 1.02 -1.62 5.81
C GLN A 40 1.64 -2.67 4.91
N ILE A 41 2.95 -2.55 4.66
CA ILE A 41 3.65 -3.49 3.81
C ILE A 41 3.59 -4.90 4.38
N ASN A 42 3.93 -5.02 5.66
CA ASN A 42 3.91 -6.31 6.33
C ASN A 42 2.51 -6.91 6.30
N ARG A 43 1.50 -6.06 6.47
CA ARG A 43 0.12 -6.50 6.45
C ARG A 43 -0.25 -7.07 5.08
N VAL A 44 0.24 -6.43 4.04
CA VAL A 44 -0.05 -6.87 2.68
C VAL A 44 0.64 -8.19 2.37
N GLU A 45 1.85 -8.35 2.87
CA GLU A 45 2.60 -9.57 2.63
C GLU A 45 1.91 -10.77 3.27
N LYS A 46 1.42 -10.60 4.49
CA LYS A 46 0.77 -11.69 5.20
C LYS A 46 -0.72 -11.82 4.86
N PHE A 47 -1.42 -10.70 4.74
CA PHE A 47 -2.87 -10.75 4.48
C PHE A 47 -3.25 -10.04 3.18
N GLY A 48 -2.38 -9.17 2.68
CA GLY A 48 -2.70 -8.46 1.45
C GLY A 48 -3.33 -7.12 1.70
N VAL A 49 -3.80 -6.48 0.63
CA VAL A 49 -4.42 -5.17 0.74
C VAL A 49 -5.88 -5.28 1.17
N ASP A 50 -6.29 -4.43 2.11
CA ASP A 50 -7.66 -4.44 2.60
C ASP A 50 -8.53 -3.48 1.79
N LEU A 51 -9.63 -3.99 1.26
CA LEU A 51 -10.54 -3.20 0.45
C LEU A 51 -11.06 -1.99 1.24
N ASN A 52 -10.99 -2.05 2.56
CA ASN A 52 -11.45 -0.96 3.40
C ASN A 52 -10.30 -0.37 4.22
N SER A 53 -9.18 -0.09 3.55
CA SER A 53 -8.02 0.49 4.21
C SER A 53 -7.53 1.74 3.48
N LYS A 54 -6.77 2.57 4.19
CA LYS A 54 -6.23 3.79 3.62
C LYS A 54 -5.28 3.46 2.46
N LEU A 55 -4.61 2.31 2.57
CA LEU A 55 -3.67 1.88 1.55
C LEU A 55 -4.39 1.51 0.26
N ALA A 56 -5.48 0.75 0.39
CA ALA A 56 -6.25 0.34 -0.77
C ALA A 56 -6.86 1.54 -1.48
N GLU A 57 -7.34 2.51 -0.72
CA GLU A 57 -7.90 3.72 -1.32
C GLU A 57 -6.80 4.51 -2.03
N GLU A 58 -5.66 4.63 -1.37
CA GLU A 58 -4.52 5.35 -1.94
C GLU A 58 -3.99 4.62 -3.17
N LEU A 59 -4.07 3.30 -3.14
CA LEU A 59 -3.61 2.47 -4.24
C LEU A 59 -4.61 2.51 -5.40
N GLY A 60 -5.77 3.14 -5.16
CA GLY A 60 -6.78 3.23 -6.19
C GLY A 60 -7.51 1.93 -6.42
N LEU A 61 -7.66 1.15 -5.36
CA LEU A 61 -8.36 -0.13 -5.46
C LEU A 61 -9.84 0.02 -5.16
N VAL A 62 -10.20 1.12 -4.49
CA VAL A 62 -11.60 1.37 -4.15
C VAL A 62 -11.95 2.84 -4.37
N SER A 63 -11.35 3.71 -3.58
CA SER A 63 -11.60 5.14 -3.66
C SER A 63 -10.52 5.84 -4.48
N ARG A 64 -10.89 6.94 -5.13
CA ARG A 64 -9.95 7.70 -5.94
C ARG A 64 -10.34 9.18 -5.98
N LYS A 65 -10.70 9.71 -4.82
CA LYS A 65 -11.11 11.11 -4.71
C LYS A 65 -12.39 11.37 -5.51
N ASN A 66 -13.21 12.28 -5.01
CA ASN A 66 -14.47 12.61 -5.67
C ASN A 66 -14.31 13.87 -6.52
N GLU A 67 -13.28 13.88 -7.36
CA GLU A 67 -13.01 15.02 -8.24
C GLU A 67 -13.62 14.81 -9.62
N GLY A 1 -14.48 -0.96 -13.16
CA GLY A 1 -14.56 -2.18 -14.01
C GLY A 1 -13.22 -2.86 -14.18
N SER A 2 -13.23 -4.04 -14.79
CA SER A 2 -12.01 -4.80 -15.01
C SER A 2 -11.44 -5.33 -13.70
N ALA A 3 -11.00 -4.41 -12.86
CA ALA A 3 -10.42 -4.76 -11.56
C ALA A 3 -9.09 -5.48 -11.72
N LEU A 4 -8.40 -5.70 -10.61
CA LEU A 4 -7.10 -6.37 -10.63
C LEU A 4 -7.12 -7.59 -9.72
N SER A 5 -6.43 -8.64 -10.15
CA SER A 5 -6.35 -9.87 -9.37
C SER A 5 -5.63 -9.61 -8.06
N PRO A 6 -5.82 -10.48 -7.05
CA PRO A 6 -5.15 -10.32 -5.75
C PRO A 6 -3.64 -10.29 -5.89
N GLU A 7 -3.12 -11.18 -6.72
CA GLU A 7 -1.69 -11.27 -6.94
C GLU A 7 -1.12 -9.96 -7.44
N GLU A 8 -1.81 -9.35 -8.41
CA GLU A 8 -1.35 -8.09 -8.98
C GLU A 8 -1.58 -6.92 -8.04
N ILE A 9 -2.72 -6.89 -7.36
CA ILE A 9 -3.00 -5.81 -6.43
C ILE A 9 -2.07 -5.88 -5.23
N LYS A 10 -1.77 -7.10 -4.80
CA LYS A 10 -0.88 -7.31 -3.67
C LYS A 10 0.53 -6.85 -4.01
N ALA A 11 1.03 -7.29 -5.16
CA ALA A 11 2.36 -6.91 -5.60
C ALA A 11 2.39 -5.42 -5.90
N LYS A 12 1.32 -4.95 -6.54
CA LYS A 12 1.20 -3.53 -6.87
C LYS A 12 1.31 -2.69 -5.62
N ALA A 13 0.62 -3.12 -4.57
CA ALA A 13 0.65 -2.41 -3.30
C ALA A 13 2.06 -2.45 -2.72
N LEU A 14 2.62 -3.63 -2.67
CA LEU A 14 3.97 -3.83 -2.14
C LEU A 14 4.98 -3.02 -2.91
N ASP A 15 4.78 -2.89 -4.21
CA ASP A 15 5.69 -2.11 -5.05
C ASP A 15 5.56 -0.63 -4.71
N LEU A 16 4.33 -0.13 -4.69
CA LEU A 16 4.09 1.27 -4.38
C LEU A 16 4.55 1.59 -2.97
N LEU A 17 4.16 0.77 -2.01
CA LEU A 17 4.57 0.97 -0.63
C LEU A 17 6.06 0.84 -0.49
N ASN A 18 6.65 -0.10 -1.20
CA ASN A 18 8.08 -0.30 -1.12
C ASN A 18 8.81 0.94 -1.61
N LYS A 19 8.38 1.48 -2.74
CA LYS A 19 9.03 2.66 -3.30
C LYS A 19 8.87 3.84 -2.34
N LYS A 20 7.68 3.99 -1.78
CA LYS A 20 7.42 5.06 -0.84
C LYS A 20 8.28 4.88 0.39
N LEU A 21 8.28 3.67 0.94
CA LEU A 21 9.07 3.36 2.12
C LEU A 21 10.54 3.63 1.88
N HIS A 22 11.03 3.19 0.73
CA HIS A 22 12.43 3.39 0.37
C HIS A 22 12.72 4.86 0.15
N ARG A 23 11.82 5.54 -0.56
CA ARG A 23 11.99 6.96 -0.83
C ARG A 23 11.78 7.79 0.43
N ALA A 24 10.84 7.35 1.27
CA ALA A 24 10.54 8.07 2.51
C ALA A 24 11.72 8.03 3.48
N ASN A 25 12.28 6.84 3.69
CA ASN A 25 13.43 6.69 4.59
C ASN A 25 14.69 7.31 3.99
N LYS A 26 14.78 7.25 2.66
CA LYS A 26 15.94 7.78 1.95
C LYS A 26 16.11 9.27 2.19
N PHE A 27 15.00 9.99 2.21
CA PHE A 27 15.03 11.44 2.40
C PHE A 27 14.76 11.83 3.85
N GLY A 28 14.40 10.84 4.67
CA GLY A 28 14.14 11.11 6.08
C GLY A 28 12.80 11.77 6.34
N GLN A 29 11.87 11.63 5.40
CA GLN A 29 10.55 12.24 5.56
C GLN A 29 9.92 11.85 6.91
N ASP A 30 8.64 12.15 7.08
CA ASP A 30 7.94 11.83 8.32
C ASP A 30 8.21 10.39 8.74
N GLN A 31 9.00 10.22 9.80
CA GLN A 31 9.34 8.90 10.31
C GLN A 31 8.09 8.10 10.64
N ALA A 32 7.09 8.77 11.19
CA ALA A 32 5.84 8.13 11.55
C ALA A 32 5.17 7.58 10.29
N ASP A 33 5.27 8.33 9.21
CA ASP A 33 4.69 7.93 7.94
C ASP A 33 5.44 6.73 7.37
N ILE A 34 6.75 6.67 7.62
CA ILE A 34 7.55 5.56 7.13
C ILE A 34 7.17 4.27 7.85
N ASP A 35 7.07 4.34 9.18
CA ASP A 35 6.71 3.18 9.98
C ASP A 35 5.31 2.71 9.62
N SER A 36 4.42 3.66 9.37
CA SER A 36 3.04 3.33 8.99
C SER A 36 3.07 2.57 7.68
N LEU A 37 3.94 3.00 6.78
CA LEU A 37 4.10 2.35 5.50
C LEU A 37 4.61 0.93 5.71
N GLN A 38 5.46 0.77 6.73
CA GLN A 38 6.02 -0.53 7.07
C GLN A 38 4.94 -1.47 7.56
N ARG A 39 4.06 -0.95 8.41
CA ARG A 39 2.97 -1.74 8.95
C ARG A 39 2.07 -2.21 7.82
N GLN A 40 1.85 -1.34 6.84
CA GLN A 40 1.02 -1.67 5.70
C GLN A 40 1.69 -2.71 4.81
N ILE A 41 2.99 -2.53 4.58
CA ILE A 41 3.74 -3.47 3.75
C ILE A 41 3.73 -4.86 4.36
N ASN A 42 4.07 -4.94 5.65
CA ASN A 42 4.09 -6.22 6.35
C ASN A 42 2.70 -6.87 6.33
N ARG A 43 1.67 -6.03 6.45
CA ARG A 43 0.30 -6.52 6.44
C ARG A 43 -0.05 -7.12 5.08
N VAL A 44 0.38 -6.46 4.02
CA VAL A 44 0.10 -6.92 2.67
C VAL A 44 0.87 -8.20 2.36
N GLU A 45 2.08 -8.27 2.88
CA GLU A 45 2.92 -9.44 2.66
C GLU A 45 2.31 -10.67 3.30
N LYS A 46 1.76 -10.51 4.51
CA LYS A 46 1.17 -11.64 5.22
C LYS A 46 -0.29 -11.89 4.85
N PHE A 47 -1.07 -10.82 4.69
CA PHE A 47 -2.49 -10.97 4.38
C PHE A 47 -2.92 -10.26 3.10
N GLY A 48 -2.11 -9.29 2.66
CA GLY A 48 -2.46 -8.57 1.45
C GLY A 48 -3.15 -7.24 1.73
N VAL A 49 -3.56 -6.56 0.67
CA VAL A 49 -4.22 -5.27 0.80
C VAL A 49 -5.70 -5.42 1.14
N ASP A 50 -6.18 -4.56 2.03
CA ASP A 50 -7.59 -4.60 2.44
C ASP A 50 -8.42 -3.67 1.58
N LEU A 51 -9.52 -4.19 1.04
CA LEU A 51 -10.40 -3.40 0.19
C LEU A 51 -10.91 -2.15 0.90
N ASN A 52 -10.98 -2.21 2.22
CA ASN A 52 -11.45 -1.08 3.01
C ASN A 52 -10.36 -0.54 3.93
N SER A 53 -9.19 -0.26 3.36
CA SER A 53 -8.06 0.25 4.12
C SER A 53 -7.50 1.52 3.48
N LYS A 54 -6.71 2.28 4.24
CA LYS A 54 -6.10 3.49 3.72
C LYS A 54 -5.18 3.14 2.56
N LEU A 55 -4.60 1.94 2.62
CA LEU A 55 -3.70 1.47 1.57
C LEU A 55 -4.45 1.27 0.27
N ALA A 56 -5.57 0.56 0.33
CA ALA A 56 -6.37 0.30 -0.85
C ALA A 56 -6.87 1.58 -1.50
N GLU A 57 -7.27 2.55 -0.68
CA GLU A 57 -7.74 3.82 -1.21
C GLU A 57 -6.60 4.54 -1.90
N GLU A 58 -5.42 4.46 -1.30
CA GLU A 58 -4.23 5.08 -1.87
C GLU A 58 -3.86 4.38 -3.17
N LEU A 59 -4.12 3.07 -3.21
CA LEU A 59 -3.84 2.25 -4.38
C LEU A 59 -4.88 2.49 -5.48
N GLY A 60 -5.95 3.21 -5.14
CA GLY A 60 -7.00 3.50 -6.11
C GLY A 60 -8.12 2.47 -6.10
N LEU A 61 -8.11 1.59 -5.10
CA LEU A 61 -9.13 0.56 -4.98
C LEU A 61 -10.43 1.14 -4.44
N VAL A 62 -10.34 2.32 -3.84
CA VAL A 62 -11.50 2.99 -3.26
C VAL A 62 -12.31 3.75 -4.30
N SER A 63 -12.37 3.23 -5.53
CA SER A 63 -13.12 3.86 -6.59
C SER A 63 -14.62 3.70 -6.37
N ARG A 64 -15.36 4.79 -6.54
CA ARG A 64 -16.81 4.78 -6.35
C ARG A 64 -17.17 4.49 -4.89
N LYS A 65 -17.40 5.55 -4.13
CA LYS A 65 -17.74 5.42 -2.72
C LYS A 65 -19.15 5.94 -2.45
N ASN A 66 -19.85 5.29 -1.53
CA ASN A 66 -21.21 5.68 -1.18
C ASN A 66 -21.24 6.38 0.17
N GLU A 67 -22.04 7.44 0.27
CA GLU A 67 -22.16 8.19 1.51
C GLU A 67 -23.37 7.73 2.32
N GLY A 1 -6.21 2.98 -14.38
CA GLY A 1 -5.90 1.54 -14.18
C GLY A 1 -7.15 0.69 -13.97
N SER A 2 -7.39 0.29 -12.74
CA SER A 2 -8.56 -0.51 -12.41
C SER A 2 -8.53 -1.84 -13.15
N ALA A 3 -9.34 -2.79 -12.70
CA ALA A 3 -9.40 -4.11 -13.32
C ALA A 3 -8.06 -4.82 -13.24
N LEU A 4 -7.52 -4.90 -12.03
CA LEU A 4 -6.22 -5.55 -11.81
C LEU A 4 -6.41 -6.91 -11.13
N SER A 5 -5.47 -7.81 -11.37
CA SER A 5 -5.52 -9.15 -10.79
C SER A 5 -5.20 -9.11 -9.30
N PRO A 6 -5.61 -10.17 -8.56
CA PRO A 6 -5.37 -10.26 -7.11
C PRO A 6 -3.89 -10.16 -6.77
N GLU A 7 -3.06 -10.82 -7.56
CA GLU A 7 -1.61 -10.78 -7.36
C GLU A 7 -1.07 -9.41 -7.74
N GLU A 8 -1.79 -8.72 -8.60
CA GLU A 8 -1.41 -7.39 -9.02
C GLU A 8 -1.71 -6.40 -7.90
N ILE A 9 -2.79 -6.66 -7.18
CA ILE A 9 -3.19 -5.82 -6.06
C ILE A 9 -2.18 -5.92 -4.93
N LYS A 10 -1.81 -7.14 -4.59
CA LYS A 10 -0.84 -7.37 -3.52
C LYS A 10 0.53 -6.84 -3.91
N ALA A 11 0.95 -7.15 -5.12
CA ALA A 11 2.24 -6.70 -5.61
C ALA A 11 2.21 -5.19 -5.79
N LYS A 12 1.07 -4.66 -6.24
CA LYS A 12 0.95 -3.23 -6.46
C LYS A 12 1.21 -2.48 -5.17
N ALA A 13 0.61 -2.93 -4.08
CA ALA A 13 0.83 -2.29 -2.80
C ALA A 13 2.29 -2.43 -2.39
N LEU A 14 2.79 -3.65 -2.49
CA LEU A 14 4.16 -3.95 -2.12
C LEU A 14 5.16 -3.11 -2.90
N ASP A 15 4.91 -2.96 -4.19
CA ASP A 15 5.81 -2.18 -5.04
C ASP A 15 5.74 -0.70 -4.72
N LEU A 16 4.52 -0.16 -4.59
CA LEU A 16 4.38 1.26 -4.32
C LEU A 16 4.76 1.59 -2.89
N LEU A 17 4.49 0.67 -1.97
CA LEU A 17 4.82 0.89 -0.58
C LEU A 17 6.32 0.70 -0.38
N ASN A 18 6.90 -0.29 -1.05
CA ASN A 18 8.32 -0.54 -0.93
C ASN A 18 9.11 0.64 -1.48
N LYS A 19 8.70 1.12 -2.65
CA LYS A 19 9.38 2.25 -3.28
C LYS A 19 9.20 3.51 -2.44
N LYS A 20 8.00 3.68 -1.89
CA LYS A 20 7.69 4.84 -1.08
C LYS A 20 8.42 4.76 0.26
N LEU A 21 8.53 3.55 0.79
CA LEU A 21 9.23 3.32 2.04
C LEU A 21 10.72 3.57 1.87
N HIS A 22 11.25 3.05 0.77
CA HIS A 22 12.66 3.22 0.46
C HIS A 22 12.96 4.67 0.11
N ARG A 23 12.03 5.29 -0.61
CA ARG A 23 12.18 6.68 -1.00
C ARG A 23 12.00 7.60 0.20
N ALA A 24 11.04 7.27 1.05
CA ALA A 24 10.76 8.07 2.24
C ALA A 24 11.91 7.99 3.24
N ASN A 25 12.38 6.78 3.50
CA ASN A 25 13.47 6.58 4.46
C ASN A 25 14.80 7.10 3.91
N LYS A 26 14.96 7.08 2.60
CA LYS A 26 16.20 7.55 1.99
C LYS A 26 16.24 9.08 1.89
N PHE A 27 15.08 9.70 1.77
CA PHE A 27 15.00 11.16 1.67
C PHE A 27 14.83 11.80 3.05
N GLY A 28 14.64 10.99 4.08
CA GLY A 28 14.48 11.52 5.42
C GLY A 28 13.04 11.92 5.74
N GLN A 29 12.09 11.13 5.26
CA GLN A 29 10.68 11.40 5.51
C GLN A 29 10.36 11.25 6.99
N ASP A 30 9.18 11.72 7.40
CA ASP A 30 8.76 11.64 8.80
C ASP A 30 8.85 10.20 9.29
N GLN A 31 9.49 10.00 10.44
CA GLN A 31 9.65 8.66 11.01
C GLN A 31 8.31 7.94 11.12
N ALA A 32 7.28 8.67 11.53
CA ALA A 32 5.95 8.08 11.67
C ALA A 32 5.42 7.63 10.31
N ASP A 33 5.73 8.41 9.29
CA ASP A 33 5.30 8.09 7.93
C ASP A 33 5.96 6.81 7.44
N ILE A 34 7.23 6.63 7.80
CA ILE A 34 7.97 5.44 7.38
C ILE A 34 7.44 4.20 8.09
N ASP A 35 7.27 4.30 9.40
CA ASP A 35 6.77 3.18 10.19
C ASP A 35 5.35 2.82 9.77
N SER A 36 4.54 3.83 9.46
CA SER A 36 3.17 3.59 9.03
C SER A 36 3.20 2.81 7.72
N LEU A 37 4.08 3.25 6.82
CA LEU A 37 4.24 2.58 5.55
C LEU A 37 4.75 1.18 5.79
N GLN A 38 5.63 1.04 6.78
CA GLN A 38 6.20 -0.24 7.13
C GLN A 38 5.13 -1.21 7.63
N ARG A 39 4.29 -0.70 8.53
CA ARG A 39 3.21 -1.51 9.09
C ARG A 39 2.29 -1.99 7.98
N GLN A 40 2.08 -1.13 7.00
CA GLN A 40 1.22 -1.46 5.87
C GLN A 40 1.87 -2.54 5.00
N ILE A 41 3.16 -2.39 4.77
CA ILE A 41 3.90 -3.36 3.96
C ILE A 41 3.85 -4.75 4.57
N ASN A 42 4.17 -4.83 5.86
CA ASN A 42 4.16 -6.11 6.56
C ASN A 42 2.76 -6.72 6.58
N ARG A 43 1.76 -5.87 6.77
CA ARG A 43 0.38 -6.33 6.79
C ARG A 43 0.00 -6.98 5.47
N VAL A 44 0.43 -6.36 4.38
CA VAL A 44 0.13 -6.87 3.05
C VAL A 44 0.87 -8.16 2.77
N GLU A 45 2.09 -8.25 3.27
CA GLU A 45 2.89 -9.44 3.06
C GLU A 45 2.25 -10.66 3.70
N LYS A 46 1.77 -10.50 4.93
CA LYS A 46 1.16 -11.61 5.65
C LYS A 46 -0.33 -11.77 5.35
N PHE A 47 -1.07 -10.67 5.25
CA PHE A 47 -2.52 -10.77 5.00
C PHE A 47 -2.95 -10.10 3.70
N GLY A 48 -2.12 -9.22 3.17
CA GLY A 48 -2.47 -8.54 1.93
C GLY A 48 -3.10 -7.18 2.18
N VAL A 49 -3.53 -6.54 1.11
CA VAL A 49 -4.15 -5.22 1.20
C VAL A 49 -5.62 -5.31 1.61
N ASP A 50 -6.04 -4.41 2.48
CA ASP A 50 -7.42 -4.37 2.95
C ASP A 50 -8.28 -3.50 2.05
N LEU A 51 -9.19 -4.14 1.33
CA LEU A 51 -10.09 -3.45 0.43
C LEU A 51 -10.89 -2.39 1.19
N ASN A 52 -11.02 -2.59 2.48
CA ASN A 52 -11.75 -1.65 3.33
C ASN A 52 -10.78 -0.81 4.13
N SER A 53 -9.70 -0.39 3.49
CA SER A 53 -8.68 0.42 4.14
C SER A 53 -8.39 1.66 3.33
N LYS A 54 -7.81 2.65 3.99
CA LYS A 54 -7.47 3.91 3.34
C LYS A 54 -6.48 3.67 2.20
N LEU A 55 -5.63 2.66 2.37
CA LEU A 55 -4.62 2.34 1.36
C LEU A 55 -5.26 1.77 0.09
N ALA A 56 -6.10 0.75 0.25
CA ALA A 56 -6.75 0.11 -0.91
C ALA A 56 -7.65 1.09 -1.64
N GLU A 57 -8.42 1.86 -0.88
CA GLU A 57 -9.31 2.86 -1.47
C GLU A 57 -8.49 3.96 -2.12
N GLU A 58 -7.39 4.33 -1.46
CA GLU A 58 -6.50 5.36 -1.98
C GLU A 58 -5.86 4.87 -3.27
N LEU A 59 -5.55 3.58 -3.27
CA LEU A 59 -4.97 2.92 -4.42
C LEU A 59 -6.04 2.61 -5.47
N GLY A 60 -7.30 2.85 -5.13
CA GLY A 60 -8.38 2.57 -6.06
C GLY A 60 -8.33 1.11 -6.48
N LEU A 61 -7.74 0.29 -5.63
CA LEU A 61 -7.63 -1.14 -5.87
C LEU A 61 -8.76 -1.88 -5.15
N VAL A 62 -9.18 -1.33 -4.01
CA VAL A 62 -10.27 -1.85 -3.17
C VAL A 62 -10.92 -3.15 -3.70
N SER A 63 -10.12 -4.16 -3.97
CA SER A 63 -10.64 -5.43 -4.50
C SER A 63 -10.28 -6.63 -3.62
N ARG A 64 -11.28 -7.48 -3.38
CA ARG A 64 -11.12 -8.71 -2.59
C ARG A 64 -10.50 -8.46 -1.22
N LYS A 65 -10.68 -9.44 -0.33
CA LYS A 65 -10.15 -9.39 1.03
C LYS A 65 -8.66 -9.65 1.04
N ASN A 66 -8.28 -10.85 0.61
CA ASN A 66 -6.88 -11.25 0.55
C ASN A 66 -6.29 -10.95 -0.81
N GLU A 67 -6.87 -9.98 -1.52
CA GLU A 67 -6.40 -9.59 -2.84
C GLU A 67 -6.75 -10.66 -3.87
N GLY A 1 -10.42 -5.03 -16.09
CA GLY A 1 -11.16 -6.31 -16.24
C GLY A 1 -11.87 -6.72 -14.96
N SER A 2 -13.01 -6.10 -14.69
CA SER A 2 -13.79 -6.40 -13.50
C SER A 2 -13.07 -5.91 -12.25
N ALA A 3 -11.94 -6.51 -11.95
CA ALA A 3 -11.16 -6.15 -10.78
C ALA A 3 -9.72 -6.64 -10.89
N LEU A 4 -9.01 -6.62 -9.75
CA LEU A 4 -7.63 -7.06 -9.71
C LEU A 4 -7.52 -8.42 -9.01
N SER A 5 -6.40 -9.09 -9.21
CA SER A 5 -6.16 -10.38 -8.57
C SER A 5 -5.28 -10.17 -7.35
N PRO A 6 -5.45 -10.97 -6.30
CA PRO A 6 -4.65 -10.84 -5.08
C PRO A 6 -3.17 -10.74 -5.39
N GLU A 7 -2.70 -11.55 -6.32
CA GLU A 7 -1.30 -11.54 -6.71
C GLU A 7 -0.88 -10.17 -7.22
N GLU A 8 -1.71 -9.59 -8.08
CA GLU A 8 -1.42 -8.28 -8.65
C GLU A 8 -1.55 -7.17 -7.63
N ILE A 9 -2.56 -7.26 -6.76
CA ILE A 9 -2.76 -6.24 -5.75
C ILE A 9 -1.64 -6.27 -4.72
N LYS A 10 -1.23 -7.48 -4.34
CA LYS A 10 -0.17 -7.61 -3.36
C LYS A 10 1.14 -7.11 -3.93
N ALA A 11 1.43 -7.47 -5.18
CA ALA A 11 2.66 -7.02 -5.83
C ALA A 11 2.61 -5.53 -6.10
N LYS A 12 1.49 -5.07 -6.65
CA LYS A 12 1.34 -3.65 -6.94
C LYS A 12 1.39 -2.86 -5.64
N ALA A 13 0.76 -3.38 -4.60
CA ALA A 13 0.78 -2.73 -3.30
C ALA A 13 2.20 -2.68 -2.76
N LEU A 14 2.86 -3.84 -2.79
CA LEU A 14 4.23 -3.96 -2.31
C LEU A 14 5.16 -3.04 -3.07
N ASP A 15 4.93 -2.90 -4.37
CA ASP A 15 5.76 -2.03 -5.20
C ASP A 15 5.52 -0.56 -4.86
N LEU A 16 4.25 -0.18 -4.76
CA LEU A 16 3.89 1.19 -4.45
C LEU A 16 4.24 1.53 -3.00
N LEU A 17 4.13 0.54 -2.12
CA LEU A 17 4.45 0.73 -0.71
C LEU A 17 5.96 0.76 -0.54
N ASN A 18 6.64 -0.11 -1.28
CA ASN A 18 8.09 -0.17 -1.20
C ASN A 18 8.70 1.12 -1.73
N LYS A 19 8.20 1.59 -2.86
CA LYS A 19 8.71 2.81 -3.45
C LYS A 19 8.44 4.00 -2.54
N LYS A 20 7.23 4.04 -1.97
CA LYS A 20 6.87 5.12 -1.06
C LYS A 20 7.67 5.02 0.22
N LEU A 21 7.87 3.80 0.70
CA LEU A 21 8.64 3.57 1.92
C LEU A 21 10.10 3.90 1.67
N HIS A 22 10.60 3.47 0.52
CA HIS A 22 11.98 3.70 0.15
C HIS A 22 12.21 5.18 -0.12
N ARG A 23 11.24 5.81 -0.79
CA ARG A 23 11.32 7.23 -1.09
C ARG A 23 11.13 8.05 0.17
N ALA A 24 10.19 7.63 1.00
CA ALA A 24 9.90 8.32 2.26
C ALA A 24 11.09 8.28 3.21
N ASN A 25 11.67 7.10 3.37
CA ASN A 25 12.80 6.93 4.28
C ASN A 25 14.06 7.61 3.75
N LYS A 26 14.19 7.69 2.43
CA LYS A 26 15.36 8.31 1.82
C LYS A 26 15.25 9.83 1.82
N PHE A 27 14.02 10.34 1.72
CA PHE A 27 13.79 11.78 1.70
C PHE A 27 13.68 12.34 3.11
N GLY A 28 13.75 11.47 4.11
CA GLY A 28 13.66 11.92 5.49
C GLY A 28 12.22 12.05 5.97
N GLN A 29 11.32 11.28 5.37
CA GLN A 29 9.91 11.32 5.74
C GLN A 29 9.74 11.05 7.23
N ASP A 30 8.60 11.49 7.77
CA ASP A 30 8.30 11.30 9.19
C ASP A 30 8.47 9.83 9.60
N GLN A 31 9.19 9.60 10.69
CA GLN A 31 9.43 8.24 11.17
C GLN A 31 8.12 7.46 11.32
N ALA A 32 7.08 8.13 11.78
CA ALA A 32 5.78 7.49 11.95
C ALA A 32 5.21 7.07 10.60
N ASP A 33 5.45 7.90 9.59
CA ASP A 33 4.98 7.61 8.24
C ASP A 33 5.69 6.40 7.67
N ILE A 34 6.98 6.27 7.97
CA ILE A 34 7.77 5.15 7.47
C ILE A 34 7.32 3.86 8.13
N ASP A 35 7.17 3.89 9.45
CA ASP A 35 6.73 2.71 10.20
C ASP A 35 5.33 2.30 9.78
N SER A 36 4.49 3.31 9.51
CA SER A 36 3.12 3.05 9.07
C SER A 36 3.15 2.30 7.76
N LEU A 37 4.02 2.76 6.86
CA LEU A 37 4.17 2.12 5.56
C LEU A 37 4.63 0.68 5.76
N GLN A 38 5.48 0.49 6.76
CA GLN A 38 6.00 -0.84 7.08
C GLN A 38 4.87 -1.76 7.52
N ARG A 39 4.00 -1.24 8.38
CA ARG A 39 2.87 -2.01 8.87
C ARG A 39 1.98 -2.43 7.70
N GLN A 40 1.85 -1.55 6.72
CA GLN A 40 1.04 -1.83 5.55
C GLN A 40 1.69 -2.89 4.68
N ILE A 41 3.00 -2.76 4.49
CA ILE A 41 3.74 -3.72 3.67
C ILE A 41 3.63 -5.12 4.26
N ASN A 42 3.93 -5.23 5.56
CA ASN A 42 3.86 -6.52 6.24
C ASN A 42 2.44 -7.09 6.18
N ARG A 43 1.45 -6.20 6.30
CA ARG A 43 0.06 -6.62 6.25
C ARG A 43 -0.29 -7.15 4.86
N VAL A 44 0.21 -6.50 3.83
CA VAL A 44 -0.06 -6.92 2.46
C VAL A 44 0.61 -8.23 2.12
N GLU A 45 1.85 -8.38 2.56
CA GLU A 45 2.60 -9.60 2.28
C GLU A 45 1.94 -10.81 2.94
N LYS A 46 1.42 -10.62 4.15
CA LYS A 46 0.79 -11.72 4.88
C LYS A 46 -0.69 -11.88 4.53
N PHE A 47 -1.42 -10.77 4.39
CA PHE A 47 -2.85 -10.85 4.10
C PHE A 47 -3.24 -10.10 2.82
N GLY A 48 -2.40 -9.18 2.38
CA GLY A 48 -2.72 -8.44 1.17
C GLY A 48 -3.29 -7.06 1.46
N VAL A 49 -3.73 -6.38 0.42
CA VAL A 49 -4.29 -5.04 0.55
C VAL A 49 -5.76 -5.09 0.98
N ASP A 50 -6.13 -4.20 1.90
CA ASP A 50 -7.50 -4.14 2.38
C ASP A 50 -8.31 -3.14 1.58
N LEU A 51 -9.42 -3.61 1.01
CA LEU A 51 -10.28 -2.75 0.20
C LEU A 51 -10.78 -1.53 0.98
N ASN A 52 -10.62 -1.56 2.30
CA ASN A 52 -11.05 -0.45 3.13
C ASN A 52 -9.90 0.06 4.00
N SER A 53 -8.76 0.31 3.37
CA SER A 53 -7.58 0.81 4.07
C SER A 53 -7.03 2.06 3.37
N LYS A 54 -6.25 2.86 4.08
CA LYS A 54 -5.67 4.06 3.50
C LYS A 54 -4.76 3.68 2.32
N LEU A 55 -4.01 2.61 2.50
CA LEU A 55 -3.10 2.13 1.46
C LEU A 55 -3.87 1.84 0.18
N ALA A 56 -4.95 1.09 0.30
CA ALA A 56 -5.77 0.74 -0.85
C ALA A 56 -6.29 2.00 -1.54
N GLU A 57 -6.68 2.99 -0.75
CA GLU A 57 -7.18 4.24 -1.31
C GLU A 57 -6.07 4.96 -2.07
N GLU A 58 -4.88 5.01 -1.46
CA GLU A 58 -3.73 5.64 -2.08
C GLU A 58 -3.30 4.87 -3.31
N LEU A 59 -3.54 3.56 -3.29
CA LEU A 59 -3.20 2.69 -4.40
C LEU A 59 -4.21 2.86 -5.54
N GLY A 60 -5.28 3.62 -5.28
CA GLY A 60 -6.29 3.86 -6.28
C GLY A 60 -7.42 2.85 -6.26
N LEU A 61 -7.45 2.00 -5.22
CA LEU A 61 -8.51 1.00 -5.11
C LEU A 61 -9.80 1.60 -4.57
N VAL A 62 -9.68 2.68 -3.80
CA VAL A 62 -10.83 3.35 -3.23
C VAL A 62 -10.60 4.85 -3.07
N SER A 63 -11.67 5.61 -3.09
CA SER A 63 -11.58 7.07 -2.95
C SER A 63 -12.41 7.57 -1.76
N ARG A 64 -11.92 8.63 -1.12
CA ARG A 64 -12.62 9.22 0.02
C ARG A 64 -12.71 8.22 1.18
N LYS A 65 -12.40 8.70 2.39
CA LYS A 65 -12.45 7.86 3.58
C LYS A 65 -12.05 8.65 4.82
N ASN A 66 -11.10 9.55 4.66
CA ASN A 66 -10.61 10.38 5.76
C ASN A 66 -9.95 11.65 5.24
N GLU A 67 -9.44 12.46 6.16
CA GLU A 67 -8.79 13.71 5.79
C GLU A 67 -7.33 13.48 5.40
N GLY A 1 -11.47 -8.96 -19.33
CA GLY A 1 -10.60 -8.77 -18.14
C GLY A 1 -11.39 -8.43 -16.89
N SER A 2 -11.51 -7.14 -16.60
CA SER A 2 -12.25 -6.68 -15.42
C SER A 2 -11.59 -7.18 -14.14
N ALA A 3 -11.50 -6.29 -13.15
CA ALA A 3 -10.88 -6.63 -11.87
C ALA A 3 -9.43 -7.06 -12.05
N LEU A 4 -8.65 -7.01 -10.97
CA LEU A 4 -7.25 -7.38 -11.01
C LEU A 4 -6.98 -8.59 -10.12
N SER A 5 -6.15 -9.51 -10.59
CA SER A 5 -5.81 -10.70 -9.83
C SER A 5 -5.23 -10.33 -8.47
N PRO A 6 -5.33 -11.24 -7.48
CA PRO A 6 -4.81 -10.99 -6.13
C PRO A 6 -3.32 -10.62 -6.16
N GLU A 7 -2.57 -11.33 -6.98
CA GLU A 7 -1.13 -11.08 -7.09
C GLU A 7 -0.86 -9.64 -7.53
N GLU A 8 -1.70 -9.12 -8.41
CA GLU A 8 -1.54 -7.76 -8.92
C GLU A 8 -1.90 -6.73 -7.87
N ILE A 9 -2.97 -6.96 -7.12
CA ILE A 9 -3.38 -6.02 -6.09
C ILE A 9 -2.36 -6.01 -4.96
N LYS A 10 -1.98 -7.20 -4.49
CA LYS A 10 -1.00 -7.31 -3.43
C LYS A 10 0.36 -6.82 -3.90
N ALA A 11 0.73 -7.16 -5.12
CA ALA A 11 2.01 -6.75 -5.67
C ALA A 11 2.04 -5.25 -5.92
N LYS A 12 0.97 -4.72 -6.49
CA LYS A 12 0.90 -3.29 -6.75
C LYS A 12 1.04 -2.52 -5.46
N ALA A 13 0.39 -3.02 -4.41
CA ALA A 13 0.48 -2.40 -3.10
C ALA A 13 1.88 -2.46 -2.58
N LEU A 14 2.46 -3.65 -2.62
CA LEU A 14 3.81 -3.87 -2.14
C LEU A 14 4.81 -3.00 -2.89
N ASP A 15 4.62 -2.88 -4.19
CA ASP A 15 5.51 -2.07 -5.00
C ASP A 15 5.32 -0.58 -4.69
N LEU A 16 4.07 -0.14 -4.67
CA LEU A 16 3.76 1.25 -4.40
C LEU A 16 4.13 1.64 -2.98
N LEU A 17 3.88 0.75 -2.03
CA LEU A 17 4.21 1.02 -0.65
C LEU A 17 5.71 0.88 -0.44
N ASN A 18 6.33 -0.08 -1.14
CA ASN A 18 7.77 -0.25 -1.03
C ASN A 18 8.49 0.98 -1.54
N LYS A 19 8.06 1.47 -2.69
CA LYS A 19 8.70 2.65 -3.27
C LYS A 19 8.51 3.85 -2.35
N LYS A 20 7.30 3.99 -1.81
CA LYS A 20 7.03 5.09 -0.89
C LYS A 20 7.89 4.94 0.34
N LEU A 21 7.90 3.74 0.91
CA LEU A 21 8.68 3.44 2.10
C LEU A 21 10.16 3.66 1.84
N HIS A 22 10.64 3.15 0.72
CA HIS A 22 12.04 3.28 0.35
C HIS A 22 12.38 4.74 0.08
N ARG A 23 11.51 5.41 -0.66
CA ARG A 23 11.71 6.82 -0.98
C ARG A 23 11.52 7.68 0.26
N ALA A 24 10.54 7.31 1.08
CA ALA A 24 10.26 8.04 2.31
C ALA A 24 11.46 8.01 3.24
N ASN A 25 12.08 6.84 3.34
CA ASN A 25 13.24 6.65 4.21
C ASN A 25 14.47 7.39 3.69
N LYS A 26 14.63 7.41 2.36
CA LYS A 26 15.79 8.05 1.75
C LYS A 26 15.64 9.57 1.70
N PHE A 27 14.43 10.05 1.49
CA PHE A 27 14.18 11.49 1.41
C PHE A 27 14.05 12.12 2.80
N GLY A 28 14.03 11.29 3.84
CA GLY A 28 13.91 11.81 5.19
C GLY A 28 12.47 12.10 5.58
N GLN A 29 11.56 11.25 5.15
CA GLN A 29 10.14 11.43 5.46
C GLN A 29 9.88 11.18 6.94
N ASP A 30 8.75 11.69 7.43
CA ASP A 30 8.37 11.52 8.83
C ASP A 30 8.51 10.07 9.27
N GLN A 31 9.27 9.83 10.33
CA GLN A 31 9.49 8.49 10.86
C GLN A 31 8.16 7.79 11.12
N ALA A 32 7.19 8.54 11.61
CA ALA A 32 5.88 7.98 11.90
C ALA A 32 5.22 7.45 10.63
N ASP A 33 5.43 8.17 9.54
CA ASP A 33 4.87 7.77 8.25
C ASP A 33 5.58 6.54 7.74
N ILE A 34 6.88 6.43 8.05
CA ILE A 34 7.66 5.29 7.61
C ILE A 34 7.18 4.02 8.30
N ASP A 35 6.99 4.09 9.62
CA ASP A 35 6.53 2.94 10.37
C ASP A 35 5.13 2.53 9.91
N SER A 36 4.31 3.52 9.58
CA SER A 36 2.96 3.25 9.10
C SER A 36 3.04 2.44 7.81
N LEU A 37 3.98 2.82 6.96
CA LEU A 37 4.18 2.12 5.70
C LEU A 37 4.65 0.70 5.96
N GLN A 38 5.46 0.54 7.01
CA GLN A 38 5.97 -0.77 7.37
C GLN A 38 4.84 -1.67 7.84
N ARG A 39 3.96 -1.11 8.65
CA ARG A 39 2.82 -1.85 9.16
C ARG A 39 1.91 -2.28 8.02
N GLN A 40 1.68 -1.37 7.09
CA GLN A 40 0.83 -1.67 5.94
C GLN A 40 1.51 -2.64 5.00
N ILE A 41 2.79 -2.41 4.74
CA ILE A 41 3.55 -3.29 3.85
C ILE A 41 3.60 -4.71 4.41
N ASN A 42 3.98 -4.83 5.68
CA ASN A 42 4.07 -6.12 6.34
C ASN A 42 2.70 -6.82 6.34
N ARG A 43 1.64 -6.03 6.54
CA ARG A 43 0.30 -6.58 6.55
C ARG A 43 -0.05 -7.18 5.19
N VAL A 44 0.37 -6.51 4.13
CA VAL A 44 0.09 -6.97 2.78
C VAL A 44 0.88 -8.24 2.46
N GLU A 45 2.08 -8.31 2.99
CA GLU A 45 2.93 -9.48 2.75
C GLU A 45 2.32 -10.72 3.38
N LYS A 46 1.79 -10.58 4.59
CA LYS A 46 1.20 -11.72 5.30
C LYS A 46 -0.25 -11.96 4.93
N PHE A 47 -1.04 -10.90 4.78
CA PHE A 47 -2.47 -11.06 4.48
C PHE A 47 -2.89 -10.33 3.20
N GLY A 48 -2.09 -9.37 2.76
CA GLY A 48 -2.44 -8.64 1.55
C GLY A 48 -3.12 -7.32 1.86
N VAL A 49 -3.61 -6.65 0.83
CA VAL A 49 -4.28 -5.37 1.01
C VAL A 49 -5.77 -5.53 1.30
N ASP A 50 -6.27 -4.69 2.18
CA ASP A 50 -7.69 -4.70 2.53
C ASP A 50 -8.45 -3.72 1.65
N LEU A 51 -9.58 -4.16 1.11
CA LEU A 51 -10.37 -3.30 0.23
C LEU A 51 -10.75 -1.99 0.92
N ASN A 52 -10.61 -1.95 2.24
CA ASN A 52 -10.93 -0.75 3.01
C ASN A 52 -9.72 -0.34 3.87
N SER A 53 -8.61 -0.04 3.21
CA SER A 53 -7.39 0.36 3.90
C SER A 53 -6.84 1.66 3.32
N LYS A 54 -5.98 2.34 4.07
CA LYS A 54 -5.37 3.58 3.60
C LYS A 54 -4.51 3.34 2.38
N LEU A 55 -3.93 2.15 2.30
CA LEU A 55 -3.06 1.79 1.18
C LEU A 55 -3.87 1.64 -0.12
N ALA A 56 -4.94 0.86 -0.08
CA ALA A 56 -5.78 0.65 -1.25
C ALA A 56 -6.39 1.96 -1.72
N GLU A 57 -6.80 2.81 -0.77
CA GLU A 57 -7.36 4.12 -1.12
C GLU A 57 -6.30 5.01 -1.74
N GLU A 58 -5.11 5.02 -1.13
CA GLU A 58 -4.00 5.81 -1.64
C GLU A 58 -3.65 5.36 -3.05
N LEU A 59 -3.78 4.06 -3.27
CA LEU A 59 -3.50 3.47 -4.56
C LEU A 59 -4.68 3.69 -5.52
N GLY A 60 -5.80 4.14 -4.96
CA GLY A 60 -6.99 4.38 -5.76
C GLY A 60 -7.68 3.09 -6.15
N LEU A 61 -7.24 1.99 -5.56
CA LEU A 61 -7.81 0.68 -5.85
C LEU A 61 -8.89 0.31 -4.82
N VAL A 62 -9.13 1.22 -3.86
CA VAL A 62 -10.13 0.99 -2.82
C VAL A 62 -11.56 1.08 -3.35
N SER A 63 -11.72 1.38 -4.64
CA SER A 63 -13.04 1.50 -5.23
C SER A 63 -13.72 0.14 -5.34
N ARG A 64 -14.98 0.07 -4.92
CA ARG A 64 -15.75 -1.17 -4.95
C ARG A 64 -17.10 -0.99 -4.25
N LYS A 65 -18.17 -0.89 -5.03
CA LYS A 65 -19.51 -0.70 -4.49
C LYS A 65 -19.66 0.67 -3.86
N ASN A 66 -18.97 0.89 -2.76
CA ASN A 66 -19.03 2.17 -2.05
C ASN A 66 -17.73 2.94 -2.22
N GLU A 67 -17.74 4.21 -1.80
CA GLU A 67 -16.56 5.06 -1.91
C GLU A 67 -15.87 5.21 -0.56
#